data_1E17
#
_entry.id   1E17
#
_cell.length_a   1.000
_cell.length_b   1.000
_cell.length_c   1.000
_cell.angle_alpha   90.00
_cell.angle_beta   90.00
_cell.angle_gamma   90.00
#
_symmetry.space_group_name_H-M   'P 1'
#
_entity_poly.entity_id   1
_entity_poly.type   'polypeptide(L)'
_entity_poly.pdbx_seq_one_letter_code
;GSSHHHHHHSSGLVPRGSHMLEDPGAVTGPRKGGSRRNAWGNQSYAELISQAIESAPEKRLTLAQIYEWMVRTVPYFKDK
GDSNSSAGWKNSIRHNLSLHSKFIKVHNEATGKSSWWMLNPEGGKSGKAPRRRAASMDSSSKLLRGRSKA
;
_entity_poly.pdbx_strand_id   A
#
# COMPACT_ATOMS: atom_id res chain seq x y z
N SER A 35 15.21 -3.77 -13.62
CA SER A 35 16.07 -3.56 -14.82
C SER A 35 15.22 -3.02 -15.98
N ARG A 36 14.04 -3.56 -16.17
CA ARG A 36 13.16 -3.07 -17.27
C ARG A 36 12.12 -2.12 -16.68
N ARG A 37 12.45 -1.47 -15.61
CA ARG A 37 11.47 -0.55 -14.97
C ARG A 37 11.50 0.81 -15.67
N ASN A 38 10.34 1.37 -15.89
CA ASN A 38 10.28 2.70 -16.54
C ASN A 38 8.82 3.19 -16.52
N ALA A 39 8.51 4.16 -17.33
CA ALA A 39 7.11 4.69 -17.39
C ALA A 39 6.89 5.70 -16.26
N TRP A 40 5.90 5.49 -15.45
CA TRP A 40 5.62 6.45 -14.34
C TRP A 40 6.89 6.73 -13.54
N GLY A 41 7.77 5.75 -13.44
CA GLY A 41 9.03 5.99 -12.66
C GLY A 41 9.48 4.69 -11.99
N ASN A 42 10.76 4.47 -11.94
CA ASN A 42 11.30 3.23 -11.28
C ASN A 42 11.15 3.37 -9.77
N GLN A 43 10.07 3.96 -9.32
CA GLN A 43 9.87 4.13 -7.86
C GLN A 43 9.59 2.77 -7.22
N SER A 44 10.00 2.59 -6.00
CA SER A 44 9.76 1.31 -5.30
C SER A 44 8.37 1.34 -4.68
N TYR A 45 7.76 0.21 -4.50
CA TYR A 45 6.38 0.19 -3.91
C TYR A 45 6.41 0.78 -2.50
N ALA A 46 7.45 0.57 -1.75
CA ALA A 46 7.48 1.13 -0.37
C ALA A 46 7.25 2.65 -0.46
N GLU A 47 7.86 3.30 -1.41
CA GLU A 47 7.69 4.77 -1.55
C GLU A 47 6.23 5.10 -1.87
N LEU A 48 5.64 4.38 -2.79
CA LEU A 48 4.23 4.69 -3.14
C LEU A 48 3.31 4.42 -1.94
N ILE A 49 3.54 3.36 -1.22
CA ILE A 49 2.68 3.08 -0.03
C ILE A 49 2.86 4.21 1.00
N SER A 50 4.06 4.68 1.19
CA SER A 50 4.29 5.78 2.17
C SER A 50 3.45 7.00 1.79
N GLN A 51 3.43 7.31 0.52
CA GLN A 51 2.66 8.50 0.06
C GLN A 51 1.20 8.34 0.47
N ALA A 52 0.64 7.19 0.26
CA ALA A 52 -0.79 6.97 0.64
C ALA A 52 -0.98 7.27 2.12
N ILE A 53 -0.21 6.67 2.98
CA ILE A 53 -0.37 6.95 4.43
C ILE A 53 -0.08 8.42 4.70
N GLU A 54 1.00 8.92 4.17
CA GLU A 54 1.34 10.36 4.37
C GLU A 54 0.22 11.24 3.82
N SER A 55 -0.46 10.77 2.80
CA SER A 55 -1.56 11.58 2.20
C SER A 55 -2.75 11.62 3.16
N ALA A 56 -2.96 10.56 3.88
CA ALA A 56 -4.10 10.55 4.83
C ALA A 56 -3.79 11.47 6.02
N PRO A 57 -4.79 12.10 6.57
CA PRO A 57 -4.64 13.01 7.73
C PRO A 57 -4.25 12.25 9.00
N GLU A 58 -5.06 11.29 9.38
CA GLU A 58 -4.75 10.47 10.58
C GLU A 58 -3.44 9.72 10.33
N LYS A 59 -3.06 9.62 9.08
CA LYS A 59 -1.83 8.88 8.72
C LYS A 59 -2.03 7.40 9.06
N ARG A 60 -3.08 6.81 8.54
CA ARG A 60 -3.36 5.37 8.84
C ARG A 60 -4.19 4.77 7.71
N LEU A 61 -3.87 3.58 7.26
CA LEU A 61 -4.68 2.94 6.17
C LEU A 61 -4.70 1.42 6.38
N THR A 62 -5.78 0.78 6.04
CA THR A 62 -5.85 -0.70 6.20
C THR A 62 -5.30 -1.36 4.94
N LEU A 63 -5.19 -2.66 4.93
CA LEU A 63 -4.66 -3.36 3.73
C LEU A 63 -5.53 -3.07 2.51
N ALA A 64 -6.83 -3.24 2.64
CA ALA A 64 -7.72 -2.98 1.47
C ALA A 64 -7.57 -1.53 0.98
N GLN A 65 -7.35 -0.61 1.86
CA GLN A 65 -7.23 0.82 1.43
C GLN A 65 -5.97 1.00 0.55
N ILE A 66 -4.89 0.35 0.87
CA ILE A 66 -3.68 0.51 0.02
C ILE A 66 -4.00 0.07 -1.38
N TYR A 67 -4.67 -1.04 -1.51
CA TYR A 67 -5.03 -1.54 -2.86
C TYR A 67 -5.88 -0.50 -3.60
N GLU A 68 -6.96 -0.07 -3.01
CA GLU A 68 -7.84 0.93 -3.69
C GLU A 68 -7.05 2.20 -4.01
N TRP A 69 -6.23 2.64 -3.09
CA TRP A 69 -5.43 3.88 -3.32
C TRP A 69 -4.51 3.69 -4.54
N MET A 70 -3.83 2.59 -4.63
CA MET A 70 -2.91 2.37 -5.79
C MET A 70 -3.70 2.57 -7.10
N VAL A 71 -4.88 2.02 -7.20
CA VAL A 71 -5.67 2.19 -8.44
C VAL A 71 -5.97 3.69 -8.61
N ARG A 72 -6.26 4.35 -7.53
CA ARG A 72 -6.56 5.81 -7.59
C ARG A 72 -5.28 6.59 -7.89
N THR A 73 -4.20 6.26 -7.23
CA THR A 73 -2.94 7.00 -7.47
C THR A 73 -2.22 6.43 -8.71
N VAL A 74 -2.64 5.28 -9.18
CA VAL A 74 -1.99 4.71 -10.40
C VAL A 74 -3.06 4.10 -11.31
N PRO A 75 -3.79 4.93 -11.99
CA PRO A 75 -4.87 4.51 -12.93
C PRO A 75 -4.43 3.40 -13.88
N TYR A 76 -3.16 3.32 -14.15
CA TYR A 76 -2.66 2.27 -15.09
C TYR A 76 -3.16 0.89 -14.65
N PHE A 77 -3.56 0.77 -13.41
CA PHE A 77 -4.05 -0.55 -12.91
C PHE A 77 -5.56 -0.70 -13.14
N LYS A 78 -6.23 0.33 -13.56
CA LYS A 78 -7.71 0.22 -13.78
C LYS A 78 -7.98 -0.85 -14.84
N ASP A 79 -7.13 -0.96 -15.82
CA ASP A 79 -7.34 -1.95 -16.91
C ASP A 79 -7.30 -3.37 -16.35
N LYS A 80 -6.45 -3.63 -15.39
CA LYS A 80 -6.36 -5.00 -14.81
C LYS A 80 -7.52 -5.25 -13.84
N GLY A 81 -8.09 -4.21 -13.29
CA GLY A 81 -9.21 -4.39 -12.33
C GLY A 81 -10.32 -5.23 -12.97
N ASP A 82 -10.52 -5.10 -14.26
CA ASP A 82 -11.58 -5.89 -14.93
C ASP A 82 -11.09 -7.33 -15.19
N SER A 83 -9.89 -7.64 -14.79
CA SER A 83 -9.35 -9.01 -15.03
C SER A 83 -8.84 -9.64 -13.73
N ASN A 84 -8.77 -10.95 -13.71
CA ASN A 84 -8.28 -11.69 -12.51
C ASN A 84 -6.83 -11.30 -12.20
N SER A 85 -6.06 -10.96 -13.19
CA SER A 85 -4.64 -10.59 -12.97
C SER A 85 -4.51 -9.65 -11.76
N SER A 86 -5.59 -9.11 -11.28
CA SER A 86 -5.50 -8.18 -10.11
C SER A 86 -4.91 -8.92 -8.90
N ALA A 87 -5.29 -10.15 -8.71
CA ALA A 87 -4.77 -10.92 -7.54
C ALA A 87 -3.25 -11.10 -7.60
N GLY A 88 -2.63 -10.82 -8.72
CA GLY A 88 -1.15 -11.00 -8.79
C GLY A 88 -0.40 -9.85 -8.13
N TRP A 89 -0.44 -8.69 -8.72
CA TRP A 89 0.29 -7.53 -8.14
C TRP A 89 -0.10 -7.28 -6.67
N LYS A 90 -1.30 -7.59 -6.28
CA LYS A 90 -1.70 -7.33 -4.87
C LYS A 90 -0.80 -8.13 -3.90
N ASN A 91 -0.51 -9.36 -4.21
CA ASN A 91 0.36 -10.16 -3.30
C ASN A 91 1.75 -9.53 -3.19
N SER A 92 2.26 -8.99 -4.27
CA SER A 92 3.62 -8.36 -4.21
C SER A 92 3.64 -7.32 -3.11
N ILE A 93 2.62 -6.51 -3.06
CA ILE A 93 2.54 -5.46 -2.01
C ILE A 93 2.57 -6.13 -0.63
N ARG A 94 1.89 -7.23 -0.48
CA ARG A 94 1.86 -7.93 0.83
C ARG A 94 3.29 -8.23 1.31
N HIS A 95 4.18 -8.57 0.42
CA HIS A 95 5.57 -8.86 0.87
C HIS A 95 6.20 -7.59 1.45
N ASN A 96 5.94 -6.45 0.87
CA ASN A 96 6.54 -5.20 1.41
C ASN A 96 6.00 -4.94 2.81
N LEU A 97 4.74 -5.15 3.03
CA LEU A 97 4.17 -4.91 4.39
C LEU A 97 4.89 -5.78 5.42
N SER A 98 5.17 -7.01 5.09
CA SER A 98 5.88 -7.89 6.07
C SER A 98 7.38 -7.58 6.06
N LEU A 99 7.96 -7.43 4.90
CA LEU A 99 9.42 -7.14 4.85
C LEU A 99 9.66 -5.66 5.16
N HIS A 100 10.86 -5.31 5.55
CA HIS A 100 11.14 -3.88 5.87
C HIS A 100 10.27 -3.45 7.04
N SER A 101 10.79 -3.53 8.24
CA SER A 101 9.99 -3.12 9.43
C SER A 101 9.54 -1.67 9.25
N LYS A 102 9.80 -1.09 8.10
CA LYS A 102 9.38 0.31 7.86
C LYS A 102 7.91 0.47 8.27
N PHE A 103 7.13 -0.59 8.19
CA PHE A 103 5.70 -0.49 8.56
C PHE A 103 5.49 -1.15 9.93
N ILE A 104 4.64 -0.58 10.75
CA ILE A 104 4.38 -1.17 12.08
C ILE A 104 2.96 -1.74 12.10
N LYS A 105 2.76 -2.84 12.77
CA LYS A 105 1.40 -3.44 12.80
C LYS A 105 0.57 -2.77 13.91
N VAL A 106 -0.71 -2.62 13.70
CA VAL A 106 -1.58 -1.96 14.72
C VAL A 106 -2.67 -2.94 15.20
N HIS A 107 -2.91 -3.01 16.48
CA HIS A 107 -3.97 -3.94 16.99
C HIS A 107 -5.33 -3.31 16.74
N ASN A 108 -6.07 -3.83 15.79
CA ASN A 108 -7.40 -3.25 15.48
C ASN A 108 -8.35 -3.49 16.66
N GLU A 109 -9.03 -2.47 17.10
CA GLU A 109 -9.99 -2.63 18.22
C GLU A 109 -11.19 -3.42 17.71
N ALA A 110 -11.43 -3.36 16.42
CA ALA A 110 -12.58 -4.12 15.84
C ALA A 110 -12.33 -5.62 15.98
N THR A 111 -11.70 -6.01 17.06
CA THR A 111 -11.41 -7.47 17.28
C THR A 111 -10.48 -7.98 16.17
N GLY A 112 -9.52 -7.20 15.77
CA GLY A 112 -8.57 -7.66 14.71
C GLY A 112 -9.34 -7.97 13.43
N LYS A 113 -10.18 -7.08 13.01
CA LYS A 113 -10.95 -7.31 11.76
C LYS A 113 -10.06 -6.90 10.58
N SER A 114 -9.28 -5.88 10.79
CA SER A 114 -8.35 -5.39 9.73
C SER A 114 -7.23 -4.62 10.42
N SER A 115 -6.07 -5.19 10.55
CA SER A 115 -4.96 -4.47 11.24
C SER A 115 -4.59 -3.21 10.45
N TRP A 116 -4.33 -2.13 11.14
CA TRP A 116 -3.97 -0.86 10.45
C TRP A 116 -2.47 -0.78 10.19
N TRP A 117 -2.07 -0.25 9.06
CA TRP A 117 -0.63 -0.12 8.74
C TRP A 117 -0.18 1.33 9.02
N MET A 118 0.93 1.51 9.70
CA MET A 118 1.40 2.89 10.02
C MET A 118 2.91 3.01 9.80
N LEU A 119 3.38 4.19 9.50
CA LEU A 119 4.85 4.39 9.30
C LEU A 119 5.50 4.50 10.69
N ASN A 120 6.75 4.17 10.81
CA ASN A 120 7.39 4.29 12.16
C ASN A 120 7.59 5.78 12.49
N PRO A 121 7.24 6.20 13.68
CA PRO A 121 7.39 7.63 14.09
C PRO A 121 8.85 8.03 14.33
N GLU A 122 9.76 7.10 14.37
CA GLU A 122 11.18 7.48 14.60
C GLU A 122 11.62 8.45 13.50
N GLY A 123 11.04 8.35 12.33
CA GLY A 123 11.42 9.28 11.22
C GLY A 123 10.36 9.19 10.11
N GLY A 124 10.65 9.77 8.97
CA GLY A 124 9.67 9.72 7.84
C GLY A 124 9.24 11.15 7.49
N SER A 35 20.26 2.78 -8.46
CA SER A 35 18.78 2.65 -8.35
C SER A 35 18.24 1.96 -9.61
N ARG A 36 17.49 0.90 -9.43
CA ARG A 36 16.92 0.19 -10.61
C ARG A 36 15.55 0.75 -10.94
N ARG A 37 15.30 1.01 -12.20
CA ARG A 37 13.99 1.59 -12.60
C ARG A 37 12.89 0.52 -12.52
N ASN A 38 11.72 0.92 -12.13
CA ASN A 38 10.58 -0.04 -12.03
C ASN A 38 9.27 0.71 -12.28
N ALA A 39 8.17 0.02 -12.30
CA ALA A 39 6.88 0.71 -12.54
C ALA A 39 7.02 1.71 -13.70
N TRP A 40 6.67 2.95 -13.48
CA TRP A 40 6.78 3.96 -14.57
C TRP A 40 8.24 4.06 -15.01
N GLY A 41 9.09 3.29 -14.40
CA GLY A 41 10.53 3.30 -14.78
C GLY A 41 11.32 4.33 -13.96
N ASN A 42 10.87 4.65 -12.78
CA ASN A 42 11.62 5.65 -11.95
C ASN A 42 11.09 5.68 -10.51
N GLN A 43 9.97 5.05 -10.25
CA GLN A 43 9.43 5.06 -8.85
C GLN A 43 9.42 3.63 -8.31
N SER A 44 9.51 3.46 -7.02
CA SER A 44 9.51 2.09 -6.42
C SER A 44 8.17 1.83 -5.70
N TYR A 45 7.79 0.60 -5.58
CA TYR A 45 6.48 0.28 -4.91
C TYR A 45 6.52 0.71 -3.43
N ALA A 46 7.55 0.37 -2.73
CA ALA A 46 7.62 0.74 -1.28
C ALA A 46 7.39 2.24 -1.09
N GLU A 47 8.04 3.05 -1.86
CA GLU A 47 7.87 4.52 -1.70
C GLU A 47 6.44 4.94 -2.04
N LEU A 48 5.82 4.31 -3.02
CA LEU A 48 4.42 4.70 -3.37
C LEU A 48 3.46 4.39 -2.23
N ILE A 49 3.63 3.26 -1.59
CA ILE A 49 2.71 2.91 -0.47
C ILE A 49 2.79 3.99 0.61
N SER A 50 3.97 4.41 0.94
CA SER A 50 4.11 5.47 1.99
C SER A 50 3.29 6.70 1.59
N GLN A 51 3.25 7.02 0.32
CA GLN A 51 2.46 8.20 -0.11
C GLN A 51 1.00 8.03 0.32
N ALA A 52 0.48 6.84 0.22
CA ALA A 52 -0.93 6.62 0.63
C ALA A 52 -1.11 6.97 2.11
N ILE A 53 -0.31 6.38 2.95
CA ILE A 53 -0.42 6.65 4.41
C ILE A 53 -0.09 8.11 4.71
N GLU A 54 0.99 8.63 4.19
CA GLU A 54 1.35 10.04 4.48
C GLU A 54 0.26 10.99 3.96
N SER A 55 -0.48 10.60 2.96
CA SER A 55 -1.55 11.50 2.44
C SER A 55 -2.77 11.42 3.37
N ALA A 56 -2.87 10.38 4.14
CA ALA A 56 -4.03 10.24 5.06
C ALA A 56 -3.97 11.36 6.12
N PRO A 57 -5.10 11.77 6.63
CA PRO A 57 -5.17 12.86 7.65
C PRO A 57 -4.55 12.44 8.98
N GLU A 58 -4.86 11.27 9.46
CA GLU A 58 -4.30 10.81 10.76
C GLU A 58 -3.12 9.86 10.50
N LYS A 59 -2.70 9.77 9.27
CA LYS A 59 -1.56 8.87 8.94
C LYS A 59 -1.88 7.44 9.38
N ARG A 60 -2.97 6.89 8.91
CA ARG A 60 -3.35 5.50 9.27
C ARG A 60 -4.27 4.95 8.17
N LEU A 61 -3.95 3.81 7.62
CA LEU A 61 -4.82 3.20 6.56
C LEU A 61 -4.86 1.69 6.74
N THR A 62 -5.88 1.06 6.23
CA THR A 62 -5.96 -0.42 6.34
C THR A 62 -5.36 -1.04 5.08
N LEU A 63 -5.19 -2.33 5.06
CA LEU A 63 -4.61 -2.96 3.84
C LEU A 63 -5.52 -2.67 2.64
N ALA A 64 -6.80 -2.78 2.82
CA ALA A 64 -7.75 -2.53 1.70
C ALA A 64 -7.57 -1.11 1.16
N GLN A 65 -7.39 -0.14 2.01
CA GLN A 65 -7.22 1.26 1.53
C GLN A 65 -5.94 1.35 0.69
N ILE A 66 -4.94 0.58 1.01
CA ILE A 66 -3.69 0.65 0.20
C ILE A 66 -3.99 0.19 -1.24
N TYR A 67 -4.61 -0.95 -1.41
CA TYR A 67 -4.91 -1.44 -2.79
C TYR A 67 -5.79 -0.43 -3.54
N GLU A 68 -6.90 -0.05 -2.96
CA GLU A 68 -7.79 0.91 -3.66
C GLU A 68 -7.05 2.22 -3.94
N TRP A 69 -6.24 2.67 -3.01
CA TRP A 69 -5.50 3.94 -3.22
C TRP A 69 -4.62 3.82 -4.47
N MET A 70 -3.89 2.75 -4.59
CA MET A 70 -3.01 2.58 -5.78
C MET A 70 -3.84 2.68 -7.08
N VAL A 71 -4.85 1.88 -7.23
CA VAL A 71 -5.67 1.96 -8.48
C VAL A 71 -6.40 3.30 -8.50
N ARG A 72 -6.87 3.74 -7.38
CA ARG A 72 -7.61 5.03 -7.34
C ARG A 72 -6.65 6.18 -7.68
N THR A 73 -5.47 6.16 -7.14
CA THR A 73 -4.52 7.28 -7.44
C THR A 73 -3.79 6.97 -8.74
N VAL A 74 -3.22 5.81 -8.85
CA VAL A 74 -2.47 5.46 -10.10
C VAL A 74 -3.43 4.78 -11.09
N PRO A 75 -3.68 5.38 -12.23
CA PRO A 75 -4.59 4.80 -13.26
C PRO A 75 -3.94 3.64 -14.02
N TYR A 76 -2.66 3.50 -13.91
CA TYR A 76 -1.95 2.40 -14.63
C TYR A 76 -2.59 1.05 -14.29
N PHE A 77 -3.13 0.91 -13.11
CA PHE A 77 -3.74 -0.39 -12.73
C PHE A 77 -5.20 -0.46 -13.19
N LYS A 78 -5.72 0.60 -13.73
CA LYS A 78 -7.14 0.57 -14.18
C LYS A 78 -7.32 -0.52 -15.24
N ASP A 79 -6.36 -0.69 -16.09
CA ASP A 79 -6.47 -1.73 -17.14
C ASP A 79 -6.48 -3.12 -16.50
N LYS A 80 -5.67 -3.32 -15.49
CA LYS A 80 -5.62 -4.66 -14.82
C LYS A 80 -6.58 -4.67 -13.64
N GLY A 81 -7.10 -3.54 -13.26
CA GLY A 81 -8.03 -3.48 -12.09
C GLY A 81 -9.34 -4.20 -12.43
N ASP A 82 -9.86 -4.01 -13.61
CA ASP A 82 -11.13 -4.68 -13.99
C ASP A 82 -10.84 -6.14 -14.31
N SER A 83 -9.62 -6.56 -14.10
CA SER A 83 -9.24 -7.98 -14.38
C SER A 83 -8.74 -8.62 -13.08
N ASN A 84 -9.03 -9.87 -12.88
CA ASN A 84 -8.58 -10.55 -11.63
C ASN A 84 -7.05 -10.64 -11.60
N SER A 85 -6.40 -10.33 -12.69
CA SER A 85 -4.91 -10.41 -12.71
C SER A 85 -4.34 -9.45 -11.67
N SER A 86 -5.16 -8.62 -11.09
CA SER A 86 -4.64 -7.67 -10.07
C SER A 86 -4.17 -8.44 -8.83
N ALA A 87 -4.75 -9.59 -8.59
CA ALA A 87 -4.33 -10.39 -7.40
C ALA A 87 -2.82 -10.64 -7.49
N GLY A 88 -2.29 -10.75 -8.67
CA GLY A 88 -0.83 -11.00 -8.83
C GLY A 88 -0.01 -9.95 -8.09
N TRP A 89 0.17 -8.79 -8.66
CA TRP A 89 0.99 -7.73 -8.00
C TRP A 89 0.47 -7.45 -6.58
N LYS A 90 -0.80 -7.65 -6.33
CA LYS A 90 -1.33 -7.36 -4.97
C LYS A 90 -0.61 -8.22 -3.93
N ASN A 91 -0.49 -9.50 -4.15
CA ASN A 91 0.20 -10.36 -3.15
C ASN A 91 1.61 -9.81 -2.91
N SER A 92 2.20 -9.21 -3.90
CA SER A 92 3.57 -8.65 -3.74
C SER A 92 3.58 -7.60 -2.64
N ILE A 93 2.68 -6.65 -2.71
CA ILE A 93 2.64 -5.58 -1.68
C ILE A 93 2.45 -6.22 -0.30
N ARG A 94 1.53 -7.14 -0.19
CA ARG A 94 1.30 -7.80 1.12
C ARG A 94 2.64 -8.31 1.67
N HIS A 95 3.42 -8.95 0.84
CA HIS A 95 4.73 -9.48 1.30
C HIS A 95 5.64 -8.32 1.71
N ASN A 96 5.54 -7.20 1.05
CA ASN A 96 6.41 -6.04 1.40
C ASN A 96 6.01 -5.47 2.76
N LEU A 97 4.74 -5.46 3.07
CA LEU A 97 4.31 -4.92 4.38
C LEU A 97 4.98 -5.71 5.51
N SER A 98 5.24 -6.97 5.28
CA SER A 98 5.88 -7.78 6.36
C SER A 98 7.36 -7.43 6.45
N LEU A 99 8.04 -7.34 5.34
CA LEU A 99 9.49 -6.98 5.39
C LEU A 99 9.63 -5.47 5.58
N HIS A 100 10.81 -5.01 5.88
CA HIS A 100 11.04 -3.55 6.08
C HIS A 100 10.31 -3.05 7.33
N SER A 101 11.01 -2.98 8.42
CA SER A 101 10.38 -2.48 9.68
C SER A 101 9.69 -1.15 9.39
N LYS A 102 9.94 -0.58 8.25
CA LYS A 102 9.31 0.71 7.88
C LYS A 102 7.80 0.62 8.13
N PHE A 103 7.21 -0.50 7.79
CA PHE A 103 5.75 -0.66 8.00
C PHE A 103 5.51 -1.34 9.36
N ILE A 104 4.90 -0.65 10.28
CA ILE A 104 4.63 -1.27 11.62
C ILE A 104 3.18 -1.79 11.64
N LYS A 105 2.97 -2.91 12.26
CA LYS A 105 1.59 -3.49 12.30
C LYS A 105 0.78 -2.86 13.45
N VAL A 106 -0.50 -2.67 13.21
CA VAL A 106 -1.38 -2.07 14.28
C VAL A 106 -2.42 -3.11 14.70
N HIS A 107 -2.44 -3.49 15.95
CA HIS A 107 -3.42 -4.51 16.41
C HIS A 107 -4.78 -3.85 16.70
N ASN A 108 -5.67 -3.85 15.75
CA ASN A 108 -7.02 -3.26 15.97
C ASN A 108 -7.83 -4.15 16.92
N GLU A 109 -8.47 -3.59 17.91
CA GLU A 109 -9.28 -4.43 18.82
C GLU A 109 -10.47 -4.96 18.04
N ALA A 110 -11.01 -4.16 17.16
CA ALA A 110 -12.16 -4.60 16.33
C ALA A 110 -11.66 -5.66 15.36
N THR A 111 -11.24 -6.80 15.85
CA THR A 111 -10.72 -7.86 14.95
C THR A 111 -11.60 -7.96 13.70
N GLY A 112 -12.82 -7.52 13.79
CA GLY A 112 -13.71 -7.57 12.58
C GLY A 112 -13.16 -6.62 11.52
N LYS A 113 -12.54 -5.55 11.95
CA LYS A 113 -11.97 -4.57 10.98
C LYS A 113 -10.55 -5.00 10.61
N SER A 114 -10.12 -4.69 9.41
CA SER A 114 -8.74 -5.09 8.99
C SER A 114 -7.71 -4.31 9.81
N SER A 115 -6.56 -4.89 10.04
CA SER A 115 -5.52 -4.19 10.84
C SER A 115 -5.08 -2.91 10.12
N TRP A 116 -4.67 -1.92 10.87
CA TRP A 116 -4.22 -0.64 10.26
C TRP A 116 -2.72 -0.69 9.98
N TRP A 117 -2.29 -0.08 8.90
CA TRP A 117 -0.84 -0.06 8.57
C TRP A 117 -0.30 1.34 8.83
N MET A 118 0.78 1.44 9.54
CA MET A 118 1.37 2.77 9.85
C MET A 118 2.88 2.74 9.62
N LEU A 119 3.47 3.87 9.33
CA LEU A 119 4.93 3.90 9.12
C LEU A 119 5.61 3.89 10.49
N ASN A 120 6.91 3.84 10.52
CA ASN A 120 7.62 3.83 11.82
C ASN A 120 7.25 5.10 12.61
N PRO A 121 7.27 5.03 13.92
CA PRO A 121 6.93 6.20 14.78
C PRO A 121 8.09 7.19 14.88
N GLU A 122 9.22 6.87 14.30
CA GLU A 122 10.38 7.79 14.36
C GLU A 122 10.45 8.62 13.07
N GLY A 123 10.60 9.91 13.19
CA GLY A 123 10.66 10.77 11.98
C GLY A 123 9.26 11.25 11.62
N GLY A 124 9.05 11.66 10.40
CA GLY A 124 7.71 12.14 10.00
C GLY A 124 7.48 13.56 10.52
N SER A 35 6.20 -0.46 -21.51
CA SER A 35 5.86 0.63 -20.55
C SER A 35 7.13 1.10 -19.85
N ARG A 36 7.66 2.22 -20.25
CA ARG A 36 8.90 2.74 -19.62
C ARG A 36 8.67 2.91 -18.12
N ARG A 37 9.58 2.44 -17.33
CA ARG A 37 9.44 2.52 -15.84
C ARG A 37 9.32 3.96 -15.37
N ASN A 38 10.00 4.88 -16.01
CA ASN A 38 9.94 6.30 -15.55
C ASN A 38 8.48 6.75 -15.43
N ALA A 39 7.54 5.88 -15.69
CA ALA A 39 6.11 6.27 -15.56
C ALA A 39 5.91 7.02 -14.23
N TRP A 40 6.60 6.60 -13.21
CA TRP A 40 6.47 7.28 -11.89
C TRP A 40 7.86 7.54 -11.30
N GLY A 41 8.90 7.19 -12.02
CA GLY A 41 10.29 7.42 -11.53
C GLY A 41 10.89 6.10 -11.05
N ASN A 42 10.32 4.99 -11.44
CA ASN A 42 10.85 3.67 -11.01
C ASN A 42 10.99 3.66 -9.49
N GLN A 43 10.18 4.41 -8.79
CA GLN A 43 10.29 4.41 -7.31
C GLN A 43 9.87 3.04 -6.81
N SER A 44 10.52 2.53 -5.79
CA SER A 44 10.14 1.19 -5.28
C SER A 44 8.71 1.22 -4.76
N TYR A 45 8.11 0.08 -4.62
CA TYR A 45 6.71 0.02 -4.13
C TYR A 45 6.62 0.63 -2.72
N ALA A 46 7.57 0.34 -1.89
CA ALA A 46 7.53 0.89 -0.51
C ALA A 46 7.35 2.42 -0.56
N GLU A 47 8.07 3.08 -1.42
CA GLU A 47 7.95 4.56 -1.52
C GLU A 47 6.54 4.95 -1.97
N LEU A 48 5.97 4.23 -2.89
CA LEU A 48 4.59 4.56 -3.33
C LEU A 48 3.63 4.30 -2.15
N ILE A 49 3.84 3.20 -1.47
CA ILE A 49 2.97 2.87 -0.30
C ILE A 49 3.09 3.99 0.74
N SER A 50 4.28 4.49 0.94
CA SER A 50 4.49 5.56 1.97
C SER A 50 3.60 6.77 1.65
N GLN A 51 3.50 7.16 0.41
CA GLN A 51 2.67 8.35 0.06
C GLN A 51 1.21 8.13 0.49
N ALA A 52 0.70 6.95 0.30
CA ALA A 52 -0.72 6.69 0.69
C ALA A 52 -0.91 7.01 2.17
N ILE A 53 -0.05 6.49 3.01
CA ILE A 53 -0.18 6.76 4.47
C ILE A 53 0.04 8.25 4.71
N GLU A 54 1.10 8.79 4.17
CA GLU A 54 1.39 10.24 4.35
C GLU A 54 0.23 11.06 3.78
N SER A 55 -0.42 10.57 2.78
CA SER A 55 -1.56 11.32 2.17
C SER A 55 -2.81 11.15 3.03
N ALA A 56 -2.86 10.13 3.83
CA ALA A 56 -4.06 9.92 4.69
C ALA A 56 -4.12 11.04 5.74
N PRO A 57 -5.28 11.28 6.29
CA PRO A 57 -5.49 12.35 7.32
C PRO A 57 -4.83 11.99 8.65
N GLU A 58 -5.28 10.94 9.28
CA GLU A 58 -4.68 10.53 10.58
C GLU A 58 -3.37 9.78 10.30
N LYS A 59 -3.01 9.67 9.04
CA LYS A 59 -1.76 8.94 8.67
C LYS A 59 -1.89 7.48 9.05
N ARG A 60 -2.94 6.84 8.61
CA ARG A 60 -3.15 5.40 8.95
C ARG A 60 -4.10 4.80 7.91
N LEU A 61 -3.76 3.66 7.38
CA LEU A 61 -4.65 3.04 6.36
C LEU A 61 -4.59 1.53 6.50
N THR A 62 -5.69 0.87 6.25
CA THR A 62 -5.72 -0.61 6.37
C THR A 62 -5.21 -1.23 5.07
N LEU A 63 -5.07 -2.51 5.03
CA LEU A 63 -4.57 -3.16 3.79
C LEU A 63 -5.51 -2.86 2.62
N ALA A 64 -6.78 -3.02 2.81
CA ALA A 64 -7.76 -2.76 1.71
C ALA A 64 -7.63 -1.32 1.22
N GLN A 65 -7.38 -0.39 2.11
CA GLN A 65 -7.27 1.04 1.67
C GLN A 65 -6.07 1.21 0.74
N ILE A 66 -4.98 0.57 1.04
CA ILE A 66 -3.78 0.71 0.19
C ILE A 66 -4.08 0.20 -1.23
N TYR A 67 -4.74 -0.93 -1.34
CA TYR A 67 -5.05 -1.43 -2.70
C TYR A 67 -5.89 -0.40 -3.45
N GLU A 68 -6.92 0.10 -2.83
CA GLU A 68 -7.77 1.12 -3.48
C GLU A 68 -6.95 2.37 -3.83
N TRP A 69 -6.08 2.77 -2.94
CA TRP A 69 -5.29 4.00 -3.19
C TRP A 69 -4.44 3.85 -4.46
N MET A 70 -3.66 2.81 -4.55
CA MET A 70 -2.81 2.65 -5.76
C MET A 70 -3.69 2.61 -7.02
N VAL A 71 -4.79 1.91 -6.98
CA VAL A 71 -5.67 1.85 -8.20
C VAL A 71 -6.34 3.20 -8.43
N ARG A 72 -6.89 3.79 -7.40
CA ARG A 72 -7.60 5.09 -7.57
C ARG A 72 -6.62 6.22 -7.90
N THR A 73 -5.41 6.17 -7.39
CA THR A 73 -4.45 7.26 -7.66
C THR A 73 -3.80 7.07 -9.03
N VAL A 74 -3.24 5.92 -9.27
CA VAL A 74 -2.59 5.67 -10.59
C VAL A 74 -3.59 4.98 -11.54
N PRO A 75 -4.01 5.64 -12.60
CA PRO A 75 -4.99 5.05 -13.56
C PRO A 75 -4.43 3.85 -14.33
N TYR A 76 -3.14 3.67 -14.31
CA TYR A 76 -2.54 2.53 -15.05
C TYR A 76 -3.11 1.20 -14.51
N PHE A 77 -3.49 1.14 -13.26
CA PHE A 77 -4.01 -0.15 -12.70
C PHE A 77 -5.54 -0.25 -12.85
N LYS A 78 -6.21 0.79 -13.25
CA LYS A 78 -7.70 0.67 -13.36
C LYS A 78 -8.08 -0.40 -14.38
N ASP A 79 -7.27 -0.61 -15.39
CA ASP A 79 -7.61 -1.66 -16.39
C ASP A 79 -7.44 -3.03 -15.72
N LYS A 80 -6.38 -3.21 -14.99
CA LYS A 80 -6.12 -4.52 -14.31
C LYS A 80 -7.12 -4.69 -13.17
N GLY A 81 -7.55 -3.62 -12.57
CA GLY A 81 -8.52 -3.74 -11.45
C GLY A 81 -9.78 -4.47 -11.92
N ASP A 82 -10.07 -4.41 -13.20
CA ASP A 82 -11.29 -5.09 -13.72
C ASP A 82 -11.04 -6.58 -13.99
N SER A 83 -9.88 -7.08 -13.66
CA SER A 83 -9.59 -8.51 -13.95
C SER A 83 -8.82 -9.17 -12.81
N ASN A 84 -8.81 -10.49 -12.79
CA ASN A 84 -8.06 -11.23 -11.73
C ASN A 84 -6.58 -10.89 -11.85
N SER A 85 -6.17 -10.48 -13.02
CA SER A 85 -4.73 -10.13 -13.25
C SER A 85 -4.20 -9.29 -12.09
N SER A 86 -5.04 -8.48 -11.50
CA SER A 86 -4.57 -7.61 -10.37
C SER A 86 -4.08 -8.46 -9.19
N ALA A 87 -4.63 -9.63 -9.01
CA ALA A 87 -4.20 -10.48 -7.87
C ALA A 87 -2.71 -10.83 -7.97
N GLY A 88 -2.09 -10.57 -9.09
CA GLY A 88 -0.64 -10.90 -9.21
C GLY A 88 0.18 -9.89 -8.41
N TRP A 89 0.37 -8.70 -8.93
CA TRP A 89 1.15 -7.68 -8.18
C TRP A 89 0.59 -7.59 -6.76
N LYS A 90 -0.63 -8.00 -6.57
CA LYS A 90 -1.24 -7.95 -5.22
C LYS A 90 -0.32 -8.69 -4.25
N ASN A 91 0.17 -9.82 -4.65
CA ASN A 91 1.07 -10.62 -3.77
C ASN A 91 2.35 -9.83 -3.45
N SER A 92 2.90 -9.12 -4.40
CA SER A 92 4.15 -8.35 -4.13
C SER A 92 3.95 -7.40 -2.96
N ILE A 93 2.88 -6.67 -2.95
CA ILE A 93 2.63 -5.71 -1.84
C ILE A 93 2.55 -6.44 -0.50
N ARG A 94 1.89 -7.56 -0.44
CA ARG A 94 1.78 -8.31 0.84
C ARG A 94 3.17 -8.56 1.44
N HIS A 95 4.13 -8.94 0.65
CA HIS A 95 5.49 -9.20 1.21
C HIS A 95 6.13 -7.90 1.71
N ASN A 96 5.84 -6.80 1.07
CA ASN A 96 6.46 -5.52 1.52
C ASN A 96 5.91 -5.15 2.90
N LEU A 97 4.61 -5.19 3.08
CA LEU A 97 4.03 -4.85 4.40
C LEU A 97 4.57 -5.78 5.48
N SER A 98 4.70 -7.04 5.18
CA SER A 98 5.22 -8.00 6.20
C SER A 98 6.71 -7.78 6.39
N LEU A 99 7.43 -7.62 5.32
CA LEU A 99 8.90 -7.38 5.43
C LEU A 99 9.14 -5.91 5.76
N HIS A 100 10.38 -5.51 5.83
CA HIS A 100 10.70 -4.09 6.12
C HIS A 100 10.00 -3.66 7.41
N SER A 101 10.71 -3.63 8.51
CA SER A 101 10.08 -3.19 9.79
C SER A 101 9.65 -1.73 9.66
N LYS A 102 10.05 -1.08 8.60
CA LYS A 102 9.66 0.35 8.41
C LYS A 102 8.15 0.49 8.60
N PHE A 103 7.39 -0.45 8.11
CA PHE A 103 5.91 -0.36 8.26
C PHE A 103 5.49 -1.03 9.56
N ILE A 104 4.90 -0.29 10.47
CA ILE A 104 4.47 -0.90 11.76
C ILE A 104 2.95 -1.12 11.72
N LYS A 105 2.51 -2.30 12.05
CA LYS A 105 1.06 -2.61 12.01
C LYS A 105 0.36 -2.18 13.30
N VAL A 106 -0.93 -2.02 13.24
CA VAL A 106 -1.71 -1.59 14.43
C VAL A 106 -2.72 -2.68 14.80
N HIS A 107 -2.74 -3.10 16.03
CA HIS A 107 -3.72 -4.14 16.44
C HIS A 107 -5.09 -3.49 16.58
N ASN A 108 -5.96 -3.68 15.63
CA ASN A 108 -7.30 -3.07 15.72
C ASN A 108 -8.06 -3.68 16.90
N GLU A 109 -8.81 -2.89 17.62
CA GLU A 109 -9.58 -3.42 18.77
C GLU A 109 -10.71 -4.32 18.27
N ALA A 110 -11.19 -4.08 17.07
CA ALA A 110 -12.29 -4.91 16.52
C ALA A 110 -11.81 -6.35 16.34
N THR A 111 -11.42 -6.99 17.40
CA THR A 111 -10.94 -8.41 17.30
C THR A 111 -9.99 -8.57 16.11
N GLY A 112 -9.39 -7.50 15.65
CA GLY A 112 -8.45 -7.62 14.49
C GLY A 112 -9.24 -7.71 13.20
N LYS A 113 -10.30 -6.93 13.09
CA LYS A 113 -11.12 -6.96 11.85
C LYS A 113 -10.44 -6.11 10.77
N SER A 114 -9.64 -5.16 11.17
CA SER A 114 -8.94 -4.30 10.16
C SER A 114 -7.66 -3.71 10.77
N SER A 115 -6.55 -4.38 10.61
CA SER A 115 -5.27 -3.85 11.17
C SER A 115 -4.87 -2.58 10.41
N TRP A 116 -4.52 -1.55 11.13
CA TRP A 116 -4.10 -0.27 10.47
C TRP A 116 -2.59 -0.29 10.20
N TRP A 117 -2.16 0.15 9.04
CA TRP A 117 -0.69 0.16 8.74
C TRP A 117 -0.12 1.56 9.00
N MET A 118 0.99 1.63 9.72
CA MET A 118 1.60 2.96 10.02
C MET A 118 3.10 2.94 9.70
N LEU A 119 3.68 4.07 9.41
CA LEU A 119 5.14 4.12 9.11
C LEU A 119 5.90 4.13 10.45
N ASN A 120 7.20 3.98 10.41
CA ASN A 120 7.98 4.01 11.67
C ASN A 120 7.98 5.47 12.18
N PRO A 121 8.00 5.66 13.48
CA PRO A 121 7.99 7.02 14.09
C PRO A 121 8.95 7.98 13.39
N GLU A 122 9.86 7.45 12.63
CA GLU A 122 10.87 8.32 11.94
C GLU A 122 10.17 9.35 11.03
N GLY A 123 9.23 8.93 10.24
CA GLY A 123 8.54 9.88 9.33
C GLY A 123 7.38 10.54 10.07
N GLY A 124 6.60 9.78 10.76
CA GLY A 124 5.45 10.36 11.50
C GLY A 124 4.52 9.23 11.98
N SER A 35 8.95 -2.47 -21.12
CA SER A 35 9.64 -3.65 -20.53
C SER A 35 10.58 -3.19 -19.41
N ARG A 36 11.13 -4.11 -18.67
CA ARG A 36 12.06 -3.75 -17.56
C ARG A 36 11.35 -2.86 -16.53
N ARG A 37 10.13 -3.18 -16.18
CA ARG A 37 9.40 -2.37 -15.17
C ARG A 37 9.35 -0.90 -15.61
N ASN A 38 9.13 -0.66 -16.88
CA ASN A 38 9.05 0.75 -17.36
C ASN A 38 7.58 1.18 -17.52
N ALA A 39 7.21 2.27 -16.93
CA ALA A 39 5.82 2.75 -17.05
C ALA A 39 5.63 3.98 -16.15
N TRP A 40 5.49 3.79 -14.87
CA TRP A 40 5.30 4.95 -13.95
C TRP A 40 6.66 5.47 -13.49
N GLY A 41 7.74 4.81 -13.84
CA GLY A 41 9.09 5.29 -13.43
C GLY A 41 9.77 4.29 -12.47
N ASN A 42 9.64 3.02 -12.74
CA ASN A 42 10.28 1.97 -11.89
C ASN A 42 10.30 2.38 -10.40
N GLN A 43 9.46 3.29 -9.99
CA GLN A 43 9.48 3.68 -8.55
C GLN A 43 9.30 2.42 -7.70
N SER A 44 10.02 2.31 -6.61
CA SER A 44 9.89 1.09 -5.76
C SER A 44 8.52 1.08 -5.08
N TYR A 45 8.05 -0.08 -4.71
CA TYR A 45 6.72 -0.18 -4.05
C TYR A 45 6.75 0.57 -2.71
N ALA A 46 7.79 0.40 -1.95
CA ALA A 46 7.86 1.08 -0.62
C ALA A 46 7.60 2.58 -0.79
N GLU A 47 8.12 3.19 -1.81
CA GLU A 47 7.89 4.65 -2.00
C GLU A 47 6.42 4.93 -2.33
N LEU A 48 5.82 4.14 -3.18
CA LEU A 48 4.40 4.40 -3.54
C LEU A 48 3.48 4.10 -2.35
N ILE A 49 3.70 3.02 -1.67
CA ILE A 49 2.83 2.69 -0.50
C ILE A 49 2.92 3.81 0.55
N SER A 50 4.10 4.32 0.79
CA SER A 50 4.25 5.41 1.81
C SER A 50 3.37 6.61 1.44
N GLN A 51 3.28 6.95 0.19
CA GLN A 51 2.44 8.12 -0.19
C GLN A 51 1.00 7.88 0.22
N ALA A 52 0.50 6.70 -0.02
CA ALA A 52 -0.92 6.40 0.35
C ALA A 52 -1.14 6.70 1.83
N ILE A 53 -0.26 6.26 2.68
CA ILE A 53 -0.46 6.53 4.14
C ILE A 53 -0.33 8.03 4.40
N GLU A 54 0.75 8.63 3.95
CA GLU A 54 0.94 10.09 4.17
C GLU A 54 -0.19 10.88 3.49
N SER A 55 -0.83 10.31 2.51
CA SER A 55 -1.94 11.05 1.83
C SER A 55 -3.16 11.08 2.74
N ALA A 56 -3.33 10.06 3.55
CA ALA A 56 -4.50 10.02 4.47
C ALA A 56 -4.34 11.09 5.56
N PRO A 57 -5.30 11.97 5.70
CA PRO A 57 -5.25 13.04 6.74
C PRO A 57 -4.75 12.48 8.08
N GLU A 58 -5.32 11.39 8.50
CA GLU A 58 -4.92 10.76 9.78
C GLU A 58 -3.54 10.11 9.64
N LYS A 59 -3.04 10.02 8.44
CA LYS A 59 -1.71 9.37 8.22
C LYS A 59 -1.81 7.92 8.67
N ARG A 60 -2.91 7.27 8.37
CA ARG A 60 -3.10 5.85 8.78
C ARG A 60 -4.14 5.19 7.86
N LEU A 61 -3.91 3.97 7.45
CA LEU A 61 -4.91 3.29 6.56
C LEU A 61 -4.89 1.79 6.84
N THR A 62 -5.89 1.09 6.41
CA THR A 62 -5.92 -0.38 6.60
C THR A 62 -5.31 -1.02 5.35
N LEU A 63 -5.04 -2.29 5.36
CA LEU A 63 -4.43 -2.92 4.16
C LEU A 63 -5.31 -2.67 2.93
N ALA A 64 -6.56 -3.00 3.03
CA ALA A 64 -7.48 -2.82 1.87
C ALA A 64 -7.50 -1.36 1.39
N GLN A 65 -7.52 -0.42 2.29
CA GLN A 65 -7.58 1.01 1.87
C GLN A 65 -6.31 1.40 1.11
N ILE A 66 -5.18 0.88 1.48
CA ILE A 66 -3.93 1.24 0.75
C ILE A 66 -4.08 0.81 -0.71
N TYR A 67 -4.59 -0.37 -0.93
CA TYR A 67 -4.77 -0.87 -2.31
C TYR A 67 -5.61 0.13 -3.11
N GLU A 68 -6.71 0.54 -2.54
CA GLU A 68 -7.61 1.50 -3.24
C GLU A 68 -6.86 2.80 -3.60
N TRP A 69 -5.89 3.18 -2.81
CA TRP A 69 -5.15 4.43 -3.10
C TRP A 69 -4.45 4.32 -4.46
N MET A 70 -3.64 3.32 -4.64
CA MET A 70 -2.93 3.16 -5.94
C MET A 70 -3.93 3.14 -7.09
N VAL A 71 -4.94 2.33 -6.99
CA VAL A 71 -5.93 2.24 -8.08
C VAL A 71 -6.60 3.60 -8.29
N ARG A 72 -6.97 4.24 -7.22
CA ARG A 72 -7.63 5.57 -7.35
C ARG A 72 -6.64 6.63 -7.83
N THR A 73 -5.42 6.56 -7.37
CA THR A 73 -4.42 7.59 -7.80
C THR A 73 -3.80 7.20 -9.14
N VAL A 74 -3.16 6.06 -9.22
CA VAL A 74 -2.56 5.64 -10.51
C VAL A 74 -3.66 4.99 -11.36
N PRO A 75 -3.94 5.53 -12.54
CA PRO A 75 -5.01 4.98 -13.42
C PRO A 75 -4.54 3.73 -14.18
N TYR A 76 -3.27 3.61 -14.43
CA TYR A 76 -2.78 2.42 -15.16
C TYR A 76 -3.09 1.16 -14.35
N PHE A 77 -3.27 1.30 -13.07
CA PHE A 77 -3.56 0.12 -12.22
C PHE A 77 -5.05 -0.23 -12.36
N LYS A 78 -5.85 0.69 -12.83
CA LYS A 78 -7.29 0.42 -13.01
C LYS A 78 -7.49 -0.68 -14.06
N ASP A 79 -6.68 -0.70 -15.08
CA ASP A 79 -6.84 -1.72 -16.16
C ASP A 79 -6.52 -3.14 -15.64
N LYS A 80 -5.49 -3.28 -14.83
CA LYS A 80 -5.15 -4.63 -14.32
C LYS A 80 -6.29 -5.18 -13.44
N GLY A 81 -6.98 -4.33 -12.74
CA GLY A 81 -8.09 -4.81 -11.87
C GLY A 81 -9.03 -5.72 -12.65
N ASP A 82 -9.35 -5.38 -13.87
CA ASP A 82 -10.25 -6.25 -14.67
C ASP A 82 -9.45 -7.43 -15.22
N SER A 83 -8.30 -7.68 -14.67
CA SER A 83 -7.46 -8.80 -15.17
C SER A 83 -6.79 -9.52 -13.98
N ASN A 84 -6.56 -10.79 -14.11
CA ASN A 84 -5.91 -11.56 -13.01
C ASN A 84 -4.54 -10.97 -12.72
N SER A 85 -3.92 -10.36 -13.70
CA SER A 85 -2.57 -9.77 -13.48
C SER A 85 -2.55 -8.96 -12.17
N SER A 86 -3.70 -8.55 -11.71
CA SER A 86 -3.73 -7.74 -10.46
C SER A 86 -3.23 -8.55 -9.26
N ALA A 87 -3.43 -9.84 -9.25
CA ALA A 87 -2.96 -10.66 -8.09
C ALA A 87 -1.44 -10.55 -7.93
N GLY A 88 -0.74 -10.29 -9.00
CA GLY A 88 0.74 -10.19 -8.91
C GLY A 88 1.14 -9.08 -7.93
N TRP A 89 1.10 -7.85 -8.36
CA TRP A 89 1.49 -6.74 -7.46
C TRP A 89 0.75 -6.85 -6.11
N LYS A 90 -0.46 -7.33 -6.13
CA LYS A 90 -1.22 -7.46 -4.85
C LYS A 90 -0.40 -8.31 -3.86
N ASN A 91 -0.02 -9.48 -4.26
CA ASN A 91 0.78 -10.35 -3.37
C ASN A 91 2.10 -9.66 -3.00
N SER A 92 2.69 -8.98 -3.94
CA SER A 92 3.99 -8.29 -3.66
C SER A 92 3.84 -7.33 -2.48
N ILE A 93 2.81 -6.53 -2.46
CA ILE A 93 2.65 -5.57 -1.32
C ILE A 93 2.59 -6.39 -0.04
N ARG A 94 1.72 -7.35 0.01
CA ARG A 94 1.59 -8.22 1.21
C ARG A 94 2.98 -8.75 1.58
N HIS A 95 3.76 -9.09 0.61
CA HIS A 95 5.12 -9.62 0.88
C HIS A 95 5.99 -8.55 1.57
N ASN A 96 5.90 -7.33 1.12
CA ASN A 96 6.73 -6.24 1.74
C ASN A 96 6.23 -5.87 3.15
N LEU A 97 4.95 -5.78 3.35
CA LEU A 97 4.43 -5.41 4.70
C LEU A 97 5.00 -6.34 5.76
N SER A 98 5.12 -7.60 5.48
CA SER A 98 5.66 -8.54 6.51
C SER A 98 7.18 -8.39 6.61
N LEU A 99 7.87 -8.25 5.52
CA LEU A 99 9.36 -8.11 5.58
C LEU A 99 9.75 -6.67 5.94
N HIS A 100 9.45 -5.73 5.08
CA HIS A 100 9.84 -4.32 5.36
C HIS A 100 9.36 -3.92 6.76
N SER A 101 10.26 -3.45 7.59
CA SER A 101 9.85 -3.02 8.95
C SER A 101 9.35 -1.58 8.87
N LYS A 102 9.70 -0.88 7.82
CA LYS A 102 9.23 0.52 7.67
C LYS A 102 7.72 0.54 7.92
N PHE A 103 7.10 -0.59 7.78
CA PHE A 103 5.64 -0.68 8.02
C PHE A 103 5.42 -1.29 9.42
N ILE A 104 4.83 -0.55 10.31
CA ILE A 104 4.61 -1.10 11.68
C ILE A 104 3.23 -1.75 11.76
N LYS A 105 3.16 -2.89 12.38
CA LYS A 105 1.87 -3.63 12.49
C LYS A 105 1.03 -3.08 13.63
N VAL A 106 -0.27 -3.02 13.45
CA VAL A 106 -1.17 -2.51 14.52
C VAL A 106 -2.12 -3.64 14.93
N HIS A 107 -2.21 -3.94 16.20
CA HIS A 107 -3.12 -5.04 16.62
C HIS A 107 -4.57 -4.56 16.67
N ASN A 108 -5.28 -4.63 15.57
CA ASN A 108 -6.71 -4.21 15.59
C ASN A 108 -7.52 -5.25 16.35
N GLU A 109 -8.31 -4.84 17.30
CA GLU A 109 -9.14 -5.83 18.04
C GLU A 109 -10.10 -6.47 17.05
N ALA A 110 -10.64 -5.68 16.17
CA ALA A 110 -11.57 -6.21 15.14
C ALA A 110 -10.79 -7.11 14.18
N THR A 111 -10.46 -8.29 14.62
CA THR A 111 -9.66 -9.22 13.75
C THR A 111 -10.36 -9.42 12.41
N GLY A 112 -11.67 -9.47 12.40
CA GLY A 112 -12.39 -9.67 11.10
C GLY A 112 -11.91 -8.64 10.08
N LYS A 113 -11.72 -7.42 10.50
CA LYS A 113 -11.24 -6.38 9.55
C LYS A 113 -9.72 -6.47 9.48
N SER A 114 -9.12 -6.03 8.41
CA SER A 114 -7.63 -6.10 8.32
C SER A 114 -7.01 -5.22 9.40
N SER A 115 -5.83 -5.56 9.84
CA SER A 115 -5.16 -4.74 10.90
C SER A 115 -4.81 -3.37 10.32
N TRP A 116 -4.51 -2.41 11.17
CA TRP A 116 -4.15 -1.06 10.64
C TRP A 116 -2.66 -1.05 10.28
N TRP A 117 -2.31 -0.41 9.20
CA TRP A 117 -0.88 -0.32 8.78
C TRP A 117 -0.41 1.13 8.93
N MET A 118 0.76 1.33 9.47
CA MET A 118 1.26 2.74 9.65
C MET A 118 2.76 2.83 9.37
N LEU A 119 3.24 4.00 9.03
CA LEU A 119 4.70 4.16 8.80
C LEU A 119 5.37 4.24 10.17
N ASN A 120 6.66 4.10 10.24
CA ASN A 120 7.33 4.17 11.57
C ASN A 120 6.96 5.52 12.22
N PRO A 121 6.91 5.57 13.53
CA PRO A 121 6.54 6.82 14.26
C PRO A 121 7.69 7.83 14.27
N GLU A 122 8.68 7.62 13.45
CA GLU A 122 9.83 8.56 13.41
C GLU A 122 9.45 9.79 12.57
N GLY A 123 8.59 9.61 11.60
CA GLY A 123 8.17 10.75 10.73
C GLY A 123 6.75 11.17 11.06
N GLY A 124 5.79 10.30 10.86
CA GLY A 124 4.37 10.65 11.15
C GLY A 124 3.91 9.91 12.41
N SER A 35 16.73 -0.93 -20.82
CA SER A 35 16.56 0.54 -20.90
C SER A 35 16.46 1.12 -19.49
N ARG A 36 15.93 2.30 -19.36
CA ARG A 36 15.80 2.93 -18.01
C ARG A 36 14.38 2.78 -17.49
N ARG A 37 14.20 3.01 -16.23
CA ARG A 37 12.85 2.89 -15.61
C ARG A 37 12.13 4.24 -15.73
N ASN A 38 10.83 4.22 -15.83
CA ASN A 38 10.09 5.50 -15.96
C ASN A 38 8.63 5.29 -15.53
N ALA A 39 7.92 6.38 -15.31
CA ALA A 39 6.48 6.32 -14.88
C ALA A 39 6.30 7.26 -13.69
N TRP A 40 5.98 6.73 -12.53
CA TRP A 40 5.80 7.60 -11.34
C TRP A 40 7.17 8.16 -10.91
N GLY A 41 8.23 7.64 -11.46
CA GLY A 41 9.60 8.15 -11.08
C GLY A 41 10.57 7.00 -10.82
N ASN A 42 10.15 5.77 -10.98
CA ASN A 42 11.06 4.60 -10.74
C ASN A 42 11.05 4.21 -9.25
N GLN A 43 10.26 4.88 -8.45
CA GLN A 43 10.23 4.54 -6.99
C GLN A 43 9.76 3.09 -6.80
N SER A 44 10.29 2.41 -5.82
CA SER A 44 9.86 1.00 -5.58
C SER A 44 8.50 1.00 -4.88
N TYR A 45 7.89 -0.13 -4.78
CA TYR A 45 6.56 -0.21 -4.11
C TYR A 45 6.69 0.20 -2.65
N ALA A 46 7.78 -0.15 -2.01
CA ALA A 46 7.95 0.21 -0.58
C ALA A 46 7.69 1.72 -0.39
N GLU A 47 8.36 2.53 -1.14
CA GLU A 47 8.18 4.00 -1.00
C GLU A 47 6.76 4.42 -1.41
N LEU A 48 6.24 3.89 -2.49
CA LEU A 48 4.88 4.29 -2.93
C LEU A 48 3.86 3.99 -1.82
N ILE A 49 3.98 2.88 -1.15
CA ILE A 49 3.02 2.57 -0.07
C ILE A 49 3.05 3.66 0.99
N SER A 50 4.23 4.10 1.37
CA SER A 50 4.34 5.17 2.41
C SER A 50 3.57 6.41 1.98
N GLN A 51 3.69 6.81 0.74
CA GLN A 51 2.94 8.01 0.30
C GLN A 51 1.46 7.76 0.54
N ALA A 52 1.02 6.54 0.38
CA ALA A 52 -0.41 6.21 0.60
C ALA A 52 -0.79 6.55 2.06
N ILE A 53 0.02 6.15 2.99
CA ILE A 53 -0.29 6.44 4.42
C ILE A 53 -0.26 7.96 4.62
N GLU A 54 0.81 8.58 4.21
CA GLU A 54 0.93 10.06 4.37
C GLU A 54 -0.12 10.77 3.50
N SER A 55 -0.73 10.08 2.58
CA SER A 55 -1.76 10.74 1.72
C SER A 55 -2.99 11.01 2.56
N ALA A 56 -3.34 10.08 3.41
CA ALA A 56 -4.53 10.28 4.28
C ALA A 56 -4.18 11.37 5.29
N PRO A 57 -5.16 12.01 5.86
CA PRO A 57 -4.94 13.11 6.85
C PRO A 57 -4.34 12.60 8.17
N GLU A 58 -5.08 11.77 8.86
CA GLU A 58 -4.57 11.24 10.17
C GLU A 58 -3.32 10.39 9.94
N LYS A 59 -2.97 10.11 8.71
CA LYS A 59 -1.77 9.28 8.44
C LYS A 59 -2.03 7.87 8.97
N ARG A 60 -3.08 7.25 8.51
CA ARG A 60 -3.43 5.87 8.98
C ARG A 60 -4.32 5.20 7.93
N LEU A 61 -3.99 4.02 7.48
CA LEU A 61 -4.85 3.35 6.46
C LEU A 61 -4.76 1.82 6.63
N THR A 62 -5.83 1.13 6.31
CA THR A 62 -5.81 -0.36 6.43
C THR A 62 -5.27 -0.96 5.13
N LEU A 63 -5.05 -2.24 5.08
CA LEU A 63 -4.52 -2.84 3.81
C LEU A 63 -5.49 -2.54 2.66
N ALA A 64 -6.76 -2.74 2.85
CA ALA A 64 -7.74 -2.49 1.75
C ALA A 64 -7.65 -1.04 1.28
N GLN A 65 -7.49 -0.09 2.17
CA GLN A 65 -7.42 1.33 1.73
C GLN A 65 -6.18 1.54 0.86
N ILE A 66 -5.13 0.81 1.12
CA ILE A 66 -3.90 0.98 0.30
C ILE A 66 -4.17 0.61 -1.15
N TYR A 67 -4.76 -0.54 -1.39
CA TYR A 67 -5.03 -0.96 -2.79
C TYR A 67 -5.91 0.06 -3.49
N GLU A 68 -6.96 0.51 -2.85
CA GLU A 68 -7.86 1.52 -3.50
C GLU A 68 -7.06 2.78 -3.82
N TRP A 69 -6.14 3.15 -2.98
CA TRP A 69 -5.34 4.38 -3.22
C TRP A 69 -4.56 4.25 -4.54
N MET A 70 -3.84 3.18 -4.71
CA MET A 70 -3.08 3.01 -5.99
C MET A 70 -4.03 3.03 -7.18
N VAL A 71 -5.20 2.48 -7.01
CA VAL A 71 -6.18 2.45 -8.13
C VAL A 71 -6.58 3.89 -8.49
N ARG A 72 -7.04 4.65 -7.53
CA ARG A 72 -7.45 6.06 -7.83
C ARG A 72 -6.20 6.94 -8.06
N THR A 73 -5.10 6.63 -7.42
CA THR A 73 -3.87 7.46 -7.60
C THR A 73 -3.15 7.05 -8.88
N VAL A 74 -3.31 5.84 -9.31
CA VAL A 74 -2.61 5.39 -10.55
C VAL A 74 -3.57 4.56 -11.40
N PRO A 75 -4.37 5.21 -12.21
CA PRO A 75 -5.34 4.53 -13.10
C PRO A 75 -4.71 3.34 -13.84
N TYR A 76 -3.40 3.25 -13.82
CA TYR A 76 -2.73 2.12 -14.51
C TYR A 76 -3.22 0.78 -13.95
N PHE A 77 -3.67 0.75 -12.71
CA PHE A 77 -4.13 -0.54 -12.12
C PHE A 77 -5.61 -0.78 -12.41
N LYS A 78 -6.35 0.23 -12.79
CA LYS A 78 -7.80 0.03 -13.07
C LYS A 78 -8.00 -0.99 -14.18
N ASP A 79 -7.12 -1.00 -15.15
CA ASP A 79 -7.28 -1.95 -16.29
C ASP A 79 -7.09 -3.39 -15.79
N LYS A 80 -6.04 -3.66 -15.07
CA LYS A 80 -5.82 -5.04 -14.57
C LYS A 80 -6.90 -5.41 -13.55
N GLY A 81 -7.52 -4.42 -12.94
CA GLY A 81 -8.59 -4.71 -11.95
C GLY A 81 -9.70 -5.53 -12.62
N ASP A 82 -10.01 -5.22 -13.86
CA ASP A 82 -11.07 -5.98 -14.56
C ASP A 82 -10.51 -7.34 -15.00
N SER A 83 -9.22 -7.48 -14.98
CA SER A 83 -8.59 -8.75 -15.40
C SER A 83 -8.08 -9.51 -14.17
N ASN A 84 -8.32 -10.79 -14.10
CA ASN A 84 -7.82 -11.57 -12.93
C ASN A 84 -6.33 -11.29 -12.76
N SER A 85 -5.66 -10.98 -13.82
CA SER A 85 -4.20 -10.70 -13.76
C SER A 85 -3.86 -9.86 -12.52
N SER A 86 -4.82 -9.17 -11.98
CA SER A 86 -4.56 -8.32 -10.79
C SER A 86 -4.12 -9.15 -9.57
N ALA A 87 -4.58 -10.37 -9.46
CA ALA A 87 -4.20 -11.20 -8.27
C ALA A 87 -2.68 -11.39 -8.23
N GLY A 88 -1.97 -10.86 -9.19
CA GLY A 88 -0.49 -11.03 -9.21
C GLY A 88 0.20 -9.93 -8.39
N TRP A 89 0.21 -8.71 -8.87
CA TRP A 89 0.89 -7.61 -8.14
C TRP A 89 0.44 -7.58 -6.67
N LYS A 90 -0.66 -8.22 -6.34
CA LYS A 90 -1.10 -8.21 -4.92
C LYS A 90 0.00 -8.86 -4.07
N ASN A 91 0.54 -9.96 -4.54
CA ASN A 91 1.62 -10.63 -3.78
C ASN A 91 2.81 -9.68 -3.63
N SER A 92 3.04 -8.86 -4.62
CA SER A 92 4.18 -7.91 -4.55
C SER A 92 4.02 -6.95 -3.36
N ILE A 93 2.97 -6.17 -3.35
CA ILE A 93 2.79 -5.21 -2.23
C ILE A 93 2.71 -5.95 -0.90
N ARG A 94 2.04 -7.06 -0.86
CA ARG A 94 1.91 -7.81 0.41
C ARG A 94 3.29 -8.15 1.00
N HIS A 95 4.23 -8.54 0.17
CA HIS A 95 5.58 -8.90 0.71
C HIS A 95 6.27 -7.66 1.29
N ASN A 96 6.01 -6.49 0.76
CA ASN A 96 6.68 -5.28 1.30
C ASN A 96 6.18 -4.98 2.71
N LEU A 97 4.90 -5.12 2.96
CA LEU A 97 4.38 -4.84 4.33
C LEU A 97 5.02 -5.79 5.34
N SER A 98 5.26 -7.02 4.97
CA SER A 98 5.89 -7.97 5.94
C SER A 98 7.39 -7.66 6.03
N LEU A 99 8.05 -7.55 4.90
CA LEU A 99 9.49 -7.23 4.92
C LEU A 99 9.65 -5.73 5.18
N HIS A 100 10.83 -5.29 5.56
CA HIS A 100 11.03 -3.83 5.86
C HIS A 100 10.19 -3.45 7.07
N SER A 101 10.84 -3.24 8.20
CA SER A 101 10.10 -2.87 9.45
C SER A 101 9.51 -1.47 9.35
N LYS A 102 9.74 -0.77 8.27
CA LYS A 102 9.19 0.61 8.15
C LYS A 102 7.69 0.59 8.49
N PHE A 103 7.01 -0.46 8.15
CA PHE A 103 5.55 -0.55 8.45
C PHE A 103 5.33 -1.29 9.77
N ILE A 104 4.52 -0.75 10.65
CA ILE A 104 4.26 -1.40 11.96
C ILE A 104 2.81 -1.92 11.98
N LYS A 105 2.57 -3.06 12.60
CA LYS A 105 1.19 -3.64 12.62
C LYS A 105 0.36 -3.04 13.77
N VAL A 106 -0.92 -2.86 13.54
CA VAL A 106 -1.82 -2.30 14.60
C VAL A 106 -2.90 -3.34 14.92
N HIS A 107 -3.10 -3.65 16.17
CA HIS A 107 -4.15 -4.65 16.52
C HIS A 107 -5.54 -4.02 16.36
N ASN A 108 -6.27 -4.42 15.37
CA ASN A 108 -7.64 -3.87 15.18
C ASN A 108 -8.53 -4.39 16.32
N GLU A 109 -8.90 -3.54 17.22
CA GLU A 109 -9.76 -3.98 18.35
C GLU A 109 -11.15 -4.34 17.83
N ALA A 110 -11.57 -3.75 16.74
CA ALA A 110 -12.92 -4.06 16.21
C ALA A 110 -13.04 -5.56 15.95
N THR A 111 -11.98 -6.27 16.21
CA THR A 111 -11.97 -7.75 16.03
C THR A 111 -12.88 -8.13 14.83
N GLY A 112 -12.70 -7.48 13.72
CA GLY A 112 -13.54 -7.80 12.53
C GLY A 112 -13.35 -6.73 11.46
N LYS A 113 -12.14 -6.29 11.27
CA LYS A 113 -11.85 -5.25 10.25
C LYS A 113 -10.38 -5.39 9.81
N SER A 114 -10.03 -4.89 8.65
CA SER A 114 -8.61 -5.02 8.21
C SER A 114 -7.68 -4.36 9.24
N SER A 115 -6.51 -4.93 9.44
CA SER A 115 -5.57 -4.34 10.44
C SER A 115 -5.18 -2.92 10.01
N TRP A 116 -4.85 -2.09 10.96
CA TRP A 116 -4.45 -0.70 10.63
C TRP A 116 -2.93 -0.67 10.40
N TRP A 117 -2.50 -0.11 9.31
CA TRP A 117 -1.05 -0.05 9.02
C TRP A 117 -0.52 1.36 9.27
N MET A 118 0.66 1.47 9.86
CA MET A 118 1.25 2.81 10.13
C MET A 118 2.76 2.78 9.86
N LEU A 119 3.35 3.92 9.65
CA LEU A 119 4.82 3.98 9.41
C LEU A 119 5.54 3.97 10.76
N ASN A 120 6.77 3.52 10.79
CA ASN A 120 7.50 3.49 12.10
C ASN A 120 7.80 4.93 12.54
N PRO A 121 7.53 5.26 13.78
CA PRO A 121 7.77 6.63 14.32
C PRO A 121 9.25 6.89 14.61
N GLU A 122 10.07 5.87 14.64
CA GLU A 122 11.51 6.10 14.92
C GLU A 122 12.13 6.97 13.82
N GLY A 123 11.59 6.91 12.64
CA GLY A 123 12.14 7.74 11.52
C GLY A 123 10.98 8.30 10.68
N GLY A 124 11.28 8.95 9.59
CA GLY A 124 10.19 9.51 8.73
C GLY A 124 8.99 8.56 8.71
N SER A 35 14.13 -5.95 -9.02
CA SER A 35 13.14 -4.85 -8.78
C SER A 35 12.69 -4.28 -10.12
N ARG A 36 11.52 -4.63 -10.56
CA ARG A 36 11.00 -4.12 -11.86
C ARG A 36 10.72 -2.62 -11.75
N ARG A 37 10.81 -1.90 -12.85
CA ARG A 37 10.55 -0.42 -12.80
C ARG A 37 9.15 -0.13 -13.35
N ASN A 38 8.61 1.03 -13.06
CA ASN A 38 7.25 1.37 -13.56
C ASN A 38 7.35 2.43 -14.67
N ALA A 39 6.25 2.73 -15.32
CA ALA A 39 6.28 3.76 -16.41
C ALA A 39 5.59 5.05 -15.93
N TRP A 40 4.60 4.94 -15.11
CA TRP A 40 3.90 6.17 -14.64
C TRP A 40 4.82 7.03 -13.76
N GLY A 41 5.76 6.44 -13.08
CA GLY A 41 6.67 7.27 -12.22
C GLY A 41 8.04 6.60 -12.08
N ASN A 42 8.11 5.30 -12.17
CA ASN A 42 9.42 4.62 -12.03
C ASN A 42 9.84 4.63 -10.57
N GLN A 43 8.87 4.66 -9.68
CA GLN A 43 9.18 4.68 -8.21
C GLN A 43 8.97 3.28 -7.63
N SER A 44 9.77 2.90 -6.68
CA SER A 44 9.60 1.54 -6.08
C SER A 44 8.28 1.45 -5.32
N TYR A 45 7.74 0.27 -5.17
CA TYR A 45 6.44 0.14 -4.43
C TYR A 45 6.62 0.67 -3.02
N ALA A 46 7.74 0.38 -2.41
CA ALA A 46 7.97 0.87 -1.01
C ALA A 46 7.70 2.37 -0.94
N GLU A 47 8.24 3.12 -1.88
CA GLU A 47 8.02 4.59 -1.85
C GLU A 47 6.55 4.92 -2.13
N LEU A 48 5.93 4.19 -3.02
CA LEU A 48 4.50 4.48 -3.34
C LEU A 48 3.62 4.20 -2.12
N ILE A 49 3.91 3.18 -1.37
CA ILE A 49 3.07 2.91 -0.16
C ILE A 49 3.15 4.11 0.77
N SER A 50 4.33 4.63 0.98
CA SER A 50 4.47 5.80 1.89
C SER A 50 3.57 6.94 1.40
N GLN A 51 3.51 7.18 0.11
CA GLN A 51 2.64 8.28 -0.38
C GLN A 51 1.19 7.98 -0.01
N ALA A 52 0.78 6.75 -0.14
CA ALA A 52 -0.63 6.39 0.20
C ALA A 52 -0.92 6.75 1.65
N ILE A 53 -0.15 6.25 2.57
CA ILE A 53 -0.40 6.59 4.00
C ILE A 53 -0.17 8.09 4.21
N GLU A 54 0.85 8.63 3.63
CA GLU A 54 1.11 10.09 3.78
C GLU A 54 -0.07 10.89 3.24
N SER A 55 -0.67 10.41 2.18
CA SER A 55 -1.83 11.13 1.60
C SER A 55 -3.05 10.94 2.48
N ALA A 56 -3.01 9.97 3.36
CA ALA A 56 -4.16 9.72 4.26
C ALA A 56 -4.25 10.83 5.32
N PRO A 57 -5.44 11.16 5.74
CA PRO A 57 -5.67 12.22 6.78
C PRO A 57 -5.23 11.78 8.18
N GLU A 58 -5.77 10.69 8.66
CA GLU A 58 -5.40 10.21 10.01
C GLU A 58 -4.04 9.51 9.96
N LYS A 59 -3.40 9.50 8.81
CA LYS A 59 -2.07 8.83 8.70
C LYS A 59 -2.23 7.34 9.04
N ARG A 60 -3.20 6.69 8.49
CA ARG A 60 -3.41 5.23 8.78
C ARG A 60 -4.24 4.59 7.67
N LEU A 61 -3.94 3.36 7.32
CA LEU A 61 -4.74 2.67 6.27
C LEU A 61 -4.71 1.15 6.50
N THR A 62 -5.77 0.48 6.13
CA THR A 62 -5.80 -1.00 6.28
C THR A 62 -5.19 -1.62 5.03
N LEU A 63 -4.95 -2.89 5.00
CA LEU A 63 -4.33 -3.50 3.78
C LEU A 63 -5.21 -3.23 2.57
N ALA A 64 -6.49 -3.46 2.67
CA ALA A 64 -7.40 -3.23 1.51
C ALA A 64 -7.39 -1.74 1.09
N GLN A 65 -7.36 -0.83 2.02
CA GLN A 65 -7.39 0.60 1.65
C GLN A 65 -6.09 1.01 0.94
N ILE A 66 -5.00 0.37 1.24
CA ILE A 66 -3.73 0.75 0.55
C ILE A 66 -3.84 0.42 -0.94
N TYR A 67 -4.30 -0.76 -1.28
CA TYR A 67 -4.44 -1.12 -2.72
C TYR A 67 -5.36 -0.12 -3.40
N GLU A 68 -6.44 0.22 -2.75
CA GLU A 68 -7.41 1.17 -3.35
C GLU A 68 -6.76 2.52 -3.65
N TRP A 69 -5.97 3.03 -2.75
CA TRP A 69 -5.32 4.35 -3.04
C TRP A 69 -4.51 4.24 -4.32
N MET A 70 -3.73 3.21 -4.46
CA MET A 70 -2.91 3.04 -5.69
C MET A 70 -3.80 3.06 -6.94
N VAL A 71 -4.91 2.37 -6.92
CA VAL A 71 -5.78 2.38 -8.13
C VAL A 71 -6.31 3.79 -8.38
N ARG A 72 -6.76 4.46 -7.35
CA ARG A 72 -7.30 5.83 -7.53
C ARG A 72 -6.20 6.84 -7.91
N THR A 73 -5.03 6.75 -7.33
CA THR A 73 -3.97 7.73 -7.70
C THR A 73 -3.29 7.30 -9.00
N VAL A 74 -3.09 6.03 -9.17
CA VAL A 74 -2.44 5.52 -10.40
C VAL A 74 -3.51 5.12 -11.43
N PRO A 75 -3.53 5.75 -12.59
CA PRO A 75 -4.54 5.46 -13.67
C PRO A 75 -4.28 4.14 -14.40
N TYR A 76 -3.03 3.78 -14.53
CA TYR A 76 -2.67 2.53 -15.25
C TYR A 76 -3.37 1.30 -14.64
N PHE A 77 -3.59 1.30 -13.36
CA PHE A 77 -4.23 0.10 -12.71
C PHE A 77 -5.76 0.20 -12.72
N LYS A 78 -6.33 1.28 -13.20
CA LYS A 78 -7.82 1.36 -13.22
C LYS A 78 -8.39 0.20 -14.04
N ASP A 79 -7.80 -0.09 -15.17
CA ASP A 79 -8.30 -1.19 -16.02
C ASP A 79 -8.07 -2.52 -15.33
N LYS A 80 -6.85 -2.80 -14.95
CA LYS A 80 -6.52 -4.08 -14.27
C LYS A 80 -7.32 -4.19 -12.96
N GLY A 81 -7.49 -3.10 -12.28
CA GLY A 81 -8.24 -3.12 -10.98
C GLY A 81 -9.57 -3.86 -11.14
N ASP A 82 -10.26 -3.67 -12.23
CA ASP A 82 -11.58 -4.35 -12.39
C ASP A 82 -11.37 -5.80 -12.85
N SER A 83 -10.20 -6.10 -13.36
CA SER A 83 -9.92 -7.49 -13.83
C SER A 83 -8.82 -8.12 -12.96
N ASN A 84 -9.05 -9.33 -12.53
CA ASN A 84 -8.05 -10.01 -11.66
C ASN A 84 -6.88 -10.58 -12.50
N SER A 85 -6.70 -10.09 -13.69
CA SER A 85 -5.59 -10.60 -14.54
C SER A 85 -4.24 -10.34 -13.86
N SER A 86 -4.08 -9.18 -13.26
CA SER A 86 -2.79 -8.85 -12.60
C SER A 86 -2.94 -8.94 -11.07
N ALA A 87 -3.77 -9.82 -10.60
CA ALA A 87 -3.95 -9.95 -9.12
C ALA A 87 -2.63 -10.39 -8.46
N GLY A 88 -1.58 -10.54 -9.23
CA GLY A 88 -0.29 -10.99 -8.66
C GLY A 88 0.40 -9.90 -7.82
N TRP A 89 0.69 -8.77 -8.40
CA TRP A 89 1.40 -7.70 -7.65
C TRP A 89 0.71 -7.40 -6.32
N LYS A 90 -0.57 -7.58 -6.21
CA LYS A 90 -1.24 -7.28 -4.91
C LYS A 90 -0.53 -8.05 -3.79
N ASN A 91 -0.22 -9.29 -4.03
CA ASN A 91 0.49 -10.09 -3.00
C ASN A 91 1.88 -9.49 -2.73
N SER A 92 2.50 -8.94 -3.73
CA SER A 92 3.86 -8.35 -3.53
C SER A 92 3.83 -7.34 -2.39
N ILE A 93 2.86 -6.47 -2.39
CA ILE A 93 2.79 -5.45 -1.30
C ILE A 93 2.61 -6.13 0.06
N ARG A 94 1.76 -7.10 0.13
CA ARG A 94 1.54 -7.79 1.44
C ARG A 94 2.87 -8.26 2.04
N HIS A 95 3.73 -8.84 1.26
CA HIS A 95 5.04 -9.32 1.81
C HIS A 95 5.89 -8.12 2.25
N ASN A 96 5.73 -7.00 1.61
CA ASN A 96 6.55 -5.80 1.98
C ASN A 96 6.15 -5.34 3.38
N LEU A 97 4.88 -5.28 3.67
CA LEU A 97 4.44 -4.83 5.02
C LEU A 97 5.02 -5.75 6.09
N SER A 98 5.11 -7.03 5.83
CA SER A 98 5.66 -7.98 6.84
C SER A 98 7.19 -8.07 6.75
N LEU A 99 7.74 -8.11 5.57
CA LEU A 99 9.23 -8.24 5.44
C LEU A 99 9.93 -6.92 5.77
N HIS A 100 9.27 -5.80 5.61
CA HIS A 100 9.95 -4.51 5.90
C HIS A 100 9.49 -3.94 7.24
N SER A 101 10.40 -3.81 8.16
CA SER A 101 10.05 -3.25 9.50
C SER A 101 9.68 -1.78 9.34
N LYS A 102 10.01 -1.20 8.20
CA LYS A 102 9.67 0.22 7.96
C LYS A 102 8.18 0.46 8.28
N PHE A 103 7.35 -0.46 7.90
CA PHE A 103 5.89 -0.30 8.20
C PHE A 103 5.60 -0.95 9.54
N ILE A 104 4.88 -0.29 10.41
CA ILE A 104 4.59 -0.87 11.75
C ILE A 104 3.20 -1.51 11.77
N LYS A 105 3.05 -2.61 12.48
CA LYS A 105 1.74 -3.31 12.54
C LYS A 105 0.85 -2.70 13.63
N VAL A 106 -0.40 -2.47 13.31
CA VAL A 106 -1.35 -1.89 14.30
C VAL A 106 -2.32 -2.97 14.78
N HIS A 107 -2.45 -3.13 16.08
CA HIS A 107 -3.37 -4.18 16.61
C HIS A 107 -4.82 -3.69 16.63
N ASN A 108 -5.47 -3.69 15.50
CA ASN A 108 -6.89 -3.25 15.46
C ASN A 108 -7.76 -4.24 16.24
N GLU A 109 -8.47 -3.78 17.25
CA GLU A 109 -9.33 -4.73 18.03
C GLU A 109 -10.46 -5.23 17.13
N ALA A 110 -10.92 -4.39 16.25
CA ALA A 110 -12.01 -4.78 15.32
C ALA A 110 -11.51 -5.93 14.44
N THR A 111 -11.27 -7.06 15.02
CA THR A 111 -10.76 -8.22 14.23
C THR A 111 -11.54 -8.30 12.92
N GLY A 112 -12.76 -7.84 12.91
CA GLY A 112 -13.56 -7.86 11.66
C GLY A 112 -12.85 -7.03 10.60
N LYS A 113 -12.32 -5.90 10.99
CA LYS A 113 -11.59 -5.04 10.02
C LYS A 113 -10.11 -5.40 10.00
N SER A 114 -9.48 -5.35 8.86
CA SER A 114 -8.04 -5.70 8.76
C SER A 114 -7.21 -4.78 9.65
N SER A 115 -6.03 -5.22 10.04
CA SER A 115 -5.16 -4.37 10.91
C SER A 115 -4.77 -3.10 10.16
N TRP A 116 -4.42 -2.06 10.88
CA TRP A 116 -4.00 -0.80 10.22
C TRP A 116 -2.50 -0.79 9.98
N TRP A 117 -2.03 -0.08 9.00
CA TRP A 117 -0.57 -0.01 8.74
C TRP A 117 -0.11 1.44 8.89
N MET A 118 1.02 1.66 9.51
CA MET A 118 1.51 3.06 9.70
C MET A 118 3.00 3.14 9.42
N LEU A 119 3.47 4.31 9.11
CA LEU A 119 4.93 4.48 8.87
C LEU A 119 5.63 4.52 10.22
N ASN A 120 6.91 4.27 10.25
CA ASN A 120 7.62 4.28 11.55
C ASN A 120 7.70 5.74 12.07
N PRO A 121 7.23 5.98 13.27
CA PRO A 121 7.27 7.35 13.86
C PRO A 121 8.70 7.81 14.12
N GLU A 122 9.64 6.92 13.96
CA GLU A 122 11.07 7.29 14.19
C GLU A 122 11.55 8.29 13.13
N GLY A 123 10.85 8.42 12.03
CA GLY A 123 11.30 9.38 10.98
C GLY A 123 10.11 9.98 10.25
N GLY A 124 8.98 10.05 10.88
CA GLY A 124 7.79 10.64 10.19
C GLY A 124 8.18 11.96 9.53
N SER A 35 18.34 3.74 -17.95
CA SER A 35 17.67 4.81 -18.73
C SER A 35 16.18 4.51 -18.84
N ARG A 36 15.81 3.41 -19.44
CA ARG A 36 14.36 3.08 -19.57
C ARG A 36 13.93 2.27 -18.34
N ARG A 37 12.98 2.79 -17.61
CA ARG A 37 12.51 2.09 -16.38
C ARG A 37 11.46 1.03 -16.73
N ASN A 38 11.17 0.17 -15.80
CA ASN A 38 10.16 -0.91 -16.04
C ASN A 38 8.81 -0.30 -16.45
N ALA A 39 8.58 0.95 -16.10
CA ALA A 39 7.29 1.61 -16.48
C ALA A 39 7.24 3.01 -15.87
N TRP A 40 6.33 3.27 -14.97
CA TRP A 40 6.26 4.64 -14.36
C TRP A 40 7.58 4.98 -13.68
N GLY A 41 8.34 3.98 -13.30
CA GLY A 41 9.64 4.24 -12.62
C GLY A 41 10.05 2.99 -11.82
N ASN A 42 11.32 2.70 -11.79
CA ASN A 42 11.79 1.49 -11.04
C ASN A 42 11.67 1.71 -9.53
N GLN A 43 10.85 2.63 -9.11
CA GLN A 43 10.69 2.89 -7.64
C GLN A 43 10.28 1.59 -6.95
N SER A 44 10.68 1.40 -5.73
CA SER A 44 10.30 0.15 -5.01
C SER A 44 8.86 0.29 -4.50
N TYR A 45 8.21 -0.79 -4.19
CA TYR A 45 6.80 -0.70 -3.70
C TYR A 45 6.75 0.08 -2.38
N ALA A 46 7.72 -0.09 -1.54
CA ALA A 46 7.70 0.65 -0.24
C ALA A 46 7.53 2.15 -0.49
N GLU A 47 8.18 2.68 -1.49
CA GLU A 47 8.06 4.14 -1.76
C GLU A 47 6.63 4.47 -2.18
N LEU A 48 6.06 3.70 -3.05
CA LEU A 48 4.67 3.96 -3.50
C LEU A 48 3.71 3.81 -2.31
N ILE A 49 3.87 2.76 -1.55
CA ILE A 49 2.97 2.56 -0.38
C ILE A 49 3.10 3.74 0.59
N SER A 50 4.30 4.15 0.89
CA SER A 50 4.48 5.27 1.85
C SER A 50 3.70 6.51 1.38
N GLN A 51 3.66 6.76 0.10
CA GLN A 51 2.90 7.95 -0.38
C GLN A 51 1.43 7.83 0.02
N ALA A 52 0.87 6.66 -0.14
CA ALA A 52 -0.56 6.46 0.22
C ALA A 52 -0.81 6.84 1.68
N ILE A 53 -0.03 6.31 2.59
CA ILE A 53 -0.24 6.64 4.02
C ILE A 53 0.02 8.12 4.25
N GLU A 54 1.08 8.65 3.71
CA GLU A 54 1.37 10.10 3.91
C GLU A 54 0.25 10.95 3.31
N SER A 55 -0.51 10.41 2.39
CA SER A 55 -1.59 11.20 1.76
C SER A 55 -2.78 11.35 2.72
N ALA A 56 -3.03 10.36 3.53
CA ALA A 56 -4.17 10.45 4.49
C ALA A 56 -3.83 11.42 5.63
N PRO A 57 -4.80 12.15 6.12
CA PRO A 57 -4.59 13.11 7.25
C PRO A 57 -4.32 12.39 8.58
N GLU A 58 -4.97 11.28 8.81
CA GLU A 58 -4.76 10.54 10.10
C GLU A 58 -3.42 9.80 10.09
N LYS A 59 -2.86 9.57 8.93
CA LYS A 59 -1.55 8.85 8.86
C LYS A 59 -1.77 7.38 9.23
N ARG A 60 -2.88 6.82 8.82
CA ARG A 60 -3.16 5.39 9.14
C ARG A 60 -4.13 4.82 8.09
N LEU A 61 -3.85 3.66 7.56
CA LEU A 61 -4.76 3.05 6.55
C LEU A 61 -4.75 1.52 6.70
N THR A 62 -5.80 0.86 6.31
CA THR A 62 -5.83 -0.63 6.41
C THR A 62 -5.30 -1.24 5.11
N LEU A 63 -5.11 -2.53 5.07
CA LEU A 63 -4.60 -3.18 3.84
C LEU A 63 -5.56 -2.92 2.67
N ALA A 64 -6.84 -3.09 2.89
CA ALA A 64 -7.82 -2.87 1.78
C ALA A 64 -7.72 -1.43 1.27
N GLN A 65 -7.55 -0.48 2.14
CA GLN A 65 -7.47 0.95 1.69
C GLN A 65 -6.22 1.15 0.85
N ILE A 66 -5.14 0.51 1.19
CA ILE A 66 -3.91 0.66 0.38
C ILE A 66 -4.18 0.18 -1.05
N TYR A 67 -4.83 -0.95 -1.17
CA TYR A 67 -5.12 -1.49 -2.52
C TYR A 67 -5.98 -0.49 -3.29
N GLU A 68 -7.08 -0.07 -2.73
CA GLU A 68 -7.97 0.89 -3.44
C GLU A 68 -7.21 2.18 -3.76
N TRP A 69 -6.35 2.63 -2.88
CA TRP A 69 -5.62 3.90 -3.15
C TRP A 69 -4.80 3.76 -4.44
N MET A 70 -4.01 2.73 -4.54
CA MET A 70 -3.18 2.56 -5.77
C MET A 70 -4.07 2.46 -7.02
N VAL A 71 -5.17 1.76 -6.92
CA VAL A 71 -6.06 1.62 -8.11
C VAL A 71 -6.67 2.98 -8.48
N ARG A 72 -7.18 3.72 -7.52
CA ARG A 72 -7.78 5.05 -7.85
C ARG A 72 -6.69 6.09 -8.11
N THR A 73 -5.54 5.94 -7.52
CA THR A 73 -4.45 6.94 -7.72
C THR A 73 -3.72 6.68 -9.04
N VAL A 74 -3.36 5.45 -9.31
CA VAL A 74 -2.65 5.16 -10.59
C VAL A 74 -3.67 4.85 -11.69
N PRO A 75 -3.66 5.58 -12.79
CA PRO A 75 -4.62 5.33 -13.90
C PRO A 75 -4.32 4.03 -14.67
N TYR A 76 -3.07 3.71 -14.83
CA TYR A 76 -2.68 2.47 -15.56
C TYR A 76 -3.25 1.23 -14.88
N PHE A 77 -3.43 1.25 -13.58
CA PHE A 77 -3.96 0.04 -12.89
C PHE A 77 -5.49 0.03 -12.87
N LYS A 78 -6.11 1.11 -13.26
CA LYS A 78 -7.60 1.10 -13.26
C LYS A 78 -8.08 0.01 -14.23
N ASP A 79 -7.41 -0.14 -15.34
CA ASP A 79 -7.81 -1.20 -16.32
C ASP A 79 -7.49 -2.59 -15.76
N LYS A 80 -6.31 -2.76 -15.23
CA LYS A 80 -5.92 -4.09 -14.67
C LYS A 80 -6.52 -4.26 -13.27
N GLY A 81 -6.96 -3.19 -12.66
CA GLY A 81 -7.55 -3.30 -11.29
C GLY A 81 -8.88 -4.06 -11.35
N ASP A 82 -9.73 -3.70 -12.26
CA ASP A 82 -11.03 -4.40 -12.38
C ASP A 82 -10.82 -5.72 -13.10
N SER A 83 -9.61 -6.21 -13.12
CA SER A 83 -9.33 -7.49 -13.82
C SER A 83 -8.18 -8.22 -13.12
N ASN A 84 -8.16 -9.53 -13.20
CA ASN A 84 -7.05 -10.30 -12.55
C ASN A 84 -5.94 -10.55 -13.57
N SER A 85 -5.91 -9.77 -14.62
CA SER A 85 -4.86 -9.99 -15.66
C SER A 85 -3.46 -9.99 -15.03
N SER A 86 -3.20 -9.13 -14.08
CA SER A 86 -1.84 -9.10 -13.47
C SER A 86 -1.92 -8.82 -11.96
N ALA A 87 -2.99 -9.20 -11.32
CA ALA A 87 -3.10 -8.93 -9.85
C ALA A 87 -1.83 -9.38 -9.11
N GLY A 88 -0.92 -10.03 -9.79
CA GLY A 88 0.33 -10.47 -9.09
C GLY A 88 0.87 -9.32 -8.24
N TRP A 89 0.97 -8.14 -8.79
CA TRP A 89 1.49 -6.99 -8.02
C TRP A 89 0.74 -6.85 -6.69
N LYS A 90 -0.51 -7.21 -6.65
CA LYS A 90 -1.28 -7.09 -5.38
C LYS A 90 -0.55 -7.86 -4.27
N ASN A 91 -0.17 -9.07 -4.53
CA ASN A 91 0.54 -9.88 -3.50
C ASN A 91 1.84 -9.18 -3.08
N SER A 92 2.52 -8.56 -4.01
CA SER A 92 3.81 -7.89 -3.65
C SER A 92 3.58 -6.88 -2.52
N ILE A 93 2.57 -6.08 -2.63
CA ILE A 93 2.29 -5.06 -1.57
C ILE A 93 2.08 -5.77 -0.22
N ARG A 94 1.28 -6.79 -0.20
CA ARG A 94 1.02 -7.53 1.06
C ARG A 94 2.34 -8.01 1.68
N HIS A 95 3.18 -8.62 0.90
CA HIS A 95 4.47 -9.14 1.42
C HIS A 95 5.40 -7.99 1.84
N ASN A 96 5.38 -6.89 1.15
CA ASN A 96 6.29 -5.74 1.49
C ASN A 96 5.95 -5.18 2.88
N LEU A 97 4.70 -5.07 3.21
CA LEU A 97 4.34 -4.51 4.55
C LEU A 97 4.99 -5.34 5.67
N SER A 98 5.20 -6.61 5.45
CA SER A 98 5.83 -7.46 6.51
C SER A 98 7.33 -7.20 6.58
N LEU A 99 7.95 -7.00 5.45
CA LEU A 99 9.42 -6.78 5.43
C LEU A 99 9.75 -5.33 5.83
N HIS A 100 10.99 -5.10 6.21
CA HIS A 100 11.42 -3.73 6.63
C HIS A 100 10.59 -3.26 7.83
N SER A 101 11.25 -2.86 8.88
CA SER A 101 10.52 -2.39 10.09
C SER A 101 9.83 -1.06 9.77
N LYS A 102 10.17 -0.47 8.65
CA LYS A 102 9.52 0.82 8.27
C LYS A 102 8.00 0.70 8.45
N PHE A 103 7.49 -0.50 8.32
CA PHE A 103 6.02 -0.71 8.49
C PHE A 103 5.75 -1.36 9.84
N ILE A 104 4.82 -0.84 10.59
CA ILE A 104 4.51 -1.43 11.92
C ILE A 104 3.10 -2.01 11.90
N LYS A 105 2.93 -3.18 12.43
CA LYS A 105 1.58 -3.83 12.43
C LYS A 105 0.75 -3.28 13.59
N VAL A 106 -0.47 -2.90 13.33
CA VAL A 106 -1.35 -2.36 14.40
C VAL A 106 -2.40 -3.41 14.78
N HIS A 107 -2.48 -3.79 16.02
CA HIS A 107 -3.47 -4.83 16.42
C HIS A 107 -4.87 -4.21 16.55
N ASN A 108 -5.63 -4.21 15.48
CA ASN A 108 -7.02 -3.65 15.58
C ASN A 108 -7.93 -4.61 16.34
N GLU A 109 -8.68 -4.11 17.27
CA GLU A 109 -9.61 -4.98 18.03
C GLU A 109 -10.74 -5.43 17.10
N ALA A 110 -11.18 -4.56 16.23
CA ALA A 110 -12.27 -4.90 15.27
C ALA A 110 -11.79 -5.93 14.26
N THR A 111 -11.62 -7.15 14.68
CA THR A 111 -11.14 -8.21 13.74
C THR A 111 -11.99 -8.18 12.46
N GLY A 112 -13.13 -7.55 12.48
CA GLY A 112 -13.97 -7.49 11.26
C GLY A 112 -13.27 -6.63 10.21
N LYS A 113 -12.80 -5.48 10.62
CA LYS A 113 -12.08 -4.58 9.67
C LYS A 113 -10.60 -5.01 9.65
N SER A 114 -9.97 -5.05 8.52
CA SER A 114 -8.54 -5.47 8.47
C SER A 114 -7.72 -4.63 9.46
N SER A 115 -6.58 -5.12 9.85
CA SER A 115 -5.73 -4.36 10.82
C SER A 115 -5.25 -3.05 10.19
N TRP A 116 -4.81 -2.13 11.01
CA TRP A 116 -4.33 -0.82 10.48
C TRP A 116 -2.84 -0.88 10.16
N TRP A 117 -2.43 -0.35 9.04
CA TRP A 117 -0.97 -0.33 8.69
C TRP A 117 -0.43 1.07 9.00
N MET A 118 0.75 1.17 9.56
CA MET A 118 1.31 2.51 9.88
C MET A 118 2.81 2.57 9.56
N LEU A 119 3.32 3.74 9.30
CA LEU A 119 4.77 3.89 8.99
C LEU A 119 5.55 3.84 10.31
N ASN A 120 6.80 3.48 10.28
CA ASN A 120 7.59 3.46 11.53
C ASN A 120 7.65 4.90 12.06
N PRO A 121 7.36 5.11 13.32
CA PRO A 121 7.37 6.47 13.91
C PRO A 121 8.64 7.27 13.58
N GLU A 122 9.52 6.71 12.80
CA GLU A 122 10.76 7.46 12.44
C GLU A 122 10.40 8.62 11.51
N GLY A 123 9.25 8.54 10.87
CA GLY A 123 8.83 9.63 9.95
C GLY A 123 9.44 9.38 8.58
N GLY A 124 8.87 9.95 7.55
CA GLY A 124 9.41 9.75 6.17
C GLY A 124 9.67 11.11 5.53
N SER A 35 16.61 0.86 -1.77
CA SER A 35 17.32 1.46 -2.93
C SER A 35 17.01 0.67 -4.20
N ARG A 36 16.01 -0.16 -4.15
CA ARG A 36 15.63 -0.96 -5.35
C ARG A 36 14.69 -0.16 -6.22
N ARG A 37 14.76 -0.35 -7.52
CA ARG A 37 13.86 0.39 -8.45
C ARG A 37 13.06 -0.61 -9.28
N ASN A 38 11.80 -0.36 -9.46
CA ASN A 38 10.95 -1.29 -10.25
C ASN A 38 9.72 -0.53 -10.73
N ALA A 39 8.71 -1.21 -11.22
CA ALA A 39 7.51 -0.50 -11.71
C ALA A 39 7.96 0.61 -12.66
N TRP A 40 7.52 1.82 -12.46
CA TRP A 40 7.97 2.91 -13.37
C TRP A 40 9.47 3.08 -13.20
N GLY A 41 10.02 2.37 -12.26
CA GLY A 41 11.51 2.44 -12.01
C GLY A 41 11.81 3.45 -10.91
N ASN A 42 11.67 4.72 -11.18
CA ASN A 42 12.00 5.73 -10.14
C ASN A 42 11.11 5.55 -8.91
N GLN A 43 9.99 4.90 -9.06
CA GLN A 43 9.08 4.70 -7.89
C GLN A 43 8.91 3.20 -7.64
N SER A 44 8.98 2.81 -6.39
CA SER A 44 8.80 1.38 -6.04
C SER A 44 7.54 1.23 -5.19
N TYR A 45 7.09 0.03 -4.98
CA TYR A 45 5.87 -0.16 -4.16
C TYR A 45 6.13 0.40 -2.77
N ALA A 46 7.32 0.22 -2.27
CA ALA A 46 7.65 0.76 -0.93
C ALA A 46 7.35 2.26 -0.89
N GLU A 47 7.84 3.01 -1.83
CA GLU A 47 7.59 4.48 -1.85
C GLU A 47 6.11 4.76 -2.15
N LEU A 48 5.54 4.05 -3.07
CA LEU A 48 4.11 4.30 -3.43
C LEU A 48 3.22 4.13 -2.19
N ILE A 49 3.45 3.14 -1.38
CA ILE A 49 2.61 2.97 -0.16
C ILE A 49 2.78 4.18 0.76
N SER A 50 3.98 4.66 0.91
CA SER A 50 4.22 5.83 1.81
C SER A 50 3.31 6.99 1.42
N GLN A 51 3.26 7.31 0.16
CA GLN A 51 2.40 8.45 -0.29
C GLN A 51 0.94 8.20 0.09
N ALA A 52 0.47 6.99 -0.04
CA ALA A 52 -0.94 6.70 0.32
C ALA A 52 -1.18 6.97 1.80
N ILE A 53 -0.36 6.44 2.65
CA ILE A 53 -0.54 6.67 4.11
C ILE A 53 -0.29 8.14 4.46
N GLU A 54 0.69 8.74 3.85
CA GLU A 54 0.99 10.18 4.17
C GLU A 54 -0.20 11.08 3.82
N SER A 55 -0.94 10.77 2.78
CA SER A 55 -2.08 11.65 2.41
C SER A 55 -3.26 11.43 3.37
N ALA A 56 -3.24 10.36 4.12
CA ALA A 56 -4.36 10.11 5.05
C ALA A 56 -4.37 11.20 6.12
N PRO A 57 -5.51 11.50 6.69
CA PRO A 57 -5.65 12.55 7.74
C PRO A 57 -4.87 12.16 9.01
N GLU A 58 -5.28 11.13 9.67
CA GLU A 58 -4.55 10.68 10.88
C GLU A 58 -3.24 10.06 10.42
N LYS A 59 -3.01 10.06 9.13
CA LYS A 59 -1.77 9.47 8.56
C LYS A 59 -1.74 7.97 8.85
N ARG A 60 -2.81 7.30 8.52
CA ARG A 60 -2.87 5.82 8.76
C ARG A 60 -3.88 5.21 7.78
N LEU A 61 -3.73 3.97 7.44
CA LEU A 61 -4.69 3.33 6.47
C LEU A 61 -4.78 1.83 6.76
N THR A 62 -5.84 1.20 6.34
CA THR A 62 -5.95 -0.27 6.53
C THR A 62 -5.38 -0.94 5.28
N LEU A 63 -5.11 -2.21 5.32
CA LEU A 63 -4.54 -2.87 4.12
C LEU A 63 -5.49 -2.71 2.92
N ALA A 64 -6.76 -2.97 3.12
CA ALA A 64 -7.73 -2.85 1.99
C ALA A 64 -7.69 -1.44 1.38
N GLN A 65 -7.55 -0.43 2.20
CA GLN A 65 -7.53 0.97 1.67
C GLN A 65 -6.27 1.19 0.83
N ILE A 66 -5.17 0.57 1.18
CA ILE A 66 -3.93 0.78 0.39
C ILE A 66 -4.14 0.25 -1.03
N TYR A 67 -4.76 -0.89 -1.17
CA TYR A 67 -4.99 -1.45 -2.54
C TYR A 67 -5.83 -0.47 -3.38
N GLU A 68 -6.95 -0.05 -2.86
CA GLU A 68 -7.83 0.88 -3.61
C GLU A 68 -7.09 2.16 -3.99
N TRP A 69 -6.30 2.67 -3.11
CA TRP A 69 -5.58 3.94 -3.40
C TRP A 69 -4.67 3.79 -4.62
N MET A 70 -3.84 2.78 -4.66
CA MET A 70 -2.95 2.61 -5.84
C MET A 70 -3.78 2.53 -7.12
N VAL A 71 -4.83 1.77 -7.10
CA VAL A 71 -5.68 1.64 -8.31
C VAL A 71 -6.37 2.98 -8.61
N ARG A 72 -6.78 3.68 -7.58
CA ARG A 72 -7.49 4.98 -7.76
C ARG A 72 -6.53 6.09 -8.21
N THR A 73 -5.36 6.16 -7.64
CA THR A 73 -4.42 7.26 -8.00
C THR A 73 -3.62 6.91 -9.26
N VAL A 74 -3.21 5.69 -9.39
CA VAL A 74 -2.40 5.29 -10.58
C VAL A 74 -3.30 4.73 -11.69
N PRO A 75 -3.21 5.25 -12.89
CA PRO A 75 -4.02 4.75 -14.03
C PRO A 75 -3.47 3.43 -14.58
N TYR A 76 -2.19 3.22 -14.42
CA TYR A 76 -1.56 1.96 -14.92
C TYR A 76 -2.25 0.76 -14.27
N PHE A 77 -2.67 0.90 -13.04
CA PHE A 77 -3.34 -0.25 -12.35
C PHE A 77 -4.86 -0.20 -12.56
N LYS A 78 -5.39 0.91 -13.02
CA LYS A 78 -6.88 0.98 -13.22
C LYS A 78 -7.31 -0.09 -14.23
N ASP A 79 -6.56 -0.26 -15.27
CA ASP A 79 -6.93 -1.28 -16.29
C ASP A 79 -6.88 -2.66 -15.64
N LYS A 80 -5.86 -2.89 -14.87
CA LYS A 80 -5.72 -4.20 -14.17
C LYS A 80 -6.65 -4.24 -12.95
N GLY A 81 -6.82 -3.11 -12.32
CA GLY A 81 -7.70 -3.05 -11.10
C GLY A 81 -9.12 -3.52 -11.40
N ASP A 82 -9.64 -3.23 -12.56
CA ASP A 82 -11.04 -3.65 -12.86
C ASP A 82 -11.06 -5.15 -13.17
N SER A 83 -9.98 -5.83 -12.92
CA SER A 83 -9.94 -7.29 -13.22
C SER A 83 -8.85 -7.95 -12.37
N ASN A 84 -8.99 -9.22 -12.12
CA ASN A 84 -7.96 -9.94 -11.32
C ASN A 84 -7.03 -10.69 -12.27
N SER A 85 -6.87 -10.19 -13.46
CA SER A 85 -5.98 -10.85 -14.45
C SER A 85 -4.53 -10.82 -13.96
N SER A 86 -4.08 -9.67 -13.51
CA SER A 86 -2.68 -9.56 -13.01
C SER A 86 -2.71 -8.99 -11.59
N ALA A 87 -3.84 -9.06 -10.93
CA ALA A 87 -3.95 -8.53 -9.55
C ALA A 87 -2.88 -9.16 -8.65
N GLY A 88 -2.07 -10.02 -9.18
CA GLY A 88 -1.02 -10.68 -8.35
C GLY A 88 -0.10 -9.62 -7.71
N TRP A 89 0.21 -8.57 -8.42
CA TRP A 89 1.10 -7.53 -7.82
C TRP A 89 0.59 -7.13 -6.44
N LYS A 90 -0.69 -7.28 -6.20
CA LYS A 90 -1.22 -6.89 -4.85
C LYS A 90 -0.50 -7.72 -3.79
N ASN A 91 -0.40 -9.01 -3.98
CA ASN A 91 0.30 -9.85 -3.00
C ASN A 91 1.75 -9.36 -2.87
N SER A 92 2.27 -8.76 -3.89
CA SER A 92 3.66 -8.23 -3.82
C SER A 92 3.75 -7.25 -2.67
N ILE A 93 2.79 -6.38 -2.57
CA ILE A 93 2.77 -5.37 -1.48
C ILE A 93 2.72 -6.09 -0.12
N ARG A 94 1.93 -7.12 0.00
CA ARG A 94 1.87 -7.85 1.30
C ARG A 94 3.27 -8.24 1.74
N HIS A 95 4.09 -8.67 0.82
CA HIS A 95 5.49 -9.07 1.17
C HIS A 95 6.29 -7.87 1.66
N ASN A 96 6.14 -6.75 1.02
CA ASN A 96 6.92 -5.54 1.43
C ASN A 96 6.43 -5.05 2.79
N LEU A 97 5.15 -5.03 3.01
CA LEU A 97 4.64 -4.56 4.32
C LEU A 97 5.19 -5.45 5.44
N SER A 98 5.24 -6.74 5.22
CA SER A 98 5.74 -7.67 6.29
C SER A 98 7.26 -7.85 6.23
N LEU A 99 7.84 -7.93 5.06
CA LEU A 99 9.32 -8.16 4.99
C LEU A 99 10.11 -6.91 5.40
N HIS A 100 9.62 -5.73 5.11
CA HIS A 100 10.38 -4.51 5.50
C HIS A 100 9.90 -4.04 6.88
N SER A 101 10.80 -3.86 7.80
CA SER A 101 10.40 -3.37 9.14
C SER A 101 9.92 -1.92 8.99
N LYS A 102 10.15 -1.35 7.84
CA LYS A 102 9.71 0.05 7.60
C LYS A 102 8.23 0.20 7.97
N PHE A 103 7.46 -0.84 7.79
CA PHE A 103 6.01 -0.78 8.12
C PHE A 103 5.78 -1.43 9.48
N ILE A 104 4.82 -0.94 10.22
CA ILE A 104 4.54 -1.53 11.57
C ILE A 104 3.09 -1.99 11.63
N LYS A 105 2.83 -3.09 12.30
CA LYS A 105 1.44 -3.62 12.38
C LYS A 105 0.68 -2.97 13.55
N VAL A 106 -0.60 -2.70 13.36
CA VAL A 106 -1.41 -2.07 14.44
C VAL A 106 -2.43 -3.08 14.99
N HIS A 107 -2.47 -3.27 16.27
CA HIS A 107 -3.45 -4.24 16.84
C HIS A 107 -4.83 -3.60 16.92
N ASN A 108 -5.60 -3.69 15.86
CA ASN A 108 -6.96 -3.09 15.88
C ASN A 108 -7.84 -3.85 16.87
N GLU A 109 -8.41 -3.17 17.83
CA GLU A 109 -9.27 -3.87 18.82
C GLU A 109 -10.54 -4.35 18.10
N ALA A 110 -11.05 -3.56 17.19
CA ALA A 110 -12.26 -3.95 16.44
C ALA A 110 -11.93 -5.15 15.54
N THR A 111 -11.70 -6.28 16.13
CA THR A 111 -11.35 -7.49 15.34
C THR A 111 -12.29 -7.61 14.12
N GLY A 112 -13.41 -6.95 14.15
CA GLY A 112 -14.36 -7.04 13.00
C GLY A 112 -13.85 -6.23 11.81
N LYS A 113 -12.61 -5.80 11.84
CA LYS A 113 -12.08 -5.00 10.69
C LYS A 113 -10.59 -5.32 10.49
N SER A 114 -10.08 -5.11 9.31
CA SER A 114 -8.64 -5.41 9.05
C SER A 114 -7.77 -4.55 9.96
N SER A 115 -6.58 -5.01 10.28
CA SER A 115 -5.68 -4.23 11.17
C SER A 115 -5.25 -2.93 10.48
N TRP A 116 -4.79 -1.97 11.24
CA TRP A 116 -4.35 -0.68 10.63
C TRP A 116 -2.86 -0.75 10.27
N TRP A 117 -2.42 0.08 9.37
CA TRP A 117 -0.97 0.07 8.98
C TRP A 117 -0.38 1.47 9.21
N MET A 118 0.83 1.54 9.71
CA MET A 118 1.45 2.87 9.99
C MET A 118 2.93 2.87 9.58
N LEU A 119 3.47 4.03 9.28
CA LEU A 119 4.92 4.09 8.92
C LEU A 119 5.73 3.96 10.21
N ASN A 120 6.91 3.42 10.15
CA ASN A 120 7.71 3.29 11.40
C ASN A 120 7.95 4.69 11.97
N PRO A 121 8.35 4.80 13.22
CA PRO A 121 8.60 6.11 13.87
C PRO A 121 9.64 6.94 13.10
N GLU A 122 9.70 6.77 11.82
CA GLU A 122 10.69 7.52 10.99
C GLU A 122 10.59 9.02 11.29
N GLY A 123 9.55 9.45 11.96
CA GLY A 123 9.41 10.90 12.29
C GLY A 123 8.87 11.65 11.06
N GLY A 124 8.31 10.94 10.13
CA GLY A 124 7.76 11.61 8.91
C GLY A 124 8.86 12.41 8.22
N SER A 35 4.59 -3.72 -21.69
CA SER A 35 4.87 -3.59 -20.23
C SER A 35 6.26 -2.98 -20.03
N ARG A 36 6.34 -1.69 -19.88
CA ARG A 36 7.67 -1.02 -19.67
C ARG A 36 7.69 -0.42 -18.27
N ARG A 37 8.82 -0.49 -17.61
CA ARG A 37 8.91 0.06 -16.22
C ARG A 37 8.62 1.57 -16.21
N ASN A 38 9.19 2.31 -17.11
CA ASN A 38 8.98 3.79 -17.12
C ASN A 38 7.49 4.15 -17.21
N ALA A 39 6.62 3.20 -17.13
CA ALA A 39 5.16 3.54 -17.23
C ALA A 39 4.86 4.71 -16.29
N TRP A 40 5.32 4.66 -15.06
CA TRP A 40 5.06 5.79 -14.12
C TRP A 40 6.39 6.36 -13.60
N GLY A 41 7.39 5.54 -13.35
CA GLY A 41 8.69 6.09 -12.86
C GLY A 41 9.52 5.05 -12.10
N ASN A 42 9.46 3.79 -12.49
CA ASN A 42 10.27 2.74 -11.78
C ASN A 42 10.40 3.04 -10.28
N GLN A 43 9.31 3.25 -9.60
CA GLN A 43 9.40 3.56 -8.13
C GLN A 43 9.13 2.28 -7.33
N SER A 44 9.92 2.02 -6.32
CA SER A 44 9.71 0.81 -5.50
C SER A 44 8.33 0.86 -4.85
N TYR A 45 7.74 -0.28 -4.59
CA TYR A 45 6.38 -0.29 -3.99
C TYR A 45 6.42 0.40 -2.61
N ALA A 46 7.46 0.21 -1.87
CA ALA A 46 7.54 0.85 -0.52
C ALA A 46 7.40 2.37 -0.67
N GLU A 47 8.03 2.95 -1.65
CA GLU A 47 7.93 4.44 -1.83
C GLU A 47 6.49 4.81 -2.16
N LEU A 48 5.85 4.08 -3.03
CA LEU A 48 4.45 4.42 -3.40
C LEU A 48 3.54 4.24 -2.18
N ILE A 49 3.68 3.14 -1.49
CA ILE A 49 2.81 2.89 -0.31
C ILE A 49 3.02 4.00 0.74
N SER A 50 4.24 4.42 0.95
CA SER A 50 4.46 5.49 1.97
C SER A 50 3.60 6.69 1.63
N GLN A 51 3.57 7.07 0.38
CA GLN A 51 2.73 8.25 -0.01
C GLN A 51 1.26 7.93 0.25
N ALA A 52 0.85 6.72 -0.04
CA ALA A 52 -0.57 6.35 0.19
C ALA A 52 -0.92 6.53 1.66
N ILE A 53 -0.18 5.93 2.54
CA ILE A 53 -0.49 6.07 3.99
C ILE A 53 -0.29 7.53 4.43
N GLU A 54 0.79 8.14 4.02
CA GLU A 54 1.04 9.56 4.40
C GLU A 54 -0.07 10.46 3.86
N SER A 55 -0.63 10.13 2.72
CA SER A 55 -1.71 10.99 2.15
C SER A 55 -3.04 10.72 2.85
N ALA A 56 -3.11 9.71 3.67
CA ALA A 56 -4.38 9.42 4.37
C ALA A 56 -4.65 10.51 5.40
N PRO A 57 -5.90 10.85 5.62
CA PRO A 57 -6.28 11.92 6.60
C PRO A 57 -5.65 11.65 7.97
N GLU A 58 -6.00 10.56 8.60
CA GLU A 58 -5.40 10.24 9.92
C GLU A 58 -4.01 9.68 9.69
N LYS A 59 -3.62 9.56 8.44
CA LYS A 59 -2.27 9.01 8.10
C LYS A 59 -2.18 7.55 8.49
N ARG A 60 -3.20 6.78 8.22
CA ARG A 60 -3.19 5.33 8.59
C ARG A 60 -4.14 4.60 7.65
N LEU A 61 -3.76 3.46 7.13
CA LEU A 61 -4.68 2.74 6.19
C LEU A 61 -4.54 1.23 6.32
N THR A 62 -5.55 0.51 5.91
CA THR A 62 -5.52 -0.98 5.96
C THR A 62 -5.04 -1.52 4.61
N LEU A 63 -4.91 -2.81 4.49
CA LEU A 63 -4.47 -3.39 3.21
C LEU A 63 -5.46 -3.02 2.10
N ALA A 64 -6.73 -3.19 2.36
CA ALA A 64 -7.77 -2.84 1.34
C ALA A 64 -7.69 -1.34 0.99
N GLN A 65 -7.58 -0.50 1.98
CA GLN A 65 -7.52 0.96 1.70
C GLN A 65 -6.24 1.32 0.95
N ILE A 66 -5.16 0.63 1.22
CA ILE A 66 -3.89 0.95 0.50
C ILE A 66 -4.08 0.73 -1.00
N TYR A 67 -4.67 -0.37 -1.38
CA TYR A 67 -4.85 -0.64 -2.83
C TYR A 67 -5.63 0.52 -3.46
N GLU A 68 -6.63 1.01 -2.78
CA GLU A 68 -7.46 2.12 -3.33
C GLU A 68 -6.59 3.32 -3.72
N TRP A 69 -5.64 3.68 -2.90
CA TRP A 69 -4.79 4.85 -3.24
C TRP A 69 -4.08 4.59 -4.57
N MET A 70 -3.53 3.43 -4.75
CA MET A 70 -2.81 3.12 -6.03
C MET A 70 -3.73 3.34 -7.23
N VAL A 71 -4.96 2.92 -7.17
CA VAL A 71 -5.87 3.13 -8.33
C VAL A 71 -6.15 4.62 -8.49
N ARG A 72 -6.41 5.29 -7.40
CA ARG A 72 -6.70 6.75 -7.48
C ARG A 72 -5.46 7.49 -7.99
N THR A 73 -4.32 7.10 -7.52
CA THR A 73 -3.07 7.79 -7.94
C THR A 73 -2.58 7.24 -9.30
N VAL A 74 -2.58 5.95 -9.45
CA VAL A 74 -2.08 5.35 -10.73
C VAL A 74 -3.24 5.10 -11.70
N PRO A 75 -3.23 5.73 -12.86
CA PRO A 75 -4.30 5.54 -13.90
C PRO A 75 -4.11 4.25 -14.71
N TYR A 76 -2.89 3.97 -15.13
CA TYR A 76 -2.65 2.75 -15.94
C TYR A 76 -3.10 1.50 -15.17
N PHE A 77 -3.28 1.61 -13.88
CA PHE A 77 -3.70 0.42 -13.09
C PHE A 77 -5.23 0.31 -13.08
N LYS A 78 -5.94 1.27 -13.61
CA LYS A 78 -7.42 1.17 -13.59
C LYS A 78 -7.87 -0.11 -14.31
N ASP A 79 -7.24 -0.44 -15.40
CA ASP A 79 -7.62 -1.68 -16.13
C ASP A 79 -7.24 -2.88 -15.26
N LYS A 80 -6.22 -2.75 -14.46
CA LYS A 80 -5.81 -3.89 -13.58
C LYS A 80 -6.85 -4.05 -12.45
N GLY A 81 -7.44 -2.97 -11.99
CA GLY A 81 -8.45 -3.07 -10.89
C GLY A 81 -9.73 -3.72 -11.42
N ASP A 82 -10.12 -3.38 -12.61
CA ASP A 82 -11.35 -3.99 -13.18
C ASP A 82 -11.02 -5.42 -13.58
N SER A 83 -9.82 -5.85 -13.30
CA SER A 83 -9.39 -7.22 -13.67
C SER A 83 -9.04 -8.02 -12.42
N ASN A 84 -9.35 -9.29 -12.43
CA ASN A 84 -9.04 -10.15 -11.26
C ASN A 84 -7.55 -10.03 -10.91
N SER A 85 -6.78 -9.47 -11.81
CA SER A 85 -5.32 -9.31 -11.56
C SER A 85 -5.09 -8.63 -10.21
N SER A 86 -6.11 -8.06 -9.64
CA SER A 86 -5.94 -7.36 -8.32
C SER A 86 -5.45 -8.37 -7.27
N ALA A 87 -5.87 -9.60 -7.36
CA ALA A 87 -5.44 -10.61 -6.36
C ALA A 87 -3.91 -10.69 -6.32
N GLY A 88 -3.26 -10.64 -7.45
CA GLY A 88 -1.78 -10.72 -7.46
C GLY A 88 -1.22 -9.70 -6.47
N TRP A 89 -1.89 -8.59 -6.31
CA TRP A 89 -1.40 -7.56 -5.36
C TRP A 89 -1.20 -8.19 -3.98
N LYS A 90 -2.10 -9.05 -3.59
CA LYS A 90 -2.00 -9.69 -2.25
C LYS A 90 -0.55 -10.04 -1.94
N ASN A 91 0.01 -11.01 -2.61
CA ASN A 91 1.42 -11.39 -2.32
C ASN A 91 2.37 -10.22 -2.58
N SER A 92 2.21 -9.54 -3.69
CA SER A 92 3.13 -8.41 -3.99
C SER A 92 3.07 -7.35 -2.88
N ILE A 93 1.92 -6.78 -2.63
CA ILE A 93 1.83 -5.74 -1.57
C ILE A 93 2.22 -6.36 -0.22
N ARG A 94 1.74 -7.54 0.07
CA ARG A 94 2.09 -8.20 1.37
C ARG A 94 3.61 -8.34 1.48
N HIS A 95 4.28 -8.60 0.39
CA HIS A 95 5.76 -8.78 0.44
C HIS A 95 6.44 -7.50 0.94
N ASN A 96 6.05 -6.37 0.44
CA ASN A 96 6.70 -5.09 0.88
C ASN A 96 6.29 -4.74 2.32
N LEU A 97 5.04 -4.91 2.65
CA LEU A 97 4.58 -4.56 4.03
C LEU A 97 5.33 -5.38 5.09
N SER A 98 5.61 -6.61 4.84
CA SER A 98 6.32 -7.44 5.87
C SER A 98 7.80 -7.05 5.93
N LEU A 99 8.39 -6.67 4.83
CA LEU A 99 9.83 -6.31 4.82
C LEU A 99 10.06 -4.89 5.37
N HIS A 100 11.27 -4.61 5.78
CA HIS A 100 11.62 -3.25 6.31
C HIS A 100 10.75 -2.90 7.51
N SER A 101 11.35 -2.77 8.66
CA SER A 101 10.57 -2.42 9.87
C SER A 101 9.88 -1.08 9.65
N LYS A 102 10.14 -0.44 8.54
CA LYS A 102 9.49 0.87 8.28
C LYS A 102 7.99 0.73 8.51
N PHE A 103 7.46 -0.42 8.18
CA PHE A 103 6.01 -0.67 8.39
C PHE A 103 5.82 -1.31 9.76
N ILE A 104 4.85 -0.86 10.51
CA ILE A 104 4.62 -1.47 11.86
C ILE A 104 3.22 -2.07 11.90
N LYS A 105 3.09 -3.23 12.46
CA LYS A 105 1.75 -3.89 12.50
C LYS A 105 0.89 -3.27 13.61
N VAL A 106 -0.34 -2.98 13.29
CA VAL A 106 -1.27 -2.36 14.29
C VAL A 106 -2.35 -3.36 14.68
N HIS A 107 -2.57 -3.56 15.95
CA HIS A 107 -3.61 -4.53 16.40
C HIS A 107 -5.00 -3.91 16.28
N ASN A 108 -5.72 -4.22 15.23
CA ASN A 108 -7.09 -3.65 15.07
C ASN A 108 -8.00 -4.27 16.12
N GLU A 109 -8.64 -3.47 16.93
CA GLU A 109 -9.56 -4.04 17.94
C GLU A 109 -10.74 -4.67 17.21
N ALA A 110 -11.21 -4.03 16.17
CA ALA A 110 -12.34 -4.60 15.38
C ALA A 110 -11.84 -5.85 14.65
N THR A 111 -11.51 -6.88 15.38
CA THR A 111 -11.01 -8.12 14.70
C THR A 111 -11.88 -8.44 13.49
N GLY A 112 -13.15 -8.11 13.55
CA GLY A 112 -14.05 -8.38 12.41
C GLY A 112 -13.82 -7.33 11.31
N LYS A 113 -12.62 -6.85 11.18
CA LYS A 113 -12.31 -5.82 10.14
C LYS A 113 -10.85 -5.98 9.72
N SER A 114 -10.47 -5.45 8.59
CA SER A 114 -9.05 -5.61 8.12
C SER A 114 -8.10 -4.97 9.12
N SER A 115 -6.93 -5.55 9.28
CA SER A 115 -5.93 -4.99 10.25
C SER A 115 -5.42 -3.62 9.75
N TRP A 116 -4.95 -2.80 10.64
CA TRP A 116 -4.43 -1.46 10.24
C TRP A 116 -2.91 -1.54 9.99
N TRP A 117 -2.39 -0.59 9.23
CA TRP A 117 -0.92 -0.59 8.94
C TRP A 117 -0.40 0.85 9.10
N MET A 118 0.78 1.00 9.66
CA MET A 118 1.35 2.37 9.86
C MET A 118 2.84 2.40 9.56
N LEU A 119 3.36 3.54 9.17
CA LEU A 119 4.82 3.65 8.90
C LEU A 119 5.56 3.81 10.22
N ASN A 120 6.86 3.65 10.22
CA ASN A 120 7.63 3.80 11.49
C ASN A 120 7.30 5.17 12.14
N PRO A 121 7.17 5.21 13.45
CA PRO A 121 6.85 6.48 14.20
C PRO A 121 8.04 7.45 14.28
N GLU A 122 9.21 7.02 13.90
CA GLU A 122 10.39 7.91 13.99
C GLU A 122 10.45 8.85 12.78
N GLY A 123 10.56 10.14 13.02
CA GLY A 123 10.62 11.10 11.90
C GLY A 123 9.46 10.83 10.92
N GLY A 124 9.67 11.07 9.66
CA GLY A 124 8.58 10.83 8.67
C GLY A 124 7.27 11.42 9.17
N SER A 35 10.57 -5.56 -15.79
CA SER A 35 11.09 -4.99 -14.51
C SER A 35 12.39 -4.25 -14.77
N ARG A 36 12.85 -4.25 -15.99
CA ARG A 36 14.11 -3.53 -16.30
C ARG A 36 13.85 -2.03 -16.31
N ARG A 37 12.96 -1.60 -15.45
CA ARG A 37 12.64 -0.15 -15.37
C ARG A 37 12.19 0.39 -16.73
N ASN A 38 11.35 -0.35 -17.42
CA ASN A 38 10.85 0.13 -18.73
C ASN A 38 9.91 1.31 -18.53
N ALA A 39 9.06 1.23 -17.53
CA ALA A 39 8.10 2.33 -17.28
C ALA A 39 8.45 3.03 -15.97
N TRP A 40 7.48 3.63 -15.35
CA TRP A 40 7.72 4.35 -14.06
C TRP A 40 8.24 3.34 -13.03
N GLY A 41 8.37 2.10 -13.40
CA GLY A 41 8.86 1.07 -12.43
C GLY A 41 10.13 1.56 -11.74
N ASN A 42 10.66 2.69 -12.14
CA ASN A 42 11.89 3.19 -11.46
C ASN A 42 11.55 3.44 -9.99
N GLN A 43 10.30 3.66 -9.71
CA GLN A 43 9.87 3.90 -8.29
C GLN A 43 9.50 2.55 -7.66
N SER A 44 9.87 2.35 -6.44
CA SER A 44 9.53 1.06 -5.77
C SER A 44 8.12 1.16 -5.21
N TYR A 45 7.47 0.05 -4.99
CA TYR A 45 6.09 0.10 -4.43
C TYR A 45 6.13 0.72 -3.03
N ALA A 46 7.16 0.42 -2.29
CA ALA A 46 7.28 0.97 -0.91
C ALA A 46 7.14 2.50 -0.92
N GLU A 47 7.82 3.16 -1.82
CA GLU A 47 7.74 4.65 -1.87
C GLU A 47 6.30 5.06 -2.20
N LEU A 48 5.64 4.36 -3.08
CA LEU A 48 4.23 4.74 -3.42
C LEU A 48 3.35 4.61 -2.18
N ILE A 49 3.50 3.54 -1.43
CA ILE A 49 2.66 3.39 -0.20
C ILE A 49 2.90 4.56 0.75
N SER A 50 4.14 4.96 0.88
CA SER A 50 4.47 6.08 1.81
C SER A 50 3.59 7.30 1.49
N GLN A 51 3.54 7.72 0.26
CA GLN A 51 2.71 8.91 -0.07
C GLN A 51 1.25 8.65 0.29
N ALA A 52 0.78 7.44 0.08
CA ALA A 52 -0.64 7.14 0.41
C ALA A 52 -0.90 7.37 1.91
N ILE A 53 -0.13 6.78 2.76
CA ILE A 53 -0.35 6.97 4.23
C ILE A 53 -0.02 8.41 4.63
N GLU A 54 1.05 8.94 4.10
CA GLU A 54 1.44 10.33 4.45
C GLU A 54 0.40 11.33 3.91
N SER A 55 -0.32 11.00 2.87
CA SER A 55 -1.31 11.97 2.32
C SER A 55 -2.58 12.01 3.20
N ALA A 56 -2.96 10.91 3.80
CA ALA A 56 -4.18 10.93 4.63
C ALA A 56 -3.91 11.72 5.93
N PRO A 57 -4.89 12.46 6.41
CA PRO A 57 -4.73 13.25 7.66
C PRO A 57 -4.62 12.36 8.90
N GLU A 58 -5.33 11.26 8.91
CA GLU A 58 -5.30 10.33 10.09
C GLU A 58 -3.93 9.62 10.13
N LYS A 59 -3.31 9.45 9.00
CA LYS A 59 -1.98 8.78 8.95
C LYS A 59 -2.13 7.29 9.26
N ARG A 60 -3.16 6.65 8.78
CA ARG A 60 -3.35 5.20 9.06
C ARG A 60 -4.22 4.59 7.96
N LEU A 61 -3.82 3.48 7.40
CA LEU A 61 -4.65 2.85 6.32
C LEU A 61 -4.62 1.33 6.45
N THR A 62 -5.64 0.67 5.98
CA THR A 62 -5.68 -0.82 6.03
C THR A 62 -5.10 -1.37 4.73
N LEU A 63 -4.95 -2.66 4.62
CA LEU A 63 -4.40 -3.24 3.36
C LEU A 63 -5.30 -2.87 2.18
N ALA A 64 -6.58 -3.06 2.31
CA ALA A 64 -7.51 -2.75 1.19
C ALA A 64 -7.35 -1.28 0.76
N GLN A 65 -7.19 -0.40 1.69
CA GLN A 65 -7.06 1.04 1.35
C GLN A 65 -5.80 1.29 0.55
N ILE A 66 -4.73 0.60 0.82
CA ILE A 66 -3.49 0.84 0.03
C ILE A 66 -3.77 0.53 -1.44
N TYR A 67 -4.36 -0.61 -1.72
CA TYR A 67 -4.67 -0.96 -3.12
C TYR A 67 -5.60 0.09 -3.74
N GLU A 68 -6.70 0.36 -3.09
CA GLU A 68 -7.67 1.37 -3.62
C GLU A 68 -6.96 2.71 -3.84
N TRP A 69 -6.08 3.09 -2.96
CA TRP A 69 -5.37 4.38 -3.13
C TRP A 69 -4.59 4.38 -4.44
N MET A 70 -3.76 3.39 -4.64
CA MET A 70 -2.96 3.31 -5.90
C MET A 70 -3.89 3.27 -7.11
N VAL A 71 -4.88 2.44 -7.10
CA VAL A 71 -5.80 2.35 -8.26
C VAL A 71 -6.52 3.69 -8.45
N ARG A 72 -6.97 4.28 -7.38
CA ARG A 72 -7.68 5.59 -7.51
C ARG A 72 -6.73 6.66 -8.02
N THR A 73 -5.51 6.65 -7.54
CA THR A 73 -4.53 7.68 -7.97
C THR A 73 -3.77 7.22 -9.23
N VAL A 74 -3.43 5.96 -9.31
CA VAL A 74 -2.67 5.47 -10.51
C VAL A 74 -3.57 4.63 -11.42
N PRO A 75 -4.38 5.25 -12.24
CA PRO A 75 -5.29 4.53 -13.19
C PRO A 75 -4.61 3.36 -13.90
N TYR A 76 -3.30 3.34 -13.96
CA TYR A 76 -2.58 2.24 -14.68
C TYR A 76 -2.98 0.87 -14.12
N PHE A 77 -3.33 0.79 -12.86
CA PHE A 77 -3.68 -0.53 -12.28
C PHE A 77 -5.16 -0.88 -12.51
N LYS A 78 -5.93 0.04 -13.04
CA LYS A 78 -7.38 -0.27 -13.29
C LYS A 78 -7.49 -1.41 -14.30
N ASP A 79 -6.61 -1.48 -15.27
CA ASP A 79 -6.72 -2.55 -16.28
C ASP A 79 -6.53 -3.90 -15.59
N LYS A 80 -5.52 -4.01 -14.77
CA LYS A 80 -5.30 -5.30 -14.05
C LYS A 80 -6.45 -5.53 -13.07
N GLY A 81 -6.88 -4.50 -12.39
CA GLY A 81 -8.01 -4.67 -11.43
C GLY A 81 -9.17 -5.34 -12.15
N ASP A 82 -9.34 -5.04 -13.41
CA ASP A 82 -10.45 -5.66 -14.18
C ASP A 82 -10.09 -7.10 -14.56
N SER A 83 -8.93 -7.57 -14.20
CA SER A 83 -8.51 -8.95 -14.59
C SER A 83 -8.01 -9.72 -13.37
N ASN A 84 -8.07 -11.02 -13.44
CA ASN A 84 -7.56 -11.88 -12.30
C ASN A 84 -6.07 -11.62 -12.14
N SER A 85 -5.47 -10.96 -13.09
CA SER A 85 -4.00 -10.68 -13.01
C SER A 85 -3.70 -9.75 -11.82
N SER A 86 -4.63 -8.91 -11.45
CA SER A 86 -4.36 -7.98 -10.31
C SER A 86 -3.92 -8.79 -9.08
N ALA A 87 -4.30 -10.03 -9.01
CA ALA A 87 -3.90 -10.86 -7.84
C ALA A 87 -2.37 -10.95 -7.79
N GLY A 88 -1.71 -10.72 -8.90
CA GLY A 88 -0.22 -10.80 -8.93
C GLY A 88 0.40 -9.69 -8.06
N TRP A 89 0.41 -8.48 -8.56
CA TRP A 89 1.00 -7.36 -7.78
C TRP A 89 0.38 -7.31 -6.38
N LYS A 90 -0.83 -7.75 -6.24
CA LYS A 90 -1.48 -7.72 -4.90
C LYS A 90 -0.64 -8.53 -3.92
N ASN A 91 -0.42 -9.78 -4.20
CA ASN A 91 0.40 -10.63 -3.30
C ASN A 91 1.77 -9.98 -3.11
N SER A 92 2.27 -9.34 -4.13
CA SER A 92 3.61 -8.68 -4.03
C SER A 92 3.61 -7.64 -2.91
N ILE A 93 2.66 -6.74 -2.92
CA ILE A 93 2.61 -5.69 -1.87
C ILE A 93 2.50 -6.34 -0.49
N ARG A 94 1.74 -7.40 -0.38
CA ARG A 94 1.60 -8.08 0.95
C ARG A 94 2.97 -8.42 1.53
N HIS A 95 3.87 -8.94 0.74
CA HIS A 95 5.21 -9.32 1.28
C HIS A 95 6.04 -8.09 1.69
N ASN A 96 5.83 -6.96 1.07
CA ASN A 96 6.64 -5.76 1.43
C ASN A 96 6.24 -5.25 2.82
N LEU A 97 4.97 -5.17 3.09
CA LEU A 97 4.52 -4.69 4.42
C LEU A 97 5.08 -5.60 5.52
N SER A 98 5.20 -6.87 5.25
CA SER A 98 5.69 -7.83 6.29
C SER A 98 7.22 -7.89 6.36
N LEU A 99 7.90 -7.92 5.24
CA LEU A 99 9.40 -8.04 5.27
C LEU A 99 10.08 -6.69 5.59
N HIS A 100 9.32 -5.63 5.66
CA HIS A 100 9.95 -4.30 5.98
C HIS A 100 9.63 -3.91 7.42
N SER A 101 10.63 -3.52 8.17
CA SER A 101 10.38 -3.11 9.59
C SER A 101 9.78 -1.71 9.62
N LYS A 102 10.05 -0.90 8.63
CA LYS A 102 9.49 0.47 8.63
C LYS A 102 7.99 0.38 8.85
N PHE A 103 7.38 -0.65 8.33
CA PHE A 103 5.92 -0.82 8.50
C PHE A 103 5.65 -1.52 9.83
N ILE A 104 4.88 -0.91 10.70
CA ILE A 104 4.60 -1.55 12.01
C ILE A 104 3.16 -2.06 12.02
N LYS A 105 2.91 -3.16 12.69
CA LYS A 105 1.53 -3.70 12.72
C LYS A 105 0.70 -2.98 13.79
N VAL A 106 -0.53 -2.67 13.48
CA VAL A 106 -1.41 -1.95 14.45
C VAL A 106 -2.50 -2.89 14.96
N HIS A 107 -2.69 -2.97 16.25
CA HIS A 107 -3.77 -3.86 16.79
C HIS A 107 -5.13 -3.14 16.72
N ASN A 108 -5.97 -3.54 15.81
CA ASN A 108 -7.31 -2.89 15.67
C ASN A 108 -8.21 -3.24 16.88
N GLU A 109 -8.30 -2.38 17.84
CA GLU A 109 -9.15 -2.67 19.03
C GLU A 109 -10.64 -2.49 18.66
N ALA A 110 -10.90 -1.94 17.51
CA ALA A 110 -12.33 -1.72 17.10
C ALA A 110 -13.05 -3.06 16.96
N THR A 111 -12.88 -3.95 17.89
CA THR A 111 -13.57 -5.27 17.80
C THR A 111 -12.93 -6.10 16.68
N GLY A 112 -11.85 -5.64 16.12
CA GLY A 112 -11.17 -6.44 15.04
C GLY A 112 -11.83 -6.18 13.68
N LYS A 113 -11.91 -4.95 13.25
CA LYS A 113 -12.52 -4.67 11.92
C LYS A 113 -11.45 -4.79 10.83
N SER A 114 -10.22 -4.53 11.17
CA SER A 114 -9.13 -4.62 10.14
C SER A 114 -7.82 -4.10 10.76
N SER A 115 -6.76 -4.85 10.70
CA SER A 115 -5.47 -4.36 11.27
C SER A 115 -4.97 -3.18 10.44
N TRP A 116 -4.67 -2.07 11.07
CA TRP A 116 -4.19 -0.89 10.32
C TRP A 116 -2.68 -0.95 10.10
N TRP A 117 -2.20 -0.27 9.09
CA TRP A 117 -0.74 -0.27 8.82
C TRP A 117 -0.19 1.15 9.11
N MET A 118 0.96 1.26 9.72
CA MET A 118 1.53 2.60 10.04
C MET A 118 3.03 2.63 9.74
N LEU A 119 3.55 3.78 9.37
CA LEU A 119 5.01 3.86 9.12
C LEU A 119 5.74 3.90 10.48
N ASN A 120 6.95 3.44 10.54
CA ASN A 120 7.69 3.44 11.84
C ASN A 120 7.82 4.87 12.37
N PRO A 121 7.44 5.12 13.61
CA PRO A 121 7.54 6.47 14.24
C PRO A 121 8.98 6.87 14.56
N GLU A 122 9.72 6.00 15.19
CA GLU A 122 11.13 6.37 15.54
C GLU A 122 11.89 6.70 14.25
N GLY A 123 11.51 6.08 13.17
CA GLY A 123 12.18 6.36 11.86
C GLY A 123 11.29 7.28 11.04
N GLY A 124 10.14 6.80 10.62
CA GLY A 124 9.22 7.65 9.82
C GLY A 124 8.72 6.85 8.61
N SER A 35 6.20 -8.43 -9.49
CA SER A 35 7.35 -7.99 -8.66
C SER A 35 8.52 -7.57 -9.55
N ARG A 36 8.60 -8.10 -10.74
CA ARG A 36 9.72 -7.72 -11.65
C ARG A 36 9.66 -6.23 -11.94
N ARG A 37 10.74 -5.66 -12.40
CA ARG A 37 10.78 -4.20 -12.69
C ARG A 37 10.57 -3.95 -14.18
N ASN A 38 9.65 -3.07 -14.52
CA ASN A 38 9.40 -2.75 -15.95
C ASN A 38 8.91 -1.30 -16.07
N ALA A 39 9.35 -0.58 -17.08
CA ALA A 39 8.91 0.84 -17.25
C ALA A 39 9.01 1.57 -15.91
N TRP A 40 8.14 2.51 -15.66
CA TRP A 40 8.22 3.23 -14.36
C TRP A 40 8.33 2.19 -13.25
N GLY A 41 8.04 0.95 -13.55
CA GLY A 41 8.16 -0.11 -12.52
C GLY A 41 9.55 -0.06 -11.91
N ASN A 42 10.39 0.79 -12.44
CA ASN A 42 11.77 0.90 -11.90
C ASN A 42 11.68 1.43 -10.46
N GLN A 43 10.67 2.22 -10.18
CA GLN A 43 10.51 2.76 -8.81
C GLN A 43 10.31 1.59 -7.84
N SER A 44 10.68 1.76 -6.60
CA SER A 44 10.50 0.65 -5.62
C SER A 44 9.09 0.71 -5.04
N TYR A 45 8.48 -0.41 -4.79
CA TYR A 45 7.10 -0.40 -4.22
C TYR A 45 7.10 0.23 -2.83
N ALA A 46 8.17 0.04 -2.08
CA ALA A 46 8.23 0.64 -0.72
C ALA A 46 7.90 2.13 -0.78
N GLU A 47 8.41 2.81 -1.76
CA GLU A 47 8.15 4.26 -1.90
C GLU A 47 6.67 4.52 -2.21
N LEU A 48 6.10 3.76 -3.12
CA LEU A 48 4.68 3.99 -3.48
C LEU A 48 3.77 3.71 -2.28
N ILE A 49 4.00 2.64 -1.58
CA ILE A 49 3.12 2.34 -0.40
C ILE A 49 3.14 3.52 0.58
N SER A 50 4.30 4.09 0.82
CA SER A 50 4.39 5.22 1.78
C SER A 50 3.49 6.37 1.31
N GLN A 51 3.47 6.64 0.02
CA GLN A 51 2.63 7.75 -0.48
C GLN A 51 1.18 7.52 -0.08
N ALA A 52 0.76 6.29 -0.08
CA ALA A 52 -0.66 6.00 0.31
C ALA A 52 -0.93 6.50 1.73
N ILE A 53 -0.19 6.04 2.69
CA ILE A 53 -0.43 6.49 4.09
C ILE A 53 -0.15 8.00 4.23
N GLU A 54 0.93 8.47 3.67
CA GLU A 54 1.24 9.93 3.79
C GLU A 54 0.10 10.74 3.16
N SER A 55 -0.55 10.22 2.16
CA SER A 55 -1.66 10.98 1.53
C SER A 55 -2.88 10.93 2.44
N ALA A 56 -2.99 9.92 3.26
CA ALA A 56 -4.16 9.82 4.18
C ALA A 56 -4.06 10.91 5.26
N PRO A 57 -5.19 11.37 5.74
CA PRO A 57 -5.25 12.43 6.80
C PRO A 57 -4.56 12.02 8.09
N GLU A 58 -5.07 11.01 8.74
CA GLU A 58 -4.46 10.56 10.02
C GLU A 58 -3.27 9.65 9.73
N LYS A 59 -2.93 9.47 8.49
CA LYS A 59 -1.78 8.59 8.15
C LYS A 59 -2.08 7.19 8.68
N ARG A 60 -3.12 6.57 8.18
CA ARG A 60 -3.50 5.20 8.63
C ARG A 60 -4.35 4.55 7.54
N LEU A 61 -3.99 3.37 7.10
CA LEU A 61 -4.81 2.69 6.05
C LEU A 61 -4.72 1.18 6.25
N THR A 62 -5.80 0.46 6.07
CA THR A 62 -5.77 -1.02 6.24
C THR A 62 -5.23 -1.64 4.95
N LEU A 63 -5.01 -2.92 4.92
CA LEU A 63 -4.46 -3.54 3.67
C LEU A 63 -5.40 -3.24 2.49
N ALA A 64 -6.68 -3.42 2.66
CA ALA A 64 -7.63 -3.14 1.54
C ALA A 64 -7.57 -1.68 1.10
N GLN A 65 -7.43 -0.77 2.03
CA GLN A 65 -7.40 0.67 1.65
C GLN A 65 -6.12 0.99 0.88
N ILE A 66 -5.03 0.35 1.20
CA ILE A 66 -3.77 0.65 0.47
C ILE A 66 -3.96 0.30 -1.02
N TYR A 67 -4.57 -0.80 -1.31
CA TYR A 67 -4.79 -1.17 -2.74
C TYR A 67 -5.59 -0.06 -3.42
N GLU A 68 -6.64 0.38 -2.78
CA GLU A 68 -7.51 1.44 -3.37
C GLU A 68 -6.72 2.73 -3.62
N TRP A 69 -5.83 3.11 -2.75
CA TRP A 69 -5.08 4.38 -3.00
C TRP A 69 -4.34 4.27 -4.34
N MET A 70 -3.61 3.20 -4.55
CA MET A 70 -2.88 3.04 -5.83
C MET A 70 -3.86 3.13 -7.01
N VAL A 71 -5.02 2.52 -6.89
CA VAL A 71 -6.01 2.57 -8.00
C VAL A 71 -6.55 3.99 -8.12
N ARG A 72 -6.86 4.60 -7.01
CA ARG A 72 -7.40 5.99 -7.03
C ARG A 72 -6.34 6.95 -7.53
N THR A 73 -5.10 6.71 -7.18
CA THR A 73 -4.02 7.62 -7.62
C THR A 73 -3.50 7.17 -8.98
N VAL A 74 -2.96 5.98 -9.08
CA VAL A 74 -2.45 5.50 -10.39
C VAL A 74 -3.61 4.87 -11.18
N PRO A 75 -4.00 5.47 -12.28
CA PRO A 75 -5.13 4.95 -13.11
C PRO A 75 -4.69 3.78 -13.99
N TYR A 76 -3.41 3.61 -14.15
CA TYR A 76 -2.91 2.49 -15.01
C TYR A 76 -3.32 1.14 -14.42
N PHE A 77 -3.86 1.11 -13.23
CA PHE A 77 -4.25 -0.18 -12.61
C PHE A 77 -5.75 -0.45 -12.80
N LYS A 78 -6.53 0.55 -13.08
CA LYS A 78 -8.00 0.32 -13.25
C LYS A 78 -8.25 -0.68 -14.37
N ASP A 79 -7.53 -0.58 -15.44
CA ASP A 79 -7.75 -1.52 -16.58
C ASP A 79 -7.29 -2.93 -16.20
N LYS A 80 -6.37 -3.04 -15.27
CA LYS A 80 -5.90 -4.38 -14.87
C LYS A 80 -6.81 -4.93 -13.75
N GLY A 81 -7.85 -4.20 -13.43
CA GLY A 81 -8.78 -4.65 -12.36
C GLY A 81 -9.74 -5.73 -12.89
N ASP A 82 -10.47 -5.43 -13.93
CA ASP A 82 -11.42 -6.44 -14.49
C ASP A 82 -10.63 -7.53 -15.21
N SER A 83 -9.52 -7.18 -15.78
CA SER A 83 -8.68 -8.19 -16.50
C SER A 83 -8.41 -9.37 -15.57
N ASN A 84 -8.44 -9.15 -14.29
CA ASN A 84 -8.19 -10.24 -13.30
C ASN A 84 -6.68 -10.50 -13.21
N SER A 85 -5.90 -9.54 -13.62
CA SER A 85 -4.43 -9.69 -13.54
C SER A 85 -3.95 -8.89 -12.33
N SER A 86 -4.84 -8.16 -11.73
CA SER A 86 -4.48 -7.32 -10.55
C SER A 86 -4.04 -8.21 -9.39
N ALA A 87 -4.49 -9.43 -9.36
CA ALA A 87 -4.11 -10.33 -8.25
C ALA A 87 -2.58 -10.41 -8.14
N GLY A 88 -1.89 -10.07 -9.19
CA GLY A 88 -0.40 -10.14 -9.15
C GLY A 88 0.19 -9.08 -8.18
N TRP A 89 0.18 -7.84 -8.57
CA TRP A 89 0.78 -6.75 -7.72
C TRP A 89 0.22 -6.74 -6.29
N LYS A 90 -1.04 -7.00 -6.10
CA LYS A 90 -1.60 -6.95 -4.71
C LYS A 90 -0.72 -7.77 -3.77
N ASN A 91 -0.27 -8.91 -4.21
CA ASN A 91 0.60 -9.76 -3.35
C ASN A 91 1.91 -9.02 -3.02
N SER A 92 2.45 -8.28 -3.97
CA SER A 92 3.74 -7.56 -3.71
C SER A 92 3.63 -6.71 -2.45
N ILE A 93 2.60 -5.94 -2.36
CA ILE A 93 2.44 -5.06 -1.17
C ILE A 93 2.40 -5.92 0.10
N ARG A 94 1.67 -7.00 0.11
CA ARG A 94 1.65 -7.86 1.33
C ARG A 94 3.07 -8.29 1.69
N HIS A 95 3.89 -8.55 0.71
CA HIS A 95 5.30 -9.00 0.98
C HIS A 95 6.10 -7.85 1.60
N ASN A 96 6.06 -6.69 0.99
CA ASN A 96 6.82 -5.54 1.53
C ASN A 96 6.30 -5.16 2.92
N LEU A 97 5.00 -5.21 3.11
CA LEU A 97 4.46 -4.86 4.45
C LEU A 97 5.08 -5.78 5.50
N SER A 98 5.41 -6.98 5.14
CA SER A 98 6.03 -7.91 6.14
C SER A 98 7.48 -7.50 6.37
N LEU A 99 8.25 -7.39 5.31
CA LEU A 99 9.69 -6.99 5.46
C LEU A 99 9.75 -5.48 5.72
N HIS A 100 10.93 -4.94 5.83
CA HIS A 100 11.05 -3.48 6.09
C HIS A 100 10.29 -3.15 7.38
N SER A 101 10.86 -3.43 8.53
CA SER A 101 10.15 -3.13 9.80
C SER A 101 9.62 -1.69 9.75
N LYS A 102 9.99 -0.95 8.74
CA LYS A 102 9.50 0.45 8.63
C LYS A 102 7.99 0.47 8.84
N PHE A 103 7.32 -0.57 8.43
CA PHE A 103 5.83 -0.64 8.62
C PHE A 103 5.54 -1.25 9.99
N ILE A 104 4.53 -0.77 10.67
CA ILE A 104 4.20 -1.32 12.03
C ILE A 104 2.75 -1.80 12.06
N LYS A 105 2.45 -2.74 12.91
CA LYS A 105 1.06 -3.29 12.99
C LYS A 105 0.25 -2.53 14.06
N VAL A 106 -1.01 -2.32 13.79
CA VAL A 106 -1.90 -1.63 14.77
C VAL A 106 -3.00 -2.61 15.21
N HIS A 107 -3.19 -2.82 16.48
CA HIS A 107 -4.24 -3.77 16.92
C HIS A 107 -5.63 -3.14 16.77
N ASN A 108 -6.38 -3.61 15.81
CA ASN A 108 -7.75 -3.05 15.57
C ASN A 108 -8.66 -3.34 16.77
N GLU A 109 -9.49 -2.39 17.15
CA GLU A 109 -10.40 -2.62 18.30
C GLU A 109 -11.47 -3.66 17.92
N ALA A 110 -11.87 -3.67 16.67
CA ALA A 110 -12.92 -4.63 16.25
C ALA A 110 -12.45 -6.07 16.43
N THR A 111 -12.03 -6.42 17.61
CA THR A 111 -11.57 -7.81 17.89
C THR A 111 -10.57 -8.29 16.82
N GLY A 112 -9.82 -7.39 16.25
CA GLY A 112 -8.81 -7.81 15.24
C GLY A 112 -9.49 -8.08 13.89
N LYS A 113 -10.37 -7.22 13.45
CA LYS A 113 -11.04 -7.44 12.15
C LYS A 113 -10.13 -6.99 11.01
N SER A 114 -9.62 -5.79 11.09
CA SER A 114 -8.70 -5.29 10.02
C SER A 114 -7.58 -4.46 10.65
N SER A 115 -6.40 -5.00 10.71
CA SER A 115 -5.25 -4.27 11.33
C SER A 115 -4.90 -3.03 10.50
N TRP A 116 -4.60 -1.94 11.15
CA TRP A 116 -4.23 -0.70 10.41
C TRP A 116 -2.72 -0.70 10.16
N TRP A 117 -2.30 -0.27 9.00
CA TRP A 117 -0.84 -0.21 8.69
C TRP A 117 -0.35 1.23 8.95
N MET A 118 0.76 1.38 9.62
CA MET A 118 1.26 2.76 9.92
C MET A 118 2.79 2.83 9.75
N LEU A 119 3.30 3.99 9.43
CA LEU A 119 4.77 4.14 9.27
C LEU A 119 5.40 4.24 10.66
N ASN A 120 6.60 3.74 10.83
CA ASN A 120 7.26 3.80 12.17
C ASN A 120 7.10 5.20 12.78
N PRO A 121 7.53 6.22 12.10
CA PRO A 121 7.44 7.62 12.59
C PRO A 121 6.07 8.27 12.31
N GLU A 122 5.08 7.95 13.10
CA GLU A 122 3.72 8.54 12.88
C GLU A 122 3.84 10.06 12.75
N GLY A 123 4.94 10.63 13.15
CA GLY A 123 5.12 12.11 13.05
C GLY A 123 5.39 12.50 11.59
N GLY A 124 5.42 11.56 10.71
CA GLY A 124 5.69 11.88 9.29
C GLY A 124 6.31 10.67 8.58
N SER A 35 14.25 13.20 -15.49
CA SER A 35 13.12 13.53 -14.58
C SER A 35 11.91 12.66 -14.93
N ARG A 36 11.60 12.53 -16.19
CA ARG A 36 10.43 11.68 -16.59
C ARG A 36 10.64 10.26 -16.10
N ARG A 37 9.56 9.59 -15.76
CA ARG A 37 9.67 8.18 -15.29
C ARG A 37 9.10 7.27 -16.38
N ASN A 38 9.46 6.01 -16.34
CA ASN A 38 8.95 5.06 -17.36
C ASN A 38 7.44 4.89 -17.23
N ALA A 39 6.94 4.83 -16.03
CA ALA A 39 5.48 4.65 -15.83
C ALA A 39 4.98 5.51 -14.68
N TRP A 40 4.17 4.94 -13.83
CA TRP A 40 3.63 5.71 -12.66
C TRP A 40 4.76 6.42 -11.95
N GLY A 41 5.92 5.82 -11.93
CA GLY A 41 7.07 6.46 -11.24
C GLY A 41 8.20 5.46 -11.12
N ASN A 42 9.40 5.85 -11.43
CA ASN A 42 10.54 4.89 -11.31
C ASN A 42 10.72 4.54 -9.84
N GLN A 43 9.91 5.11 -9.00
CA GLN A 43 10.02 4.82 -7.54
C GLN A 43 9.73 3.35 -7.27
N SER A 44 10.30 2.82 -6.22
CA SER A 44 10.08 1.38 -5.88
C SER A 44 8.69 1.21 -5.27
N TYR A 45 8.23 -0.01 -5.14
CA TYR A 45 6.89 -0.26 -4.55
C TYR A 45 6.85 0.21 -3.09
N ALA A 46 7.90 -0.02 -2.36
CA ALA A 46 7.92 0.39 -0.91
C ALA A 46 7.67 1.88 -0.74
N GLU A 47 8.34 2.72 -1.47
CA GLU A 47 8.13 4.19 -1.30
C GLU A 47 6.68 4.58 -1.65
N LEU A 48 6.13 4.00 -2.69
CA LEU A 48 4.74 4.37 -3.08
C LEU A 48 3.76 4.08 -1.94
N ILE A 49 3.93 2.98 -1.26
CA ILE A 49 3.00 2.67 -0.14
C ILE A 49 3.05 3.79 0.89
N SER A 50 4.22 4.28 1.19
CA SER A 50 4.34 5.37 2.19
C SER A 50 3.56 6.61 1.74
N GLN A 51 3.63 6.94 0.48
CA GLN A 51 2.91 8.15 0.00
C GLN A 51 1.41 8.05 0.30
N ALA A 52 0.84 6.89 0.15
CA ALA A 52 -0.62 6.72 0.43
C ALA A 52 -0.92 7.10 1.89
N ILE A 53 -0.21 6.53 2.84
CA ILE A 53 -0.50 6.86 4.26
C ILE A 53 -0.25 8.36 4.49
N GLU A 54 0.81 8.89 3.96
CA GLU A 54 1.09 10.34 4.14
C GLU A 54 -0.06 11.16 3.58
N SER A 55 -0.80 10.62 2.66
CA SER A 55 -1.93 11.37 2.05
C SER A 55 -3.12 11.43 3.02
N ALA A 56 -3.39 10.38 3.74
CA ALA A 56 -4.54 10.40 4.69
C ALA A 56 -4.23 11.36 5.85
N PRO A 57 -5.26 11.82 6.54
CA PRO A 57 -5.10 12.76 7.68
C PRO A 57 -4.61 12.05 8.96
N GLU A 58 -5.37 11.12 9.46
CA GLU A 58 -4.96 10.40 10.69
C GLU A 58 -3.64 9.67 10.45
N LYS A 59 -3.36 9.34 9.22
CA LYS A 59 -2.10 8.61 8.89
C LYS A 59 -2.26 7.15 9.31
N ARG A 60 -3.31 6.52 8.85
CA ARG A 60 -3.57 5.09 9.19
C ARG A 60 -4.48 4.50 8.12
N LEU A 61 -4.11 3.39 7.53
CA LEU A 61 -4.96 2.76 6.48
C LEU A 61 -4.83 1.23 6.56
N THR A 62 -5.87 0.51 6.16
CA THR A 62 -5.78 -0.98 6.20
C THR A 62 -5.26 -1.46 4.84
N LEU A 63 -5.05 -2.75 4.69
CA LEU A 63 -4.53 -3.26 3.38
C LEU A 63 -5.47 -2.90 2.23
N ALA A 64 -6.74 -3.17 2.36
CA ALA A 64 -7.70 -2.85 1.25
C ALA A 64 -7.66 -1.35 0.91
N GLN A 65 -7.59 -0.50 1.89
CA GLN A 65 -7.59 0.97 1.60
C GLN A 65 -6.35 1.34 0.78
N ILE A 66 -5.25 0.66 0.98
CA ILE A 66 -4.04 0.99 0.18
C ILE A 66 -4.33 0.75 -1.29
N TYR A 67 -4.87 -0.39 -1.62
CA TYR A 67 -5.19 -0.69 -3.04
C TYR A 67 -6.06 0.42 -3.63
N GLU A 68 -7.07 0.86 -2.91
CA GLU A 68 -7.95 1.94 -3.46
C GLU A 68 -7.12 3.17 -3.81
N TRP A 69 -6.25 3.58 -2.94
CA TRP A 69 -5.41 4.77 -3.25
C TRP A 69 -4.57 4.48 -4.50
N MET A 70 -3.86 3.39 -4.50
CA MET A 70 -3.02 3.03 -5.67
C MET A 70 -3.90 3.01 -6.93
N VAL A 71 -5.04 2.37 -6.85
CA VAL A 71 -5.94 2.32 -8.04
C VAL A 71 -6.46 3.73 -8.35
N ARG A 72 -6.78 4.50 -7.34
CA ARG A 72 -7.29 5.88 -7.59
C ARG A 72 -6.17 6.81 -8.09
N THR A 73 -4.98 6.68 -7.58
CA THR A 73 -3.90 7.59 -8.02
C THR A 73 -3.31 7.08 -9.33
N VAL A 74 -2.83 5.87 -9.34
CA VAL A 74 -2.24 5.31 -10.58
C VAL A 74 -3.35 4.64 -11.39
N PRO A 75 -3.58 5.08 -12.62
CA PRO A 75 -4.64 4.50 -13.49
C PRO A 75 -4.18 3.20 -14.17
N TYR A 76 -2.89 3.00 -14.26
CA TYR A 76 -2.36 1.77 -14.91
C TYR A 76 -2.88 0.51 -14.18
N PHE A 77 -3.20 0.63 -12.92
CA PHE A 77 -3.70 -0.55 -12.15
C PHE A 77 -5.21 -0.73 -12.30
N LYS A 78 -5.93 0.32 -12.58
CA LYS A 78 -7.41 0.17 -12.71
C LYS A 78 -7.76 -0.85 -13.79
N ASP A 79 -6.97 -0.95 -14.83
CA ASP A 79 -7.28 -1.94 -15.91
C ASP A 79 -7.14 -3.36 -15.36
N LYS A 80 -6.13 -3.61 -14.57
CA LYS A 80 -5.93 -4.97 -14.01
C LYS A 80 -7.11 -5.34 -13.11
N GLY A 81 -7.77 -4.38 -12.53
CA GLY A 81 -8.92 -4.67 -11.64
C GLY A 81 -9.98 -5.49 -12.40
N ASP A 82 -10.25 -5.11 -13.62
CA ASP A 82 -11.28 -5.86 -14.41
C ASP A 82 -10.65 -7.16 -14.93
N SER A 83 -9.39 -7.36 -14.68
CA SER A 83 -8.72 -8.60 -15.16
C SER A 83 -8.20 -9.39 -13.96
N ASN A 84 -8.27 -10.70 -14.02
CA ASN A 84 -7.80 -11.53 -12.88
C ASN A 84 -6.32 -11.26 -12.60
N SER A 85 -5.62 -10.65 -13.52
CA SER A 85 -4.17 -10.37 -13.29
C SER A 85 -4.00 -9.53 -12.02
N SER A 86 -5.04 -8.88 -11.57
CA SER A 86 -4.93 -8.04 -10.33
C SER A 86 -4.28 -8.86 -9.21
N ALA A 87 -4.58 -10.13 -9.13
CA ALA A 87 -3.98 -10.97 -8.04
C ALA A 87 -2.46 -10.97 -8.16
N GLY A 88 -1.92 -10.59 -9.28
CA GLY A 88 -0.44 -10.59 -9.46
C GLY A 88 0.21 -9.60 -8.48
N TRP A 89 0.18 -8.32 -8.79
CA TRP A 89 0.81 -7.31 -7.90
C TRP A 89 0.28 -7.43 -6.47
N LYS A 90 -0.91 -7.93 -6.29
CA LYS A 90 -1.45 -8.06 -4.92
C LYS A 90 -0.46 -8.80 -4.02
N ASN A 91 0.05 -9.91 -4.48
CA ASN A 91 1.02 -10.70 -3.66
C ASN A 91 2.25 -9.86 -3.30
N SER A 92 2.74 -9.07 -4.23
CA SER A 92 3.95 -8.25 -3.94
C SER A 92 3.73 -7.34 -2.74
N ILE A 93 2.71 -6.53 -2.76
CA ILE A 93 2.49 -5.60 -1.61
C ILE A 93 2.27 -6.37 -0.31
N ARG A 94 1.57 -7.47 -0.34
CA ARG A 94 1.36 -8.24 0.92
C ARG A 94 2.72 -8.51 1.58
N HIS A 95 3.70 -8.89 0.81
CA HIS A 95 5.04 -9.18 1.41
C HIS A 95 5.78 -7.90 1.81
N ASN A 96 5.66 -6.85 1.04
CA ASN A 96 6.39 -5.61 1.38
C ASN A 96 5.91 -5.08 2.74
N LEU A 97 4.63 -5.09 2.99
CA LEU A 97 4.13 -4.63 4.30
C LEU A 97 4.75 -5.48 5.41
N SER A 98 5.00 -6.74 5.14
CA SER A 98 5.62 -7.63 6.16
C SER A 98 7.12 -7.35 6.23
N LEU A 99 7.76 -7.34 5.09
CA LEU A 99 9.22 -7.07 5.05
C LEU A 99 9.46 -5.57 5.22
N HIS A 100 10.66 -5.19 5.56
CA HIS A 100 10.96 -3.75 5.79
C HIS A 100 10.27 -3.30 7.09
N SER A 101 10.97 -3.41 8.20
CA SER A 101 10.36 -3.01 9.50
C SER A 101 9.79 -1.59 9.37
N LYS A 102 10.06 -0.94 8.28
CA LYS A 102 9.55 0.44 8.07
C LYS A 102 8.06 0.50 8.37
N PHE A 103 7.32 -0.48 7.98
CA PHE A 103 5.86 -0.46 8.25
C PHE A 103 5.57 -1.19 9.55
N ILE A 104 5.02 -0.49 10.51
CA ILE A 104 4.71 -1.14 11.82
C ILE A 104 3.26 -1.59 11.81
N LYS A 105 2.99 -2.73 12.37
CA LYS A 105 1.60 -3.27 12.41
C LYS A 105 0.83 -2.57 13.52
N VAL A 106 -0.43 -2.29 13.29
CA VAL A 106 -1.25 -1.59 14.33
C VAL A 106 -2.25 -2.59 14.93
N HIS A 107 -2.31 -2.68 16.22
CA HIS A 107 -3.27 -3.63 16.84
C HIS A 107 -4.67 -3.04 16.80
N ASN A 108 -5.33 -3.14 15.68
CA ASN A 108 -6.70 -2.60 15.56
C ASN A 108 -7.62 -3.34 16.53
N GLU A 109 -8.39 -2.64 17.31
CA GLU A 109 -9.30 -3.33 18.26
C GLU A 109 -10.36 -4.06 17.42
N ALA A 110 -10.73 -3.46 16.33
CA ALA A 110 -11.75 -4.07 15.44
C ALA A 110 -11.19 -5.33 14.80
N THR A 111 -11.04 -6.38 15.57
CA THR A 111 -10.49 -7.65 14.99
C THR A 111 -11.23 -7.95 13.69
N GLY A 112 -12.53 -7.75 13.68
CA GLY A 112 -13.30 -8.02 12.43
C GLY A 112 -12.75 -7.15 11.31
N LYS A 113 -12.13 -6.04 11.63
CA LYS A 113 -11.57 -5.16 10.57
C LYS A 113 -10.07 -5.45 10.40
N SER A 114 -9.57 -5.27 9.21
CA SER A 114 -8.12 -5.52 8.97
C SER A 114 -7.28 -4.59 9.84
N SER A 115 -6.08 -5.00 10.16
CA SER A 115 -5.19 -4.16 11.02
C SER A 115 -4.86 -2.85 10.30
N TRP A 116 -4.51 -1.83 11.04
CA TRP A 116 -4.15 -0.52 10.39
C TRP A 116 -2.66 -0.51 10.07
N TRP A 117 -2.28 0.04 8.94
CA TRP A 117 -0.83 0.09 8.59
C TRP A 117 -0.29 1.47 8.98
N MET A 118 0.87 1.49 9.60
CA MET A 118 1.47 2.80 10.02
C MET A 118 2.95 2.84 9.62
N LEU A 119 3.46 4.00 9.31
CA LEU A 119 4.89 4.13 8.94
C LEU A 119 5.73 4.13 10.23
N ASN A 120 7.03 4.00 10.11
CA ASN A 120 7.88 4.02 11.33
C ASN A 120 7.61 5.33 12.08
N PRO A 121 8.06 5.46 13.29
CA PRO A 121 7.85 6.70 14.09
C PRO A 121 8.50 7.92 13.43
N GLU A 122 8.98 7.77 12.22
CA GLU A 122 9.63 8.90 11.51
C GLU A 122 8.79 9.29 10.29
N GLY A 123 8.77 10.55 9.94
CA GLY A 123 7.97 10.99 8.77
C GLY A 123 8.24 10.07 7.57
N GLY A 124 9.47 9.93 7.19
CA GLY A 124 9.81 9.05 6.03
C GLY A 124 9.58 9.81 4.72
N SER A 35 3.69 -0.78 -16.73
CA SER A 35 4.69 -1.78 -17.20
C SER A 35 5.99 -1.06 -17.59
N ARG A 36 5.88 0.17 -18.03
CA ARG A 36 7.10 0.94 -18.43
C ARG A 36 7.64 1.63 -17.17
N ARG A 37 8.93 1.57 -16.96
CA ARG A 37 9.52 2.20 -15.73
C ARG A 37 9.13 3.68 -15.63
N ASN A 38 9.13 4.39 -16.72
CA ASN A 38 8.78 5.84 -16.64
C ASN A 38 7.31 6.02 -16.26
N ALA A 39 6.58 4.95 -16.19
CA ALA A 39 5.15 5.04 -15.83
C ALA A 39 4.96 5.94 -14.61
N TRP A 40 5.12 5.41 -13.42
CA TRP A 40 4.91 6.25 -12.20
C TRP A 40 6.13 7.15 -11.94
N GLY A 41 7.31 6.68 -12.23
CA GLY A 41 8.52 7.54 -11.99
C GLY A 41 9.67 6.71 -11.40
N ASN A 42 9.80 5.48 -11.83
CA ASN A 42 10.90 4.61 -11.31
C ASN A 42 11.02 4.75 -9.78
N GLN A 43 9.98 5.08 -9.10
CA GLN A 43 10.07 5.21 -7.61
C GLN A 43 9.97 3.82 -6.99
N SER A 44 10.69 3.57 -5.93
CA SER A 44 10.64 2.23 -5.28
C SER A 44 9.21 1.93 -4.86
N TYR A 45 8.90 0.67 -4.71
CA TYR A 45 7.53 0.30 -4.26
C TYR A 45 7.34 0.83 -2.84
N ALA A 46 8.37 0.80 -2.05
CA ALA A 46 8.27 1.33 -0.66
C ALA A 46 7.83 2.79 -0.72
N GLU A 47 8.37 3.54 -1.64
CA GLU A 47 8.00 4.98 -1.73
C GLU A 47 6.55 5.15 -2.21
N LEU A 48 6.08 4.32 -3.09
CA LEU A 48 4.66 4.46 -3.56
C LEU A 48 3.70 4.12 -2.41
N ILE A 49 3.92 3.00 -1.75
CA ILE A 49 3.02 2.62 -0.63
C ILE A 49 3.06 3.71 0.45
N SER A 50 4.23 4.22 0.74
CA SER A 50 4.35 5.26 1.79
C SER A 50 3.45 6.46 1.46
N GLN A 51 3.48 6.91 0.24
CA GLN A 51 2.61 8.08 -0.12
C GLN A 51 1.16 7.73 0.17
N ALA A 52 0.78 6.51 -0.04
CA ALA A 52 -0.63 6.10 0.21
C ALA A 52 -1.02 6.41 1.65
N ILE A 53 -0.29 5.91 2.62
CA ILE A 53 -0.65 6.21 4.03
C ILE A 53 -0.53 7.72 4.27
N GLU A 54 0.54 8.30 3.81
CA GLU A 54 0.74 9.77 4.01
C GLU A 54 -0.40 10.53 3.32
N SER A 55 -1.13 9.88 2.44
CA SER A 55 -2.25 10.59 1.73
C SER A 55 -3.37 10.89 2.72
N ALA A 56 -3.66 9.97 3.61
CA ALA A 56 -4.74 10.22 4.60
C ALA A 56 -4.27 11.32 5.57
N PRO A 57 -5.19 12.03 6.16
CA PRO A 57 -4.88 13.12 7.14
C PRO A 57 -4.29 12.58 8.45
N GLU A 58 -4.91 11.59 9.03
CA GLU A 58 -4.38 11.02 10.30
C GLU A 58 -3.12 10.20 10.00
N LYS A 59 -2.80 10.02 8.75
CA LYS A 59 -1.58 9.24 8.39
C LYS A 59 -1.73 7.77 8.80
N ARG A 60 -2.83 7.15 8.45
CA ARG A 60 -3.02 5.72 8.82
C ARG A 60 -4.06 5.10 7.88
N LEU A 61 -3.88 3.86 7.49
CA LEU A 61 -4.88 3.25 6.57
C LEU A 61 -4.91 1.72 6.72
N THR A 62 -5.98 1.11 6.28
CA THR A 62 -6.09 -0.37 6.35
C THR A 62 -5.58 -0.96 5.02
N LEU A 63 -5.30 -2.24 4.99
CA LEU A 63 -4.79 -2.86 3.72
C LEU A 63 -5.80 -2.63 2.59
N ALA A 64 -7.06 -2.80 2.86
CA ALA A 64 -8.09 -2.58 1.79
C ALA A 64 -7.99 -1.14 1.28
N GLN A 65 -7.75 -0.21 2.17
CA GLN A 65 -7.67 1.23 1.75
C GLN A 65 -6.44 1.44 0.86
N ILE A 66 -5.36 0.72 1.10
CA ILE A 66 -4.17 0.92 0.24
C ILE A 66 -4.53 0.53 -1.19
N TYR A 67 -5.23 -0.56 -1.37
CA TYR A 67 -5.60 -0.96 -2.77
C TYR A 67 -6.40 0.17 -3.41
N GLU A 68 -7.38 0.66 -2.72
CA GLU A 68 -8.21 1.77 -3.29
C GLU A 68 -7.31 2.96 -3.65
N TRP A 69 -6.42 3.32 -2.77
CA TRP A 69 -5.51 4.47 -3.09
C TRP A 69 -4.63 4.10 -4.28
N MET A 70 -3.90 3.02 -4.18
CA MET A 70 -3.01 2.62 -5.29
C MET A 70 -3.81 2.53 -6.60
N VAL A 71 -4.98 1.95 -6.58
CA VAL A 71 -5.78 1.86 -7.84
C VAL A 71 -6.21 3.28 -8.21
N ARG A 72 -6.60 4.04 -7.23
CA ARG A 72 -7.07 5.44 -7.46
C ARG A 72 -5.91 6.35 -7.87
N THR A 73 -4.75 6.20 -7.28
CA THR A 73 -3.63 7.11 -7.63
C THR A 73 -2.91 6.60 -8.89
N VAL A 74 -2.77 5.31 -9.04
CA VAL A 74 -2.08 4.78 -10.25
C VAL A 74 -3.12 4.55 -11.36
N PRO A 75 -2.93 5.14 -12.53
CA PRO A 75 -3.87 5.00 -13.67
C PRO A 75 -3.75 3.65 -14.40
N TYR A 76 -2.59 3.06 -14.38
CA TYR A 76 -2.39 1.76 -15.10
C TYR A 76 -3.34 0.68 -14.57
N PHE A 77 -3.65 0.68 -13.31
CA PHE A 77 -4.53 -0.40 -12.75
C PHE A 77 -6.02 -0.02 -12.88
N LYS A 78 -6.34 1.18 -13.23
CA LYS A 78 -7.80 1.53 -13.35
C LYS A 78 -8.45 0.64 -14.41
N ASP A 79 -7.73 0.26 -15.43
CA ASP A 79 -8.32 -0.60 -16.48
C ASP A 79 -8.63 -1.98 -15.90
N LYS A 80 -7.76 -2.49 -15.07
CA LYS A 80 -8.00 -3.83 -14.46
C LYS A 80 -8.59 -3.65 -13.06
N GLY A 81 -8.36 -2.53 -12.45
CA GLY A 81 -8.88 -2.28 -11.07
C GLY A 81 -10.39 -2.42 -11.06
N ASP A 82 -11.05 -2.15 -12.15
CA ASP A 82 -12.53 -2.28 -12.18
C ASP A 82 -12.90 -3.76 -12.19
N SER A 83 -11.91 -4.61 -12.19
CA SER A 83 -12.18 -6.07 -12.20
C SER A 83 -11.10 -6.79 -11.41
N ASN A 84 -11.45 -7.83 -10.68
CA ASN A 84 -10.43 -8.57 -9.89
C ASN A 84 -9.56 -9.39 -10.86
N SER A 85 -8.65 -8.75 -11.54
CA SER A 85 -7.78 -9.49 -12.51
C SER A 85 -6.31 -9.13 -12.28
N SER A 86 -5.42 -10.01 -12.65
CA SER A 86 -3.96 -9.75 -12.48
C SER A 86 -3.65 -9.36 -11.03
N ALA A 87 -4.36 -9.90 -10.07
CA ALA A 87 -4.06 -9.54 -8.65
C ALA A 87 -2.63 -9.97 -8.29
N GLY A 88 -1.94 -10.58 -9.21
CA GLY A 88 -0.55 -11.04 -8.94
C GLY A 88 0.24 -9.95 -8.18
N TRP A 89 0.31 -8.76 -8.73
CA TRP A 89 1.08 -7.68 -8.05
C TRP A 89 0.61 -7.50 -6.59
N LYS A 90 -0.55 -8.00 -6.26
CA LYS A 90 -1.05 -7.84 -4.86
C LYS A 90 -0.10 -8.54 -3.87
N ASN A 91 0.29 -9.74 -4.15
CA ASN A 91 1.19 -10.48 -3.23
C ASN A 91 2.47 -9.68 -3.02
N SER A 92 2.98 -9.05 -4.04
CA SER A 92 4.23 -8.25 -3.88
C SER A 92 4.04 -7.29 -2.71
N ILE A 93 2.94 -6.57 -2.70
CA ILE A 93 2.68 -5.61 -1.59
C ILE A 93 2.57 -6.38 -0.27
N ARG A 94 1.76 -7.40 -0.24
CA ARG A 94 1.59 -8.18 1.01
C ARG A 94 2.96 -8.57 1.56
N HIS A 95 3.86 -8.91 0.69
CA HIS A 95 5.23 -9.33 1.13
C HIS A 95 6.02 -8.17 1.74
N ASN A 96 6.00 -7.01 1.13
CA ASN A 96 6.81 -5.87 1.66
C ASN A 96 6.26 -5.38 3.01
N LEU A 97 4.97 -5.40 3.21
CA LEU A 97 4.43 -4.91 4.51
C LEU A 97 5.06 -5.71 5.66
N SER A 98 5.36 -6.96 5.45
CA SER A 98 6.00 -7.77 6.52
C SER A 98 7.47 -7.37 6.65
N LEU A 99 8.16 -7.30 5.54
CA LEU A 99 9.60 -6.92 5.58
C LEU A 99 9.71 -5.41 5.81
N HIS A 100 10.90 -4.92 5.97
CA HIS A 100 11.08 -3.46 6.19
C HIS A 100 10.32 -3.04 7.45
N SER A 101 11.02 -2.87 8.55
CA SER A 101 10.33 -2.46 9.82
C SER A 101 9.55 -1.17 9.57
N LYS A 102 9.71 -0.59 8.42
CA LYS A 102 8.99 0.67 8.10
C LYS A 102 7.48 0.47 8.33
N PHE A 103 6.96 -0.67 7.98
CA PHE A 103 5.50 -0.92 8.18
C PHE A 103 5.28 -1.68 9.48
N ILE A 104 4.63 -1.08 10.43
CA ILE A 104 4.38 -1.78 11.73
C ILE A 104 2.93 -2.30 11.76
N LYS A 105 2.72 -3.46 12.29
CA LYS A 105 1.35 -4.04 12.35
C LYS A 105 0.60 -3.48 13.56
N VAL A 106 -0.66 -3.16 13.39
CA VAL A 106 -1.46 -2.59 14.51
C VAL A 106 -2.45 -3.64 15.02
N HIS A 107 -2.39 -3.95 16.28
CA HIS A 107 -3.34 -4.96 16.84
C HIS A 107 -4.70 -4.31 17.08
N ASN A 108 -5.56 -4.31 16.12
CA ASN A 108 -6.91 -3.72 16.35
C ASN A 108 -7.61 -4.55 17.42
N GLU A 109 -8.42 -3.93 18.23
CA GLU A 109 -9.10 -4.70 19.31
C GLU A 109 -10.13 -5.63 18.67
N ALA A 110 -10.58 -5.30 17.48
CA ALA A 110 -11.59 -6.17 16.82
C ALA A 110 -10.98 -7.55 16.56
N THR A 111 -10.56 -8.23 17.61
CA THR A 111 -9.96 -9.58 17.45
C THR A 111 -8.89 -9.56 16.35
N GLY A 112 -8.32 -8.43 16.07
CA GLY A 112 -7.27 -8.37 15.01
C GLY A 112 -7.95 -8.29 13.64
N LYS A 113 -9.18 -7.88 13.61
CA LYS A 113 -9.90 -7.77 12.31
C LYS A 113 -9.62 -6.40 11.71
N SER A 114 -9.34 -6.34 10.44
CA SER A 114 -9.06 -5.01 9.82
C SER A 114 -7.84 -4.38 10.50
N SER A 115 -6.75 -5.09 10.57
CA SER A 115 -5.54 -4.53 11.24
C SER A 115 -5.14 -3.22 10.56
N TRP A 116 -4.60 -2.30 11.32
CA TRP A 116 -4.21 -0.99 10.73
C TRP A 116 -2.71 -1.01 10.39
N TRP A 117 -2.32 -0.24 9.42
CA TRP A 117 -0.88 -0.19 9.01
C TRP A 117 -0.34 1.23 9.20
N MET A 118 0.85 1.35 9.75
CA MET A 118 1.45 2.71 9.94
C MET A 118 2.90 2.69 9.46
N LEU A 119 3.43 3.84 9.10
CA LEU A 119 4.84 3.90 8.60
C LEU A 119 5.82 3.93 9.76
N ASN A 120 5.42 3.48 10.91
CA ASN A 120 6.33 3.50 12.09
C ASN A 120 6.64 4.96 12.46
N PRO A 121 6.42 5.34 13.70
CA PRO A 121 6.68 6.73 14.16
C PRO A 121 8.04 7.25 13.66
N GLU A 122 9.11 6.58 13.99
CA GLU A 122 10.46 7.05 13.55
C GLU A 122 10.89 6.28 12.29
N GLY A 123 11.69 6.89 11.45
CA GLY A 123 12.15 6.20 10.21
C GLY A 123 11.12 6.36 9.09
N GLY A 124 10.37 7.43 9.10
CA GLY A 124 9.36 7.65 8.03
C GLY A 124 8.17 8.42 8.61
N SER A 35 9.83 -3.93 -19.65
CA SER A 35 10.11 -3.94 -18.19
C SER A 35 11.22 -2.93 -17.86
N ARG A 36 10.86 -1.68 -17.72
CA ARG A 36 11.88 -0.64 -17.39
C ARG A 36 11.41 0.11 -16.14
N ARG A 37 12.33 0.69 -15.42
CA ARG A 37 11.94 1.41 -14.20
C ARG A 37 11.08 2.62 -14.57
N ASN A 38 11.23 3.15 -15.75
CA ASN A 38 10.38 4.32 -16.13
C ASN A 38 8.95 3.86 -16.39
N ALA A 39 8.01 4.71 -16.14
CA ALA A 39 6.58 4.38 -16.36
C ALA A 39 5.76 5.42 -15.60
N TRP A 40 4.84 5.00 -14.78
CA TRP A 40 4.06 6.00 -14.02
C TRP A 40 5.03 6.83 -13.19
N GLY A 41 6.21 6.29 -12.94
CA GLY A 41 7.22 7.05 -12.16
C GLY A 41 8.37 6.13 -11.75
N ASN A 42 9.56 6.66 -11.73
CA ASN A 42 10.74 5.84 -11.34
C ASN A 42 10.65 5.52 -9.85
N GLN A 43 9.57 5.91 -9.23
CA GLN A 43 9.41 5.65 -7.78
C GLN A 43 9.39 4.15 -7.51
N SER A 44 9.98 3.71 -6.44
CA SER A 44 9.97 2.27 -6.12
C SER A 44 8.57 1.92 -5.58
N TYR A 45 8.19 0.68 -5.60
CA TYR A 45 6.84 0.31 -5.09
C TYR A 45 6.74 0.68 -3.60
N ALA A 46 7.74 0.35 -2.83
CA ALA A 46 7.70 0.64 -1.36
C ALA A 46 7.46 2.14 -1.09
N GLU A 47 8.06 3.02 -1.85
CA GLU A 47 7.86 4.47 -1.58
C GLU A 47 6.42 4.88 -1.92
N LEU A 48 5.82 4.26 -2.90
CA LEU A 48 4.41 4.62 -3.26
C LEU A 48 3.50 4.38 -2.05
N ILE A 49 3.68 3.28 -1.36
CA ILE A 49 2.81 3.00 -0.16
C ILE A 49 2.97 4.12 0.86
N SER A 50 4.19 4.46 1.17
CA SER A 50 4.45 5.53 2.19
C SER A 50 3.71 6.81 1.80
N GLN A 51 3.81 7.24 0.58
CA GLN A 51 3.10 8.48 0.19
C GLN A 51 1.61 8.30 0.48
N ALA A 52 1.08 7.14 0.22
CA ALA A 52 -0.37 6.90 0.47
C ALA A 52 -0.70 7.15 1.94
N ILE A 53 -0.04 6.47 2.84
CA ILE A 53 -0.35 6.68 4.29
C ILE A 53 -0.02 8.12 4.67
N GLU A 54 1.11 8.62 4.24
CA GLU A 54 1.47 10.03 4.56
C GLU A 54 0.41 10.97 4.00
N SER A 55 -0.08 10.68 2.83
CA SER A 55 -1.13 11.56 2.23
C SER A 55 -2.46 11.26 2.92
N ALA A 56 -2.56 10.12 3.53
CA ALA A 56 -3.82 9.73 4.23
C ALA A 56 -4.03 10.61 5.47
N PRO A 57 -5.27 10.77 5.89
CA PRO A 57 -5.60 11.57 7.11
C PRO A 57 -5.20 10.85 8.39
N GLU A 58 -4.80 11.57 9.40
CA GLU A 58 -4.38 10.94 10.69
C GLU A 58 -3.28 9.90 10.43
N LYS A 59 -2.81 9.80 9.21
CA LYS A 59 -1.74 8.80 8.92
C LYS A 59 -2.20 7.42 9.36
N ARG A 60 -3.22 6.89 8.75
CA ARG A 60 -3.71 5.54 9.16
C ARG A 60 -4.54 4.93 8.03
N LEU A 61 -4.16 3.77 7.55
CA LEU A 61 -4.93 3.12 6.45
C LEU A 61 -4.91 1.59 6.65
N THR A 62 -5.92 0.92 6.17
CA THR A 62 -5.95 -0.56 6.28
C THR A 62 -5.36 -1.16 5.01
N LEU A 63 -5.11 -2.44 4.95
CA LEU A 63 -4.52 -3.02 3.70
C LEU A 63 -5.45 -2.72 2.53
N ALA A 64 -6.73 -2.88 2.73
CA ALA A 64 -7.71 -2.61 1.64
C ALA A 64 -7.53 -1.20 1.10
N GLN A 65 -7.44 -0.24 1.97
CA GLN A 65 -7.31 1.17 1.52
C GLN A 65 -6.01 1.39 0.75
N ILE A 66 -4.97 0.67 1.05
CA ILE A 66 -3.71 0.87 0.29
C ILE A 66 -3.97 0.50 -1.18
N TYR A 67 -4.69 -0.57 -1.39
CA TYR A 67 -4.99 -0.99 -2.79
C TYR A 67 -5.75 0.14 -3.51
N GLU A 68 -6.79 0.63 -2.88
CA GLU A 68 -7.61 1.72 -3.51
C GLU A 68 -6.75 2.95 -3.80
N TRP A 69 -5.86 3.30 -2.91
CA TRP A 69 -5.02 4.50 -3.15
C TRP A 69 -4.19 4.32 -4.42
N MET A 70 -3.37 3.30 -4.47
CA MET A 70 -2.55 3.08 -5.70
C MET A 70 -3.47 2.99 -6.92
N VAL A 71 -4.57 2.29 -6.79
CA VAL A 71 -5.49 2.17 -7.96
C VAL A 71 -6.14 3.51 -8.24
N ARG A 72 -6.54 4.23 -7.23
CA ARG A 72 -7.20 5.53 -7.45
C ARG A 72 -6.20 6.56 -7.96
N THR A 73 -4.95 6.43 -7.59
CA THR A 73 -3.94 7.42 -8.06
C THR A 73 -3.44 7.04 -9.45
N VAL A 74 -2.88 5.88 -9.59
CA VAL A 74 -2.36 5.44 -10.92
C VAL A 74 -3.49 4.69 -11.66
N PRO A 75 -3.88 5.15 -12.83
CA PRO A 75 -4.97 4.50 -13.61
C PRO A 75 -4.56 3.19 -14.25
N TYR A 76 -3.28 2.94 -14.35
CA TYR A 76 -2.82 1.66 -14.98
C TYR A 76 -3.34 0.46 -14.20
N PHE A 77 -3.55 0.60 -12.92
CA PHE A 77 -4.02 -0.57 -12.12
C PHE A 77 -5.54 -0.71 -12.27
N LYS A 78 -6.21 0.30 -12.74
CA LYS A 78 -7.68 0.20 -12.94
C LYS A 78 -7.99 -0.90 -13.96
N ASP A 79 -7.13 -1.09 -14.92
CA ASP A 79 -7.39 -2.16 -15.92
C ASP A 79 -7.26 -3.51 -15.23
N LYS A 80 -6.51 -3.55 -14.17
CA LYS A 80 -6.32 -4.82 -13.40
C LYS A 80 -7.33 -4.90 -12.25
N GLY A 81 -8.21 -3.94 -12.15
CA GLY A 81 -9.20 -3.97 -11.04
C GLY A 81 -10.44 -4.80 -11.42
N ASP A 82 -11.03 -4.52 -12.55
CA ASP A 82 -12.25 -5.27 -12.95
C ASP A 82 -11.87 -6.65 -13.50
N SER A 83 -10.76 -7.19 -13.06
CA SER A 83 -10.35 -8.53 -13.57
C SER A 83 -9.64 -9.30 -12.45
N ASN A 84 -9.78 -10.61 -12.46
CA ASN A 84 -9.15 -11.46 -11.40
C ASN A 84 -7.64 -11.23 -11.37
N SER A 85 -7.10 -10.66 -12.41
CA SER A 85 -5.63 -10.42 -12.46
C SER A 85 -5.17 -9.59 -11.26
N SER A 86 -6.07 -9.01 -10.52
CA SER A 86 -5.64 -8.18 -9.36
C SER A 86 -4.83 -9.03 -8.38
N ALA A 87 -5.08 -10.30 -8.32
CA ALA A 87 -4.34 -11.18 -7.37
C ALA A 87 -2.82 -11.18 -7.66
N GLY A 88 -2.44 -11.00 -8.89
CA GLY A 88 -0.98 -11.03 -9.24
C GLY A 88 -0.19 -9.99 -8.43
N TRP A 89 -0.16 -8.76 -8.87
CA TRP A 89 0.63 -7.72 -8.14
C TRP A 89 0.24 -7.67 -6.66
N LYS A 90 -0.91 -8.20 -6.32
CA LYS A 90 -1.32 -8.18 -4.90
C LYS A 90 -0.21 -8.77 -4.02
N ASN A 91 0.35 -9.89 -4.42
CA ASN A 91 1.43 -10.50 -3.60
C ASN A 91 2.62 -9.55 -3.48
N SER A 92 2.86 -8.73 -4.45
CA SER A 92 4.01 -7.80 -4.38
C SER A 92 3.89 -6.87 -3.15
N ILE A 93 2.80 -6.16 -3.05
CA ILE A 93 2.64 -5.21 -1.90
C ILE A 93 2.67 -5.97 -0.57
N ARG A 94 1.96 -7.05 -0.45
CA ARG A 94 1.95 -7.80 0.83
C ARG A 94 3.37 -8.16 1.29
N HIS A 95 4.24 -8.52 0.38
CA HIS A 95 5.62 -8.91 0.82
C HIS A 95 6.36 -7.70 1.40
N ASN A 96 6.17 -6.53 0.88
CA ASN A 96 6.89 -5.34 1.43
C ASN A 96 6.34 -5.00 2.81
N LEU A 97 5.06 -5.09 3.00
CA LEU A 97 4.47 -4.74 4.31
C LEU A 97 5.05 -5.64 5.41
N SER A 98 5.18 -6.91 5.16
CA SER A 98 5.71 -7.83 6.21
C SER A 98 7.25 -7.89 6.19
N LEU A 99 7.86 -7.78 5.05
CA LEU A 99 9.35 -7.88 5.00
C LEU A 99 10.03 -6.60 5.51
N HIS A 100 9.52 -5.43 5.20
CA HIS A 100 10.17 -4.18 5.71
C HIS A 100 9.51 -3.74 7.02
N SER A 101 10.29 -3.38 8.00
CA SER A 101 9.72 -2.96 9.31
C SER A 101 9.25 -1.50 9.22
N LYS A 102 9.44 -0.84 8.10
CA LYS A 102 8.98 0.57 7.99
C LYS A 102 7.52 0.66 8.43
N PHE A 103 6.76 -0.36 8.12
CA PHE A 103 5.32 -0.36 8.49
C PHE A 103 5.12 -1.09 9.83
N ILE A 104 4.43 -0.49 10.75
CA ILE A 104 4.21 -1.13 12.07
C ILE A 104 2.80 -1.72 12.13
N LYS A 105 2.63 -2.82 12.82
CA LYS A 105 1.27 -3.46 12.89
C LYS A 105 0.46 -2.87 14.04
N VAL A 106 -0.81 -2.64 13.80
CA VAL A 106 -1.69 -2.06 14.86
C VAL A 106 -2.69 -3.10 15.36
N HIS A 107 -2.69 -3.38 16.63
CA HIS A 107 -3.66 -4.36 17.16
C HIS A 107 -5.04 -3.69 17.24
N ASN A 108 -5.84 -3.87 16.23
CA ASN A 108 -7.18 -3.21 16.22
C ASN A 108 -8.00 -3.70 17.43
N GLU A 109 -8.73 -2.81 18.05
CA GLU A 109 -9.56 -3.23 19.21
C GLU A 109 -10.68 -4.12 18.68
N ALA A 110 -11.15 -3.85 17.49
CA ALA A 110 -12.24 -4.67 16.88
C ALA A 110 -11.80 -6.13 16.75
N THR A 111 -11.45 -6.75 17.84
CA THR A 111 -11.04 -8.18 17.80
C THR A 111 -9.90 -8.42 16.81
N GLY A 112 -9.32 -7.38 16.27
CA GLY A 112 -8.20 -7.60 15.31
C GLY A 112 -8.72 -8.23 14.01
N LYS A 113 -9.84 -7.77 13.51
CA LYS A 113 -10.36 -8.34 12.23
C LYS A 113 -9.58 -7.72 11.08
N SER A 114 -9.19 -6.49 11.23
CA SER A 114 -8.41 -5.80 10.17
C SER A 114 -7.42 -4.84 10.83
N SER A 115 -6.19 -5.25 10.99
CA SER A 115 -5.17 -4.38 11.65
C SER A 115 -4.89 -3.14 10.81
N TRP A 116 -4.57 -2.05 11.45
CA TRP A 116 -4.28 -0.80 10.71
C TRP A 116 -2.79 -0.73 10.38
N TRP A 117 -2.46 -0.23 9.23
CA TRP A 117 -1.04 -0.10 8.84
C TRP A 117 -0.57 1.34 9.12
N MET A 118 0.53 1.50 9.81
CA MET A 118 1.02 2.87 10.13
C MET A 118 2.54 2.95 9.93
N LEU A 119 3.06 4.11 9.63
CA LEU A 119 4.54 4.24 9.45
C LEU A 119 5.17 4.32 10.84
N ASN A 120 6.40 3.89 10.99
CA ASN A 120 7.04 3.94 12.34
C ASN A 120 6.89 5.36 12.92
N PRO A 121 6.83 5.46 14.23
CA PRO A 121 6.66 6.77 14.92
C PRO A 121 7.48 7.88 14.26
N GLU A 122 8.47 7.53 13.48
CA GLU A 122 9.28 8.57 12.79
C GLU A 122 9.21 8.35 11.28
N GLY A 123 9.30 9.41 10.51
CA GLY A 123 9.20 9.27 9.02
C GLY A 123 8.29 10.36 8.47
N GLY A 124 8.75 11.59 8.43
CA GLY A 124 7.90 12.70 7.90
C GLY A 124 7.64 13.72 9.01
N SER A 35 9.70 -3.11 -21.26
CA SER A 35 11.06 -3.61 -20.92
C SER A 35 11.77 -2.59 -20.02
N ARG A 36 11.05 -1.64 -19.49
CA ARG A 36 11.70 -0.63 -18.62
C ARG A 36 10.96 -0.53 -17.27
N ARG A 37 11.68 -0.19 -16.24
CA ARG A 37 11.05 -0.05 -14.90
C ARG A 37 10.32 1.29 -14.83
N ASN A 38 10.49 2.12 -15.82
CA ASN A 38 9.83 3.46 -15.80
C ASN A 38 8.33 3.32 -15.63
N ALA A 39 7.68 2.54 -16.46
CA ALA A 39 6.18 2.38 -16.34
C ALA A 39 5.57 3.62 -15.68
N TRP A 40 4.70 3.41 -14.74
CA TRP A 40 4.06 4.56 -14.02
C TRP A 40 5.13 5.32 -13.24
N GLY A 41 6.25 4.69 -13.00
CA GLY A 41 7.34 5.37 -12.24
C GLY A 41 8.33 4.31 -11.72
N ASN A 42 9.60 4.64 -11.77
CA ASN A 42 10.64 3.69 -11.29
C ASN A 42 10.54 3.55 -9.76
N GLN A 43 9.68 4.31 -9.15
CA GLN A 43 9.56 4.25 -7.67
C GLN A 43 9.13 2.84 -7.22
N SER A 44 9.82 2.30 -6.26
CA SER A 44 9.48 0.94 -5.76
C SER A 44 8.13 0.98 -5.06
N TYR A 45 7.59 -0.17 -4.72
CA TYR A 45 6.25 -0.19 -4.05
C TYR A 45 6.34 0.50 -2.69
N ALA A 46 7.42 0.29 -1.96
CA ALA A 46 7.56 0.92 -0.63
C ALA A 46 7.37 2.44 -0.72
N GLU A 47 7.93 3.06 -1.73
CA GLU A 47 7.80 4.54 -1.85
C GLU A 47 6.34 4.93 -2.13
N LEU A 48 5.71 4.31 -3.07
CA LEU A 48 4.29 4.67 -3.39
C LEU A 48 3.39 4.40 -2.19
N ILE A 49 3.55 3.28 -1.55
CA ILE A 49 2.69 2.98 -0.39
C ILE A 49 2.83 4.10 0.64
N SER A 50 4.03 4.54 0.87
CA SER A 50 4.23 5.65 1.84
C SER A 50 3.41 6.87 1.41
N GLN A 51 3.37 7.15 0.12
CA GLN A 51 2.59 8.33 -0.34
C GLN A 51 1.11 8.17 0.05
N ALA A 52 0.55 7.01 -0.13
CA ALA A 52 -0.88 6.84 0.23
C ALA A 52 -1.09 7.14 1.71
N ILE A 53 -0.35 6.50 2.59
CA ILE A 53 -0.55 6.79 4.05
C ILE A 53 -0.23 8.26 4.30
N GLU A 54 0.86 8.75 3.77
CA GLU A 54 1.22 10.18 3.97
C GLU A 54 0.11 11.08 3.42
N SER A 55 -0.65 10.56 2.49
CA SER A 55 -1.75 11.39 1.90
C SER A 55 -2.92 11.46 2.86
N ALA A 56 -3.25 10.35 3.49
CA ALA A 56 -4.39 10.37 4.42
C ALA A 56 -4.06 11.29 5.60
N PRO A 57 -4.99 12.11 5.99
CA PRO A 57 -4.80 13.04 7.14
C PRO A 57 -4.75 12.28 8.46
N GLU A 58 -5.48 11.21 8.57
CA GLU A 58 -5.47 10.40 9.82
C GLU A 58 -4.10 9.75 9.99
N LYS A 59 -3.41 9.51 8.90
CA LYS A 59 -2.05 8.86 8.96
C LYS A 59 -2.18 7.37 9.29
N ARG A 60 -3.19 6.71 8.78
CA ARG A 60 -3.36 5.26 9.07
C ARG A 60 -4.26 4.64 8.00
N LEU A 61 -3.79 3.64 7.29
CA LEU A 61 -4.66 3.01 6.23
C LEU A 61 -4.55 1.49 6.28
N THR A 62 -5.64 0.81 6.03
CA THR A 62 -5.60 -0.67 6.01
C THR A 62 -5.12 -1.14 4.65
N LEU A 63 -4.86 -2.40 4.51
CA LEU A 63 -4.39 -2.92 3.20
C LEU A 63 -5.42 -2.56 2.13
N ALA A 64 -6.66 -2.85 2.37
CA ALA A 64 -7.70 -2.54 1.36
C ALA A 64 -7.70 -1.05 1.03
N GLN A 65 -7.61 -0.19 2.02
CA GLN A 65 -7.61 1.27 1.73
C GLN A 65 -6.39 1.64 0.89
N ILE A 66 -5.25 1.06 1.15
CA ILE A 66 -4.05 1.41 0.34
C ILE A 66 -4.32 1.06 -1.13
N TYR A 67 -4.84 -0.11 -1.40
CA TYR A 67 -5.10 -0.49 -2.82
C TYR A 67 -6.04 0.52 -3.46
N GLU A 68 -7.07 0.90 -2.76
CA GLU A 68 -8.04 1.88 -3.33
C GLU A 68 -7.33 3.20 -3.67
N TRP A 69 -6.54 3.72 -2.76
CA TRP A 69 -5.82 4.99 -3.03
C TRP A 69 -4.91 4.81 -4.26
N MET A 70 -4.11 3.78 -4.27
CA MET A 70 -3.21 3.55 -5.43
C MET A 70 -4.03 3.43 -6.72
N VAL A 71 -5.04 2.61 -6.72
CA VAL A 71 -5.85 2.45 -7.95
C VAL A 71 -6.52 3.78 -8.28
N ARG A 72 -6.90 4.52 -7.27
CA ARG A 72 -7.54 5.84 -7.52
C ARG A 72 -6.48 6.82 -8.04
N THR A 73 -5.33 6.83 -7.43
CA THR A 73 -4.25 7.77 -7.86
C THR A 73 -3.53 7.20 -9.10
N VAL A 74 -3.32 5.91 -9.13
CA VAL A 74 -2.60 5.30 -10.29
C VAL A 74 -3.63 4.78 -11.32
N PRO A 75 -3.56 5.21 -12.55
CA PRO A 75 -4.48 4.75 -13.62
C PRO A 75 -4.07 3.40 -14.21
N TYR A 76 -2.80 3.08 -14.15
CA TYR A 76 -2.32 1.77 -14.72
C TYR A 76 -2.93 0.61 -13.93
N PHE A 77 -3.31 0.84 -12.70
CA PHE A 77 -3.88 -0.27 -11.88
C PHE A 77 -5.38 -0.42 -12.14
N LYS A 78 -6.04 0.63 -12.58
CA LYS A 78 -7.52 0.54 -12.82
C LYS A 78 -7.84 -0.52 -13.88
N ASP A 79 -7.03 -0.66 -14.89
CA ASP A 79 -7.33 -1.66 -15.93
C ASP A 79 -7.20 -3.07 -15.35
N LYS A 80 -6.21 -3.29 -14.53
CA LYS A 80 -6.05 -4.64 -13.91
C LYS A 80 -7.27 -4.96 -13.05
N GLY A 81 -7.78 -3.99 -12.34
CA GLY A 81 -8.97 -4.21 -11.45
C GLY A 81 -10.10 -4.89 -12.22
N ASP A 82 -10.22 -4.62 -13.49
CA ASP A 82 -11.34 -5.24 -14.27
C ASP A 82 -10.98 -6.68 -14.64
N SER A 83 -9.97 -7.22 -14.01
CA SER A 83 -9.55 -8.61 -14.33
C SER A 83 -9.01 -9.28 -13.08
N ASN A 84 -9.10 -10.58 -13.00
CA ASN A 84 -8.58 -11.29 -11.80
C ASN A 84 -7.06 -11.13 -11.77
N SER A 85 -6.50 -10.63 -12.83
CA SER A 85 -5.03 -10.42 -12.90
C SER A 85 -4.56 -9.62 -11.68
N SER A 86 -5.42 -8.80 -11.14
CA SER A 86 -5.03 -7.97 -9.97
C SER A 86 -4.61 -8.87 -8.79
N ALA A 87 -5.04 -10.10 -8.79
CA ALA A 87 -4.68 -11.02 -7.66
C ALA A 87 -3.17 -11.28 -7.58
N GLY A 88 -2.45 -11.14 -8.65
CA GLY A 88 -0.99 -11.44 -8.62
C GLY A 88 -0.19 -10.36 -7.89
N TRP A 89 -0.12 -9.18 -8.43
CA TRP A 89 0.70 -8.11 -7.78
C TRP A 89 0.35 -7.97 -6.29
N LYS A 90 -0.75 -8.52 -5.86
CA LYS A 90 -1.09 -8.41 -4.41
C LYS A 90 0.08 -8.98 -3.61
N ASN A 91 0.65 -10.05 -4.08
CA ASN A 91 1.79 -10.69 -3.37
C ASN A 91 2.97 -9.71 -3.26
N SER A 92 3.23 -8.95 -4.29
CA SER A 92 4.37 -7.99 -4.23
C SER A 92 4.20 -7.07 -3.02
N ILE A 93 3.16 -6.30 -2.98
CA ILE A 93 2.96 -5.38 -1.82
C ILE A 93 2.90 -6.20 -0.52
N ARG A 94 2.13 -7.26 -0.49
CA ARG A 94 2.07 -8.09 0.76
C ARG A 94 3.48 -8.49 1.17
N HIS A 95 4.31 -8.83 0.23
CA HIS A 95 5.69 -9.26 0.58
C HIS A 95 6.41 -8.12 1.32
N ASN A 96 6.17 -6.91 0.93
CA ASN A 96 6.85 -5.75 1.57
C ASN A 96 6.27 -5.44 2.97
N LEU A 97 4.97 -5.48 3.11
CA LEU A 97 4.35 -5.14 4.43
C LEU A 97 4.88 -6.03 5.56
N SER A 98 5.12 -7.29 5.32
CA SER A 98 5.61 -8.16 6.42
C SER A 98 7.11 -7.91 6.65
N LEU A 99 7.90 -7.90 5.61
CA LEU A 99 9.37 -7.66 5.80
C LEU A 99 9.63 -6.16 5.95
N HIS A 100 10.80 -5.81 6.41
CA HIS A 100 11.16 -4.36 6.58
C HIS A 100 10.40 -3.75 7.75
N SER A 101 11.06 -3.56 8.86
CA SER A 101 10.37 -2.95 10.03
C SER A 101 9.81 -1.60 9.61
N LYS A 102 10.10 -1.20 8.41
CA LYS A 102 9.61 0.11 7.89
C LYS A 102 8.11 0.23 8.16
N PHE A 103 7.40 -0.86 8.18
CA PHE A 103 5.93 -0.82 8.44
C PHE A 103 5.62 -1.49 9.78
N ILE A 104 4.80 -0.87 10.59
CA ILE A 104 4.45 -1.47 11.90
C ILE A 104 3.04 -2.07 11.81
N LYS A 105 2.82 -3.16 12.50
CA LYS A 105 1.48 -3.79 12.47
C LYS A 105 0.59 -3.13 13.51
N VAL A 106 -0.65 -2.87 13.17
CA VAL A 106 -1.56 -2.22 14.14
C VAL A 106 -2.73 -3.16 14.45
N HIS A 107 -2.93 -3.48 15.71
CA HIS A 107 -4.05 -4.39 16.07
C HIS A 107 -5.36 -3.60 16.10
N ASN A 108 -6.08 -3.60 15.01
CA ASN A 108 -7.38 -2.87 14.99
C ASN A 108 -8.38 -3.55 15.92
N GLU A 109 -9.01 -2.81 16.79
CA GLU A 109 -10.00 -3.43 17.70
C GLU A 109 -11.20 -3.90 16.87
N ALA A 110 -11.58 -3.14 15.89
CA ALA A 110 -12.72 -3.55 15.01
C ALA A 110 -12.27 -4.74 14.16
N THR A 111 -12.08 -5.87 14.77
CA THR A 111 -11.65 -7.08 14.00
C THR A 111 -12.35 -7.12 12.65
N GLY A 112 -13.59 -6.72 12.61
CA GLY A 112 -14.35 -6.73 11.33
C GLY A 112 -13.56 -6.05 10.21
N LYS A 113 -12.78 -5.04 10.54
CA LYS A 113 -12.00 -4.34 9.49
C LYS A 113 -10.58 -4.90 9.42
N SER A 114 -9.91 -4.73 8.31
CA SER A 114 -8.53 -5.26 8.20
C SER A 114 -7.63 -4.45 9.15
N SER A 115 -6.53 -5.02 9.56
CA SER A 115 -5.61 -4.32 10.49
C SER A 115 -5.07 -3.02 9.84
N TRP A 116 -4.71 -2.06 10.65
CA TRP A 116 -4.18 -0.76 10.11
C TRP A 116 -2.66 -0.87 9.87
N TRP A 117 -2.18 -0.23 8.84
CA TRP A 117 -0.70 -0.23 8.56
C TRP A 117 -0.18 1.17 8.86
N MET A 118 0.99 1.29 9.44
CA MET A 118 1.53 2.66 9.73
C MET A 118 3.04 2.71 9.46
N LEU A 119 3.57 3.87 9.18
CA LEU A 119 5.03 4.00 8.95
C LEU A 119 5.73 3.94 10.31
N ASN A 120 6.90 3.36 10.39
CA ASN A 120 7.58 3.30 11.71
C ASN A 120 7.94 4.72 12.18
N PRO A 121 8.44 5.53 11.30
CA PRO A 121 8.80 6.93 11.63
C PRO A 121 7.58 7.84 11.53
N GLU A 122 6.75 7.82 12.53
CA GLU A 122 5.52 8.66 12.50
C GLU A 122 5.89 10.11 12.77
N GLY A 123 5.37 11.02 11.99
CA GLY A 123 5.68 12.46 12.18
C GLY A 123 6.76 12.87 11.19
N GLY A 124 7.19 11.93 10.36
CA GLY A 124 8.23 12.24 9.36
C GLY A 124 9.34 13.06 10.01
N SER A 35 17.51 0.65 -19.02
CA SER A 35 16.82 -0.19 -18.00
C SER A 35 15.72 0.64 -17.32
N ARG A 36 15.51 1.84 -17.78
CA ARG A 36 14.44 2.70 -17.17
C ARG A 36 13.07 2.14 -17.55
N ARG A 37 12.07 2.35 -16.71
CA ARG A 37 10.70 1.83 -17.02
C ARG A 37 9.75 3.03 -17.20
N ASN A 38 8.59 2.78 -17.75
CA ASN A 38 7.60 3.89 -17.92
C ASN A 38 6.76 3.97 -16.64
N ALA A 39 7.32 3.51 -15.55
CA ALA A 39 6.58 3.50 -14.27
C ALA A 39 6.37 4.94 -13.77
N TRP A 40 5.79 5.80 -14.58
CA TRP A 40 5.56 7.21 -14.14
C TRP A 40 6.77 7.70 -13.33
N GLY A 41 7.90 7.04 -13.48
CA GLY A 41 9.11 7.46 -12.73
C GLY A 41 9.92 6.25 -12.28
N ASN A 42 9.88 5.17 -13.04
CA ASN A 42 10.67 3.94 -12.67
C ASN A 42 10.84 3.87 -11.13
N GLN A 43 9.81 4.20 -10.40
CA GLN A 43 9.93 4.15 -8.90
C GLN A 43 9.50 2.78 -8.39
N SER A 44 9.77 2.48 -7.13
CA SER A 44 9.41 1.15 -6.57
C SER A 44 8.10 1.24 -5.78
N TYR A 45 7.51 0.10 -5.48
CA TYR A 45 6.22 0.09 -4.73
C TYR A 45 6.40 0.55 -3.29
N ALA A 46 7.43 0.11 -2.61
CA ALA A 46 7.61 0.54 -1.20
C ALA A 46 7.53 2.06 -1.10
N GLU A 47 8.03 2.75 -2.07
CA GLU A 47 7.96 4.24 -2.03
C GLU A 47 6.51 4.70 -2.21
N LEU A 48 5.78 4.10 -3.12
CA LEU A 48 4.36 4.51 -3.34
C LEU A 48 3.54 4.21 -2.08
N ILE A 49 3.80 3.10 -1.43
CA ILE A 49 3.01 2.77 -0.20
C ILE A 49 3.15 3.93 0.79
N SER A 50 4.33 4.44 0.97
CA SER A 50 4.51 5.57 1.92
C SER A 50 3.62 6.73 1.46
N GLN A 51 3.54 6.98 0.19
CA GLN A 51 2.68 8.08 -0.32
C GLN A 51 1.22 7.83 0.06
N ALA A 52 0.76 6.61 -0.06
CA ALA A 52 -0.65 6.31 0.28
C ALA A 52 -0.96 6.69 1.73
N ILE A 53 -0.20 6.19 2.66
CA ILE A 53 -0.49 6.54 4.08
C ILE A 53 -0.19 8.03 4.32
N GLU A 54 0.88 8.52 3.78
CA GLU A 54 1.21 9.95 3.98
C GLU A 54 0.10 10.84 3.42
N SER A 55 -0.61 10.39 2.42
CA SER A 55 -1.70 11.22 1.84
C SER A 55 -2.94 11.16 2.72
N ALA A 56 -3.07 10.14 3.52
CA ALA A 56 -4.27 10.03 4.41
C ALA A 56 -4.18 11.06 5.55
N PRO A 57 -5.21 11.84 5.77
CA PRO A 57 -5.22 12.86 6.86
C PRO A 57 -4.57 12.33 8.15
N GLU A 58 -5.20 11.41 8.81
CA GLU A 58 -4.64 10.85 10.07
C GLU A 58 -3.33 10.13 9.76
N LYS A 59 -3.04 9.91 8.51
CA LYS A 59 -1.80 9.19 8.13
C LYS A 59 -1.88 7.74 8.60
N ARG A 60 -2.94 7.07 8.23
CA ARG A 60 -3.11 5.64 8.61
C ARG A 60 -4.06 4.98 7.61
N LEU A 61 -3.82 3.74 7.27
CA LEU A 61 -4.71 3.06 6.28
C LEU A 61 -4.79 1.57 6.58
N THR A 62 -5.88 0.94 6.23
CA THR A 62 -5.99 -0.53 6.45
C THR A 62 -5.43 -1.21 5.20
N LEU A 63 -5.16 -2.48 5.27
CA LEU A 63 -4.59 -3.18 4.08
C LEU A 63 -5.51 -2.99 2.87
N ALA A 64 -6.79 -3.15 3.06
CA ALA A 64 -7.75 -2.98 1.92
C ALA A 64 -7.67 -1.56 1.35
N GLN A 65 -7.50 -0.56 2.18
CA GLN A 65 -7.45 0.83 1.67
C GLN A 65 -6.20 1.03 0.79
N ILE A 66 -5.13 0.38 1.10
CA ILE A 66 -3.91 0.55 0.26
C ILE A 66 -4.17 0.03 -1.15
N TYR A 67 -4.75 -1.13 -1.28
CA TYR A 67 -5.03 -1.65 -2.66
C TYR A 67 -5.93 -0.67 -3.40
N GLU A 68 -7.05 -0.33 -2.83
CA GLU A 68 -7.99 0.61 -3.51
C GLU A 68 -7.28 1.94 -3.79
N TRP A 69 -6.52 2.43 -2.85
CA TRP A 69 -5.82 3.72 -3.06
C TRP A 69 -4.89 3.63 -4.28
N MET A 70 -4.09 2.61 -4.34
CA MET A 70 -3.16 2.46 -5.50
C MET A 70 -3.97 2.56 -6.80
N VAL A 71 -5.08 1.89 -6.86
CA VAL A 71 -5.92 1.94 -8.09
C VAL A 71 -6.56 3.33 -8.22
N ARG A 72 -7.02 3.88 -7.13
CA ARG A 72 -7.69 5.21 -7.18
C ARG A 72 -6.70 6.32 -7.57
N THR A 73 -5.46 6.21 -7.18
CA THR A 73 -4.49 7.30 -7.51
C THR A 73 -3.80 7.03 -8.85
N VAL A 74 -3.24 5.88 -9.04
CA VAL A 74 -2.53 5.60 -10.32
C VAL A 74 -3.52 5.04 -11.36
N PRO A 75 -3.62 5.67 -12.52
CA PRO A 75 -4.53 5.21 -13.60
C PRO A 75 -4.00 3.94 -14.29
N TYR A 76 -2.73 3.68 -14.15
CA TYR A 76 -2.13 2.48 -14.78
C TYR A 76 -2.82 1.21 -14.24
N PHE A 77 -3.15 1.18 -12.98
CA PHE A 77 -3.81 -0.02 -12.42
C PHE A 77 -5.33 0.04 -12.64
N LYS A 78 -5.86 1.19 -12.96
CA LYS A 78 -7.34 1.28 -13.18
C LYS A 78 -7.76 0.37 -14.33
N ASP A 79 -6.97 0.26 -15.35
CA ASP A 79 -7.34 -0.62 -16.49
C ASP A 79 -7.34 -2.08 -16.01
N LYS A 80 -6.53 -2.38 -15.04
CA LYS A 80 -6.47 -3.77 -14.50
C LYS A 80 -7.25 -3.84 -13.19
N GLY A 81 -7.51 -2.72 -12.58
CA GLY A 81 -8.25 -2.71 -11.29
C GLY A 81 -9.68 -3.23 -11.45
N ASP A 82 -10.33 -2.89 -12.53
CA ASP A 82 -11.73 -3.37 -12.72
C ASP A 82 -11.71 -4.85 -13.09
N SER A 83 -10.53 -5.37 -13.34
CA SER A 83 -10.41 -6.81 -13.71
C SER A 83 -9.47 -7.49 -12.72
N ASN A 84 -9.74 -8.72 -12.37
CA ASN A 84 -8.84 -9.42 -11.40
C ASN A 84 -7.57 -9.87 -12.11
N SER A 85 -7.28 -9.30 -13.25
CA SER A 85 -6.07 -9.70 -14.00
C SER A 85 -4.82 -9.18 -13.27
N SER A 86 -3.67 -9.70 -13.60
CA SER A 86 -2.41 -9.25 -12.93
C SER A 86 -2.62 -9.14 -11.43
N ALA A 87 -3.63 -9.77 -10.89
CA ALA A 87 -3.85 -9.68 -9.42
C ALA A 87 -2.59 -10.13 -8.68
N GLY A 88 -1.55 -10.47 -9.41
CA GLY A 88 -0.30 -10.94 -8.76
C GLY A 88 0.39 -9.79 -8.01
N TRP A 89 0.51 -8.63 -8.60
CA TRP A 89 1.22 -7.51 -7.90
C TRP A 89 0.63 -7.29 -6.50
N LYS A 90 -0.63 -7.49 -6.32
CA LYS A 90 -1.21 -7.27 -4.96
C LYS A 90 -0.38 -8.06 -3.94
N ASN A 91 0.01 -9.26 -4.27
CA ASN A 91 0.82 -10.08 -3.32
C ASN A 91 2.13 -9.34 -3.02
N SER A 92 2.74 -8.77 -4.02
CA SER A 92 4.03 -8.06 -3.81
C SER A 92 3.89 -7.03 -2.69
N ILE A 93 2.80 -6.29 -2.68
CA ILE A 93 2.63 -5.27 -1.61
C ILE A 93 2.66 -5.99 -0.26
N ARG A 94 2.03 -7.12 -0.16
CA ARG A 94 2.04 -7.86 1.14
C ARG A 94 3.48 -8.16 1.57
N HIS A 95 4.35 -8.50 0.66
CA HIS A 95 5.76 -8.79 1.06
C HIS A 95 6.40 -7.54 1.65
N ASN A 96 6.05 -6.38 1.17
CA ASN A 96 6.64 -5.14 1.74
C ASN A 96 6.08 -4.91 3.15
N LEU A 97 4.78 -4.98 3.31
CA LEU A 97 4.20 -4.77 4.67
C LEU A 97 4.79 -5.79 5.63
N SER A 98 5.02 -7.00 5.17
CA SER A 98 5.60 -8.04 6.07
C SER A 98 7.11 -7.84 6.21
N LEU A 99 7.82 -7.73 5.11
CA LEU A 99 9.30 -7.51 5.21
C LEU A 99 9.56 -6.05 5.57
N HIS A 100 10.78 -5.72 5.87
CA HIS A 100 11.11 -4.31 6.22
C HIS A 100 10.25 -3.84 7.39
N SER A 101 10.77 -3.92 8.59
CA SER A 101 9.99 -3.48 9.78
C SER A 101 9.58 -2.02 9.57
N LYS A 102 10.08 -1.42 8.53
CA LYS A 102 9.72 0.01 8.24
C LYS A 102 8.21 0.19 8.41
N PHE A 103 7.45 -0.86 8.27
CA PHE A 103 5.98 -0.76 8.44
C PHE A 103 5.58 -1.35 9.79
N ILE A 104 4.76 -0.66 10.55
CA ILE A 104 4.36 -1.20 11.89
C ILE A 104 2.91 -1.70 11.87
N LYS A 105 2.67 -2.83 12.46
CA LYS A 105 1.28 -3.39 12.50
C LYS A 105 0.51 -2.79 13.67
N VAL A 106 -0.69 -2.32 13.44
CA VAL A 106 -1.50 -1.72 14.55
C VAL A 106 -2.63 -2.68 14.93
N HIS A 107 -2.75 -2.99 16.19
CA HIS A 107 -3.83 -3.92 16.63
C HIS A 107 -5.16 -3.16 16.68
N ASN A 108 -5.94 -3.23 15.64
CA ASN A 108 -7.26 -2.52 15.65
C ASN A 108 -8.16 -3.16 16.71
N GLU A 109 -8.54 -2.40 17.70
CA GLU A 109 -9.42 -2.96 18.74
C GLU A 109 -10.79 -3.23 18.09
N ALA A 110 -11.20 -2.37 17.20
CA ALA A 110 -12.49 -2.58 16.49
C ALA A 110 -12.34 -3.82 15.61
N THR A 111 -12.21 -4.96 16.24
CA THR A 111 -12.04 -6.23 15.48
C THR A 111 -12.96 -6.24 14.25
N GLY A 112 -14.01 -5.47 14.26
CA GLY A 112 -14.91 -5.44 13.08
C GLY A 112 -14.15 -4.84 11.89
N LYS A 113 -13.36 -3.83 12.13
CA LYS A 113 -12.57 -3.21 11.04
C LYS A 113 -11.24 -3.95 10.89
N SER A 114 -10.65 -3.92 9.72
CA SER A 114 -9.35 -4.62 9.52
C SER A 114 -8.25 -3.91 10.34
N SER A 115 -7.10 -4.52 10.47
CA SER A 115 -6.00 -3.89 11.26
C SER A 115 -5.52 -2.58 10.61
N TRP A 116 -4.95 -1.71 11.39
CA TRP A 116 -4.44 -0.41 10.86
C TRP A 116 -2.94 -0.52 10.53
N TRP A 117 -2.50 0.10 9.45
CA TRP A 117 -1.05 0.04 9.08
C TRP A 117 -0.43 1.43 9.25
N MET A 118 0.80 1.50 9.71
CA MET A 118 1.44 2.84 9.89
C MET A 118 2.95 2.78 9.63
N LEU A 119 3.53 3.91 9.37
CA LEU A 119 5.00 3.96 9.14
C LEU A 119 5.71 4.04 10.49
N ASN A 120 6.88 3.46 10.63
CA ASN A 120 7.58 3.52 11.94
C ASN A 120 7.77 4.98 12.38
N PRO A 121 8.21 5.82 11.49
CA PRO A 121 8.43 7.26 11.78
C PRO A 121 7.14 8.08 11.67
N GLU A 122 6.21 7.85 12.56
CA GLU A 122 4.93 8.61 12.52
C GLU A 122 5.21 10.11 12.63
N GLY A 123 4.25 10.93 12.31
CA GLY A 123 4.48 12.40 12.40
C GLY A 123 5.06 12.91 11.07
N GLY A 124 5.02 12.10 10.06
CA GLY A 124 5.55 12.51 8.73
C GLY A 124 4.44 12.46 7.69
N SER A 35 12.38 -1.96 -20.66
CA SER A 35 13.82 -1.86 -20.32
C SER A 35 13.98 -1.05 -19.03
N ARG A 36 13.82 0.25 -19.10
CA ARG A 36 13.94 1.09 -17.88
C ARG A 36 12.57 1.19 -17.21
N ARG A 37 12.52 1.52 -15.94
CA ARG A 37 11.21 1.64 -15.26
C ARG A 37 10.71 3.09 -15.35
N ASN A 38 11.18 3.83 -16.31
CA ASN A 38 10.70 5.24 -16.45
C ASN A 38 9.19 5.27 -16.20
N ALA A 39 8.43 4.68 -17.07
CA ALA A 39 6.94 4.63 -16.89
C ALA A 39 6.46 5.75 -15.96
N TRP A 40 5.56 5.44 -15.06
CA TRP A 40 5.07 6.48 -14.12
C TRP A 40 6.25 7.02 -13.33
N GLY A 41 7.24 6.19 -13.12
CA GLY A 41 8.44 6.62 -12.36
C GLY A 41 9.18 5.37 -11.89
N ASN A 42 10.48 5.45 -11.78
CA ASN A 42 11.26 4.26 -11.33
C ASN A 42 10.92 3.95 -9.87
N GLN A 43 10.16 4.81 -9.25
CA GLN A 43 9.79 4.58 -7.82
C GLN A 43 9.56 3.09 -7.56
N SER A 44 9.74 2.65 -6.34
CA SER A 44 9.53 1.21 -6.00
C SER A 44 8.15 1.07 -5.33
N TYR A 45 7.68 -0.13 -5.19
CA TYR A 45 6.35 -0.33 -4.54
C TYR A 45 6.39 0.20 -3.11
N ALA A 46 7.49 -0.01 -2.43
CA ALA A 46 7.59 0.47 -1.02
C ALA A 46 7.40 1.98 -0.92
N GLU A 47 8.09 2.76 -1.73
CA GLU A 47 7.92 4.24 -1.63
C GLU A 47 6.48 4.64 -1.95
N LEU A 48 5.87 3.99 -2.89
CA LEU A 48 4.48 4.35 -3.24
C LEU A 48 3.58 4.21 -2.00
N ILE A 49 3.78 3.19 -1.21
CA ILE A 49 2.95 3.01 0.01
C ILE A 49 3.14 4.22 0.94
N SER A 50 4.36 4.66 1.11
CA SER A 50 4.60 5.83 2.01
C SER A 50 3.79 7.04 1.53
N GLN A 51 3.76 7.30 0.26
CA GLN A 51 2.98 8.47 -0.24
C GLN A 51 1.51 8.26 0.11
N ALA A 52 1.04 7.06 -0.02
CA ALA A 52 -0.39 6.78 0.31
C ALA A 52 -0.68 7.09 1.77
N ILE A 53 0.08 6.52 2.67
CA ILE A 53 -0.18 6.75 4.12
C ILE A 53 0.06 8.22 4.50
N GLU A 54 1.10 8.83 3.98
CA GLU A 54 1.36 10.25 4.33
C GLU A 54 0.24 11.16 3.80
N SER A 55 -0.34 10.84 2.67
CA SER A 55 -1.42 11.70 2.11
C SER A 55 -2.72 11.47 2.87
N ALA A 56 -2.92 10.29 3.38
CA ALA A 56 -4.19 10.01 4.13
C ALA A 56 -4.25 10.92 5.36
N PRO A 57 -5.44 11.26 5.78
CA PRO A 57 -5.65 12.16 6.96
C PRO A 57 -5.31 11.49 8.31
N GLU A 58 -5.96 10.40 8.63
CA GLU A 58 -5.70 9.74 9.96
C GLU A 58 -4.32 9.07 9.99
N LYS A 59 -3.57 9.11 8.92
CA LYS A 59 -2.24 8.44 8.93
C LYS A 59 -2.41 6.96 9.25
N ARG A 60 -3.37 6.32 8.64
CA ARG A 60 -3.60 4.88 8.91
C ARG A 60 -4.34 4.27 7.72
N LEU A 61 -3.94 3.12 7.26
CA LEU A 61 -4.64 2.48 6.10
C LEU A 61 -4.65 0.96 6.26
N THR A 62 -5.73 0.33 5.88
CA THR A 62 -5.78 -1.15 5.94
C THR A 62 -5.29 -1.69 4.59
N LEU A 63 -5.16 -2.97 4.44
CA LEU A 63 -4.66 -3.52 3.14
C LEU A 63 -5.58 -3.07 2.00
N ALA A 64 -6.87 -3.24 2.17
CA ALA A 64 -7.84 -2.84 1.08
C ALA A 64 -7.72 -1.35 0.73
N GLN A 65 -7.43 -0.51 1.67
CA GLN A 65 -7.33 0.95 1.36
C GLN A 65 -6.12 1.24 0.47
N ILE A 66 -5.02 0.55 0.69
CA ILE A 66 -3.82 0.82 -0.15
C ILE A 66 -4.14 0.53 -1.61
N TYR A 67 -4.85 -0.53 -1.88
CA TYR A 67 -5.18 -0.81 -3.31
C TYR A 67 -5.95 0.39 -3.88
N GLU A 68 -6.98 0.80 -3.20
CA GLU A 68 -7.82 1.93 -3.70
C GLU A 68 -6.99 3.19 -3.92
N TRP A 69 -6.13 3.55 -2.99
CA TRP A 69 -5.33 4.78 -3.20
C TRP A 69 -4.50 4.64 -4.47
N MET A 70 -3.76 3.58 -4.60
CA MET A 70 -2.96 3.39 -5.84
C MET A 70 -3.89 3.48 -7.06
N VAL A 71 -5.04 2.87 -6.98
CA VAL A 71 -5.99 2.91 -8.12
C VAL A 71 -6.52 4.33 -8.30
N ARG A 72 -6.83 5.00 -7.23
CA ARG A 72 -7.36 6.39 -7.32
C ARG A 72 -6.31 7.32 -7.90
N THR A 73 -5.07 7.12 -7.57
CA THR A 73 -4.00 8.02 -8.08
C THR A 73 -3.49 7.53 -9.43
N VAL A 74 -3.07 6.30 -9.53
CA VAL A 74 -2.55 5.80 -10.84
C VAL A 74 -3.70 5.27 -11.70
N PRO A 75 -3.95 5.88 -12.84
CA PRO A 75 -5.04 5.44 -13.76
C PRO A 75 -4.64 4.15 -14.49
N TYR A 76 -3.36 3.97 -14.69
CA TYR A 76 -2.88 2.72 -15.37
C TYR A 76 -3.29 1.50 -14.57
N PHE A 77 -3.58 1.66 -13.30
CA PHE A 77 -3.96 0.49 -12.46
C PHE A 77 -5.46 0.22 -12.58
N LYS A 78 -6.22 1.17 -13.07
CA LYS A 78 -7.68 0.95 -13.20
C LYS A 78 -7.95 -0.24 -14.11
N ASP A 79 -7.21 -0.37 -15.18
CA ASP A 79 -7.44 -1.52 -16.10
C ASP A 79 -7.04 -2.81 -15.40
N LYS A 80 -6.01 -2.76 -14.59
CA LYS A 80 -5.53 -3.97 -13.88
C LYS A 80 -6.36 -4.22 -12.62
N GLY A 81 -6.95 -3.20 -12.06
CA GLY A 81 -7.77 -3.40 -10.83
C GLY A 81 -8.99 -4.26 -11.15
N ASP A 82 -9.72 -3.92 -12.17
CA ASP A 82 -10.93 -4.73 -12.52
C ASP A 82 -10.50 -5.97 -13.32
N SER A 83 -9.24 -6.33 -13.24
CA SER A 83 -8.76 -7.53 -13.99
C SER A 83 -8.26 -8.59 -12.99
N ASN A 84 -7.90 -9.74 -13.48
CA ASN A 84 -7.42 -10.81 -12.56
C ASN A 84 -6.06 -10.43 -11.99
N SER A 85 -5.34 -9.58 -12.67
CA SER A 85 -3.99 -9.19 -12.17
C SER A 85 -4.07 -8.75 -10.71
N SER A 86 -5.23 -8.42 -10.23
CA SER A 86 -5.36 -7.98 -8.82
C SER A 86 -4.90 -9.10 -7.87
N ALA A 87 -5.09 -10.33 -8.27
CA ALA A 87 -4.69 -11.47 -7.41
C ALA A 87 -3.20 -11.40 -7.09
N GLY A 88 -2.40 -10.93 -8.00
CA GLY A 88 -0.92 -10.87 -7.74
C GLY A 88 -0.60 -9.70 -6.78
N TRP A 89 -1.45 -8.72 -6.72
CA TRP A 89 -1.17 -7.56 -5.82
C TRP A 89 -0.90 -8.04 -4.39
N LYS A 90 -1.54 -9.10 -4.00
CA LYS A 90 -1.36 -9.58 -2.59
C LYS A 90 0.09 -10.01 -2.33
N ASN A 91 0.62 -10.91 -3.10
CA ASN A 91 2.01 -11.37 -2.85
C ASN A 91 3.02 -10.23 -2.96
N SER A 92 2.94 -9.43 -3.99
CA SER A 92 3.94 -8.32 -4.13
C SER A 92 3.86 -7.40 -2.91
N ILE A 93 2.76 -6.73 -2.75
CA ILE A 93 2.60 -5.79 -1.62
C ILE A 93 2.70 -6.52 -0.27
N ARG A 94 2.14 -7.70 -0.13
CA ARG A 94 2.24 -8.40 1.18
C ARG A 94 3.71 -8.64 1.53
N HIS A 95 4.53 -8.86 0.53
CA HIS A 95 5.98 -9.13 0.78
C HIS A 95 6.65 -7.92 1.43
N ASN A 96 6.45 -6.74 0.91
CA ASN A 96 7.10 -5.54 1.50
C ASN A 96 6.49 -5.21 2.86
N LEU A 97 5.20 -5.32 3.00
CA LEU A 97 4.56 -5.00 4.30
C LEU A 97 5.15 -5.85 5.43
N SER A 98 5.40 -7.10 5.19
CA SER A 98 5.96 -7.95 6.26
C SER A 98 7.45 -7.66 6.44
N LEU A 99 8.19 -7.63 5.36
CA LEU A 99 9.66 -7.35 5.48
C LEU A 99 9.88 -5.85 5.65
N HIS A 100 11.02 -5.46 6.17
CA HIS A 100 11.30 -4.01 6.36
C HIS A 100 10.47 -3.47 7.52
N SER A 101 11.03 -3.44 8.69
CA SER A 101 10.29 -2.94 9.88
C SER A 101 9.80 -1.50 9.63
N LYS A 102 10.12 -0.93 8.51
CA LYS A 102 9.65 0.46 8.23
C LYS A 102 8.15 0.56 8.49
N PHE A 103 7.42 -0.48 8.19
CA PHE A 103 5.94 -0.44 8.42
C PHE A 103 5.60 -1.09 9.77
N ILE A 104 4.77 -0.45 10.55
CA ILE A 104 4.39 -1.03 11.88
C ILE A 104 2.98 -1.64 11.80
N LYS A 105 2.72 -2.67 12.54
CA LYS A 105 1.37 -3.30 12.50
C LYS A 105 0.46 -2.57 13.51
N VAL A 106 -0.81 -2.47 13.22
CA VAL A 106 -1.75 -1.75 14.15
C VAL A 106 -2.83 -2.70 14.65
N HIS A 107 -2.92 -2.89 15.94
CA HIS A 107 -4.00 -3.78 16.48
C HIS A 107 -5.31 -3.00 16.54
N ASN A 108 -6.25 -3.30 15.68
CA ASN A 108 -7.55 -2.58 15.69
C ASN A 108 -8.32 -2.95 16.96
N GLU A 109 -8.82 -1.98 17.69
CA GLU A 109 -9.57 -2.30 18.95
C GLU A 109 -10.86 -3.05 18.59
N ALA A 110 -11.42 -2.78 17.46
CA ALA A 110 -12.68 -3.47 17.07
C ALA A 110 -12.45 -4.98 16.97
N THR A 111 -12.03 -5.58 18.05
CA THR A 111 -11.79 -7.06 18.05
C THR A 111 -10.66 -7.41 17.10
N GLY A 112 -10.60 -6.79 15.95
CA GLY A 112 -9.50 -7.09 14.99
C GLY A 112 -10.03 -7.55 13.64
N LYS A 113 -10.50 -6.64 12.82
CA LYS A 113 -11.00 -7.04 11.46
C LYS A 113 -9.82 -6.98 10.48
N SER A 114 -9.34 -5.80 10.23
CA SER A 114 -8.17 -5.64 9.31
C SER A 114 -7.18 -4.71 9.99
N SER A 115 -6.04 -5.22 10.38
CA SER A 115 -5.05 -4.36 11.08
C SER A 115 -4.65 -3.17 10.20
N TRP A 116 -4.49 -2.03 10.79
CA TRP A 116 -4.12 -0.82 10.01
C TRP A 116 -2.61 -0.74 9.85
N TRP A 117 -2.14 -0.22 8.75
CA TRP A 117 -0.67 -0.12 8.52
C TRP A 117 -0.21 1.33 8.74
N MET A 118 0.88 1.51 9.43
CA MET A 118 1.40 2.89 9.65
C MET A 118 2.90 2.88 9.41
N LEU A 119 3.49 4.00 9.08
CA LEU A 119 4.95 4.03 8.87
C LEU A 119 5.61 3.88 10.24
N ASN A 120 6.92 3.78 10.29
CA ASN A 120 7.60 3.63 11.61
C ASN A 120 6.86 4.49 12.66
N PRO A 121 7.08 4.25 13.92
CA PRO A 121 6.41 5.02 15.00
C PRO A 121 7.11 6.34 15.30
N GLU A 122 7.96 6.35 16.29
CA GLU A 122 8.68 7.61 16.64
C GLU A 122 9.48 8.09 15.45
N GLY A 123 10.08 7.18 14.71
CA GLY A 123 10.88 7.61 13.53
C GLY A 123 10.08 8.62 12.71
N GLY A 124 8.81 8.39 12.56
CA GLY A 124 7.96 9.34 11.78
C GLY A 124 8.27 10.78 12.22
N SER A 35 12.33 2.04 -22.42
CA SER A 35 13.52 1.39 -21.82
C SER A 35 13.38 1.36 -20.31
N ARG A 36 12.74 2.33 -19.73
CA ARG A 36 12.57 2.36 -18.25
C ARG A 36 11.07 2.40 -17.90
N ARG A 37 10.75 2.13 -16.67
CA ARG A 37 9.32 2.13 -16.25
C ARG A 37 8.96 3.48 -15.62
N ASN A 38 9.49 4.55 -16.15
CA ASN A 38 9.20 5.90 -15.60
C ASN A 38 7.70 6.17 -15.72
N ALA A 39 7.01 5.32 -16.42
CA ALA A 39 5.54 5.50 -16.61
C ALA A 39 4.92 6.11 -15.35
N TRP A 40 5.27 5.61 -14.19
CA TRP A 40 4.72 6.18 -12.93
C TRP A 40 5.87 6.81 -12.14
N GLY A 41 7.08 6.70 -12.63
CA GLY A 41 8.25 7.29 -11.91
C GLY A 41 9.23 6.18 -11.55
N ASN A 42 9.02 5.01 -12.06
CA ASN A 42 9.94 3.88 -11.75
C ASN A 42 10.11 3.78 -10.23
N GLN A 43 9.12 4.24 -9.48
CA GLN A 43 9.21 4.17 -8.00
C GLN A 43 9.11 2.71 -7.54
N SER A 44 9.80 2.36 -6.49
CA SER A 44 9.71 0.96 -6.01
C SER A 44 8.34 0.76 -5.36
N TYR A 45 7.91 -0.47 -5.21
CA TYR A 45 6.57 -0.72 -4.60
C TYR A 45 6.52 -0.16 -3.17
N ALA A 46 7.59 -0.34 -2.43
CA ALA A 46 7.60 0.17 -1.03
C ALA A 46 7.38 1.68 -0.99
N GLU A 47 8.03 2.42 -1.86
CA GLU A 47 7.84 3.90 -1.84
C GLU A 47 6.38 4.22 -2.14
N LEU A 48 5.76 3.48 -3.02
CA LEU A 48 4.32 3.76 -3.31
C LEU A 48 3.50 3.56 -2.03
N ILE A 49 3.84 2.56 -1.26
CA ILE A 49 3.09 2.31 0.01
C ILE A 49 3.22 3.51 0.96
N SER A 50 4.40 4.04 1.10
CA SER A 50 4.60 5.20 2.02
C SER A 50 3.74 6.38 1.59
N GLN A 51 3.63 6.64 0.31
CA GLN A 51 2.80 7.79 -0.13
C GLN A 51 1.35 7.55 0.29
N ALA A 52 0.88 6.35 0.17
CA ALA A 52 -0.53 6.05 0.56
C ALA A 52 -0.76 6.45 2.02
N ILE A 53 0.05 5.96 2.91
CA ILE A 53 -0.14 6.33 4.34
C ILE A 53 0.08 7.84 4.50
N GLU A 54 1.13 8.36 3.92
CA GLU A 54 1.41 9.82 4.03
C GLU A 54 0.27 10.63 3.39
N SER A 55 -0.45 10.05 2.46
CA SER A 55 -1.53 10.83 1.79
C SER A 55 -2.72 11.03 2.76
N ALA A 56 -2.99 10.06 3.59
CA ALA A 56 -4.13 10.20 4.55
C ALA A 56 -3.77 11.22 5.63
N PRO A 57 -4.69 12.07 6.03
CA PRO A 57 -4.44 13.08 7.10
C PRO A 57 -3.96 12.40 8.39
N GLU A 58 -4.74 11.47 8.89
CA GLU A 58 -4.34 10.75 10.13
C GLU A 58 -3.14 9.85 9.82
N LYS A 59 -2.94 9.55 8.55
CA LYS A 59 -1.79 8.70 8.14
C LYS A 59 -2.00 7.28 8.66
N ARG A 60 -3.06 6.63 8.22
CA ARG A 60 -3.32 5.23 8.67
C ARG A 60 -4.21 4.57 7.61
N LEU A 61 -3.87 3.37 7.21
CA LEU A 61 -4.72 2.70 6.18
C LEU A 61 -4.70 1.19 6.38
N THR A 62 -5.79 0.54 6.08
CA THR A 62 -5.85 -0.93 6.22
C THR A 62 -5.36 -1.56 4.92
N LEU A 63 -5.33 -2.86 4.85
CA LEU A 63 -4.84 -3.51 3.61
C LEU A 63 -5.74 -3.13 2.42
N ALA A 64 -7.02 -3.30 2.56
CA ALA A 64 -7.94 -2.97 1.43
C ALA A 64 -7.84 -1.49 1.03
N GLN A 65 -7.63 -0.60 1.96
CA GLN A 65 -7.54 0.84 1.59
C GLN A 65 -6.30 1.10 0.75
N ILE A 66 -5.22 0.41 1.01
CA ILE A 66 -3.99 0.64 0.20
C ILE A 66 -4.26 0.28 -1.26
N TYR A 67 -4.87 -0.85 -1.51
CA TYR A 67 -5.15 -1.23 -2.94
C TYR A 67 -6.02 -0.16 -3.58
N GLU A 68 -7.10 0.21 -2.96
CA GLU A 68 -8.01 1.25 -3.55
C GLU A 68 -7.24 2.53 -3.80
N TRP A 69 -6.36 2.90 -2.91
CA TRP A 69 -5.59 4.16 -3.11
C TRP A 69 -4.82 4.08 -4.42
N MET A 70 -4.03 3.05 -4.59
CA MET A 70 -3.26 2.91 -5.86
C MET A 70 -4.19 2.90 -7.07
N VAL A 71 -5.32 2.23 -6.98
CA VAL A 71 -6.24 2.19 -8.15
C VAL A 71 -6.87 3.57 -8.40
N ARG A 72 -7.38 4.20 -7.37
CA ARG A 72 -8.03 5.53 -7.60
C ARG A 72 -6.96 6.60 -7.85
N THR A 73 -5.78 6.41 -7.34
CA THR A 73 -4.70 7.42 -7.55
C THR A 73 -4.02 7.16 -8.89
N VAL A 74 -3.59 5.95 -9.11
CA VAL A 74 -2.92 5.59 -10.39
C VAL A 74 -3.96 5.09 -11.40
N PRO A 75 -4.10 5.74 -12.54
CA PRO A 75 -5.09 5.32 -13.58
C PRO A 75 -4.60 4.12 -14.39
N TYR A 76 -3.31 3.94 -14.46
CA TYR A 76 -2.75 2.79 -15.21
C TYR A 76 -3.33 1.48 -14.66
N PHE A 77 -3.68 1.47 -13.39
CA PHE A 77 -4.23 0.23 -12.78
C PHE A 77 -5.74 0.12 -13.05
N LYS A 78 -6.41 1.23 -13.21
CA LYS A 78 -7.89 1.16 -13.47
C LYS A 78 -8.13 0.28 -14.68
N ASP A 79 -7.23 0.28 -15.61
CA ASP A 79 -7.39 -0.55 -16.82
C ASP A 79 -7.24 -2.03 -16.45
N LYS A 80 -6.36 -2.34 -15.53
CA LYS A 80 -6.15 -3.76 -15.14
C LYS A 80 -7.11 -4.16 -14.01
N GLY A 81 -7.95 -3.26 -13.56
CA GLY A 81 -8.89 -3.62 -12.48
C GLY A 81 -9.84 -4.72 -12.96
N ASP A 82 -10.31 -4.61 -14.17
CA ASP A 82 -11.23 -5.66 -14.71
C ASP A 82 -10.41 -6.87 -15.15
N SER A 83 -9.19 -6.66 -15.56
CA SER A 83 -8.34 -7.80 -16.01
C SER A 83 -7.96 -8.66 -14.80
N ASN A 84 -8.29 -8.20 -13.62
CA ASN A 84 -7.95 -8.97 -12.38
C ASN A 84 -6.44 -9.17 -12.27
N SER A 85 -5.67 -8.15 -12.57
CA SER A 85 -4.20 -8.28 -12.45
C SER A 85 -3.83 -8.31 -10.97
N SER A 86 -4.67 -7.77 -10.13
CA SER A 86 -4.39 -7.77 -8.66
C SER A 86 -4.00 -9.19 -8.23
N ALA A 87 -4.37 -10.17 -8.98
CA ALA A 87 -4.02 -11.57 -8.62
C ALA A 87 -2.49 -11.73 -8.57
N GLY A 88 -1.76 -10.89 -9.27
CA GLY A 88 -0.27 -11.02 -9.28
C GLY A 88 0.42 -9.94 -8.42
N TRP A 89 0.58 -8.76 -8.96
CA TRP A 89 1.30 -7.68 -8.22
C TRP A 89 0.77 -7.49 -6.80
N LYS A 90 -0.45 -7.83 -6.53
CA LYS A 90 -0.97 -7.63 -5.14
C LYS A 90 -0.06 -8.34 -4.13
N ASN A 91 0.31 -9.56 -4.38
CA ASN A 91 1.19 -10.28 -3.42
C ASN A 91 2.50 -9.53 -3.21
N SER A 92 3.00 -8.88 -4.23
CA SER A 92 4.27 -8.13 -4.10
C SER A 92 4.15 -7.11 -2.96
N ILE A 93 3.12 -6.31 -2.98
CA ILE A 93 2.93 -5.29 -1.91
C ILE A 93 2.75 -5.97 -0.55
N ARG A 94 1.90 -6.95 -0.48
CA ARG A 94 1.65 -7.66 0.81
C ARG A 94 2.96 -8.16 1.46
N HIS A 95 3.84 -8.75 0.70
CA HIS A 95 5.10 -9.27 1.30
C HIS A 95 5.94 -8.12 1.89
N ASN A 96 5.90 -6.97 1.27
CA ASN A 96 6.69 -5.81 1.79
C ASN A 96 6.13 -5.33 3.14
N LEU A 97 4.85 -5.48 3.37
CA LEU A 97 4.28 -5.02 4.67
C LEU A 97 5.01 -5.71 5.84
N SER A 98 5.28 -6.99 5.70
CA SER A 98 5.94 -7.73 6.81
C SER A 98 7.41 -7.33 6.93
N LEU A 99 8.12 -7.27 5.84
CA LEU A 99 9.56 -6.89 5.92
C LEU A 99 9.68 -5.39 6.15
N HIS A 100 10.89 -4.90 6.26
CA HIS A 100 11.10 -3.45 6.49
C HIS A 100 10.41 -3.05 7.80
N SER A 101 11.15 -2.95 8.86
CA SER A 101 10.53 -2.57 10.17
C SER A 101 9.90 -1.17 10.03
N LYS A 102 10.24 -0.45 9.00
CA LYS A 102 9.65 0.91 8.82
C LYS A 102 8.13 0.83 8.97
N PHE A 103 7.55 -0.30 8.69
CA PHE A 103 6.07 -0.43 8.84
C PHE A 103 5.76 -0.98 10.23
N ILE A 104 4.73 -0.48 10.86
CA ILE A 104 4.38 -0.98 12.23
C ILE A 104 2.95 -1.51 12.22
N LYS A 105 2.71 -2.60 12.90
CA LYS A 105 1.33 -3.18 12.92
C LYS A 105 0.47 -2.50 13.99
N VAL A 106 -0.77 -2.24 13.69
CA VAL A 106 -1.68 -1.60 14.67
C VAL A 106 -2.76 -2.61 15.07
N HIS A 107 -2.95 -2.81 16.34
CA HIS A 107 -4.00 -3.77 16.78
C HIS A 107 -5.37 -3.09 16.71
N ASN A 108 -6.12 -3.34 15.67
CA ASN A 108 -7.47 -2.70 15.58
C ASN A 108 -8.29 -3.16 16.79
N GLU A 109 -9.22 -2.35 17.24
CA GLU A 109 -10.04 -2.74 18.42
C GLU A 109 -11.01 -3.88 18.06
N ALA A 110 -11.41 -3.97 16.82
CA ALA A 110 -12.36 -5.06 16.42
C ALA A 110 -11.68 -6.42 16.56
N THR A 111 -11.08 -6.69 17.69
CA THR A 111 -10.40 -7.99 17.90
C THR A 111 -9.36 -8.23 16.80
N GLY A 112 -9.19 -7.32 15.89
CA GLY A 112 -8.16 -7.49 14.82
C GLY A 112 -8.80 -7.47 13.42
N LYS A 113 -9.84 -6.70 13.23
CA LYS A 113 -10.47 -6.65 11.87
C LYS A 113 -9.76 -5.58 11.03
N SER A 114 -9.29 -5.93 9.87
CA SER A 114 -8.59 -4.93 9.02
C SER A 114 -7.57 -4.16 9.87
N SER A 115 -6.42 -4.75 10.11
CA SER A 115 -5.40 -4.06 10.94
C SER A 115 -5.02 -2.72 10.29
N TRP A 116 -4.68 -1.75 11.09
CA TRP A 116 -4.29 -0.42 10.55
C TRP A 116 -2.77 -0.40 10.30
N TRP A 117 -2.36 0.01 9.13
CA TRP A 117 -0.89 0.05 8.82
C TRP A 117 -0.35 1.47 9.02
N MET A 118 0.80 1.62 9.62
CA MET A 118 1.37 2.98 9.83
C MET A 118 2.89 2.97 9.67
N LEU A 119 3.47 4.12 9.45
CA LEU A 119 4.95 4.19 9.30
C LEU A 119 5.59 4.23 10.69
N ASN A 120 6.81 3.81 10.81
CA ASN A 120 7.49 3.81 12.14
C ASN A 120 7.68 5.25 12.62
N PRO A 121 7.44 5.53 13.88
CA PRO A 121 7.61 6.90 14.45
C PRO A 121 9.09 7.28 14.61
N GLU A 122 9.96 6.55 13.96
CA GLU A 122 11.41 6.86 14.06
C GLU A 122 11.63 8.30 13.59
N GLY A 123 10.84 8.73 12.65
CA GLY A 123 10.97 10.11 12.13
C GLY A 123 10.19 10.20 10.82
N GLY A 124 9.43 9.19 10.51
CA GLY A 124 8.63 9.21 9.25
C GLY A 124 7.41 8.29 9.41
N SER A 35 19.60 0.91 -9.44
CA SER A 35 18.54 -0.01 -9.93
C SER A 35 17.95 0.55 -11.23
N ARG A 36 18.04 -0.19 -12.29
CA ARG A 36 17.49 0.31 -13.59
C ARG A 36 16.01 0.64 -13.39
N ARG A 37 15.61 1.78 -13.87
CA ARG A 37 14.19 2.20 -13.73
C ARG A 37 13.45 1.95 -15.04
N ASN A 38 12.25 1.44 -14.97
CA ASN A 38 11.48 1.16 -16.22
C ASN A 38 10.13 1.89 -16.17
N ALA A 39 9.79 2.60 -17.21
CA ALA A 39 8.49 3.32 -17.23
C ALA A 39 8.34 4.13 -15.94
N TRP A 40 7.20 4.06 -15.31
CA TRP A 40 6.99 4.82 -14.06
C TRP A 40 7.74 4.12 -12.92
N GLY A 41 8.42 3.05 -13.23
CA GLY A 41 9.18 2.31 -12.19
C GLY A 41 10.18 3.25 -11.52
N ASN A 42 10.10 4.51 -11.82
CA ASN A 42 11.05 5.48 -11.20
C ASN A 42 10.83 5.47 -9.70
N GLN A 43 9.62 5.20 -9.27
CA GLN A 43 9.33 5.16 -7.80
C GLN A 43 9.27 3.71 -7.35
N SER A 44 9.92 3.38 -6.27
CA SER A 44 9.89 1.97 -5.79
C SER A 44 8.54 1.67 -5.15
N TYR A 45 8.28 0.42 -4.89
CA TYR A 45 6.98 0.05 -4.27
C TYR A 45 6.91 0.68 -2.86
N ALA A 46 8.02 0.78 -2.21
CA ALA A 46 8.04 1.39 -0.84
C ALA A 46 7.54 2.84 -0.88
N GLU A 47 8.00 3.60 -1.83
CA GLU A 47 7.59 5.04 -1.92
C GLU A 47 6.10 5.14 -2.26
N LEU A 48 5.59 4.31 -3.12
CA LEU A 48 4.15 4.39 -3.46
C LEU A 48 3.32 4.15 -2.19
N ILE A 49 3.63 3.12 -1.45
CA ILE A 49 2.86 2.86 -0.19
C ILE A 49 3.05 4.04 0.77
N SER A 50 4.24 4.59 0.83
CA SER A 50 4.50 5.73 1.75
C SER A 50 3.53 6.87 1.46
N GLN A 51 3.38 7.26 0.22
CA GLN A 51 2.46 8.39 -0.11
C GLN A 51 1.04 8.04 0.33
N ALA A 52 0.63 6.82 0.13
CA ALA A 52 -0.75 6.42 0.53
C ALA A 52 -0.96 6.66 2.02
N ILE A 53 0.00 6.31 2.85
CA ILE A 53 -0.20 6.55 4.32
C ILE A 53 -0.23 8.04 4.61
N GLU A 54 0.72 8.79 4.10
CA GLU A 54 0.75 10.25 4.37
C GLU A 54 -0.54 10.92 3.87
N SER A 55 -1.15 10.37 2.87
CA SER A 55 -2.40 10.99 2.33
C SER A 55 -3.54 10.82 3.35
N ALA A 56 -3.42 9.87 4.24
CA ALA A 56 -4.50 9.68 5.26
C ALA A 56 -4.45 10.85 6.25
N PRO A 57 -5.57 11.23 6.81
CA PRO A 57 -5.63 12.36 7.79
C PRO A 57 -4.68 12.12 8.97
N GLU A 58 -4.84 11.02 9.63
CA GLU A 58 -3.98 10.71 10.81
C GLU A 58 -2.84 9.76 10.41
N LYS A 59 -2.58 9.63 9.14
CA LYS A 59 -1.48 8.71 8.70
C LYS A 59 -1.79 7.28 9.15
N ARG A 60 -2.85 6.71 8.65
CA ARG A 60 -3.23 5.32 9.04
C ARG A 60 -4.10 4.70 7.94
N LEU A 61 -3.79 3.50 7.51
CA LEU A 61 -4.62 2.86 6.45
C LEU A 61 -4.57 1.33 6.62
N THR A 62 -5.54 0.63 6.06
CA THR A 62 -5.54 -0.86 6.17
C THR A 62 -5.07 -1.47 4.85
N LEU A 63 -4.92 -2.76 4.82
CA LEU A 63 -4.48 -3.43 3.57
C LEU A 63 -5.45 -3.10 2.44
N ALA A 64 -6.73 -3.20 2.72
CA ALA A 64 -7.75 -2.90 1.68
C ALA A 64 -7.62 -1.46 1.17
N GLN A 65 -7.34 -0.50 2.02
CA GLN A 65 -7.23 0.91 1.55
C GLN A 65 -6.00 1.06 0.67
N ILE A 66 -4.93 0.38 0.98
CA ILE A 66 -3.71 0.51 0.14
C ILE A 66 -4.01 0.09 -1.29
N TYR A 67 -4.60 -1.06 -1.48
CA TYR A 67 -4.91 -1.49 -2.87
C TYR A 67 -5.80 -0.44 -3.54
N GLU A 68 -6.79 0.04 -2.84
CA GLU A 68 -7.71 1.05 -3.42
C GLU A 68 -6.94 2.34 -3.80
N TRP A 69 -6.01 2.77 -2.98
CA TRP A 69 -5.25 4.02 -3.29
C TRP A 69 -4.48 3.84 -4.60
N MET A 70 -3.70 2.80 -4.71
CA MET A 70 -2.91 2.57 -5.95
C MET A 70 -3.82 2.57 -7.18
N VAL A 71 -4.89 1.82 -7.16
CA VAL A 71 -5.80 1.78 -8.35
C VAL A 71 -6.41 3.16 -8.55
N ARG A 72 -6.79 3.80 -7.48
CA ARG A 72 -7.41 5.16 -7.57
C ARG A 72 -6.38 6.22 -7.95
N THR A 73 -5.19 6.14 -7.42
CA THR A 73 -4.17 7.18 -7.74
C THR A 73 -3.47 6.85 -9.08
N VAL A 74 -3.21 5.60 -9.34
CA VAL A 74 -2.54 5.24 -10.62
C VAL A 74 -3.60 5.01 -11.72
N PRO A 75 -3.57 5.79 -12.78
CA PRO A 75 -4.56 5.65 -13.90
C PRO A 75 -4.30 4.41 -14.78
N TYR A 76 -3.05 4.13 -15.05
CA TYR A 76 -2.67 2.97 -15.93
C TYR A 76 -3.27 1.66 -15.41
N PHE A 77 -3.34 1.47 -14.11
CA PHE A 77 -3.88 0.18 -13.57
C PHE A 77 -5.41 0.21 -13.48
N LYS A 78 -6.04 1.34 -13.67
CA LYS A 78 -7.52 1.37 -13.59
C LYS A 78 -8.12 0.41 -14.62
N ASP A 79 -7.48 0.25 -15.74
CA ASP A 79 -7.99 -0.69 -16.79
C ASP A 79 -7.85 -2.12 -16.29
N LYS A 80 -6.74 -2.41 -15.64
CA LYS A 80 -6.50 -3.78 -15.12
C LYS A 80 -7.60 -4.14 -14.12
N GLY A 81 -8.28 -3.15 -13.60
CA GLY A 81 -9.36 -3.42 -12.60
C GLY A 81 -10.42 -4.39 -13.17
N ASP A 82 -10.19 -4.95 -14.32
CA ASP A 82 -11.18 -5.90 -14.89
C ASP A 82 -10.48 -6.87 -15.86
N SER A 83 -11.08 -7.99 -16.12
CA SER A 83 -10.48 -9.01 -17.04
C SER A 83 -9.45 -9.86 -16.27
N ASN A 84 -9.56 -9.91 -14.97
CA ASN A 84 -8.61 -10.73 -14.16
C ASN A 84 -7.17 -10.35 -14.49
N SER A 85 -6.82 -9.11 -14.33
CA SER A 85 -5.43 -8.71 -14.63
C SER A 85 -4.49 -9.44 -13.68
N SER A 86 -3.21 -9.35 -13.90
CA SER A 86 -2.25 -10.04 -13.00
C SER A 86 -2.43 -9.57 -11.56
N ALA A 87 -3.44 -10.02 -10.88
CA ALA A 87 -3.61 -9.58 -9.46
C ALA A 87 -2.38 -10.04 -8.67
N GLY A 88 -1.45 -10.67 -9.34
CA GLY A 88 -0.22 -11.15 -8.64
C GLY A 88 0.51 -10.00 -7.97
N TRP A 89 0.60 -8.85 -8.58
CA TRP A 89 1.33 -7.73 -7.91
C TRP A 89 0.78 -7.54 -6.50
N LYS A 90 -0.42 -8.03 -6.26
CA LYS A 90 -1.01 -7.92 -4.92
C LYS A 90 -0.15 -8.66 -3.89
N ASN A 91 0.25 -9.86 -4.20
CA ASN A 91 1.09 -10.65 -3.25
C ASN A 91 2.39 -9.90 -2.95
N SER A 92 2.95 -9.25 -3.92
CA SER A 92 4.22 -8.51 -3.67
C SER A 92 4.04 -7.58 -2.47
N ILE A 93 3.01 -6.78 -2.49
CA ILE A 93 2.78 -5.82 -1.37
C ILE A 93 2.57 -6.56 -0.04
N ARG A 94 1.81 -7.62 -0.04
CA ARG A 94 1.58 -8.36 1.24
C ARG A 94 2.92 -8.72 1.90
N HIS A 95 3.88 -9.09 1.12
CA HIS A 95 5.22 -9.48 1.69
C HIS A 95 5.90 -8.28 2.35
N ASN A 96 5.77 -7.12 1.77
CA ASN A 96 6.46 -5.92 2.34
C ASN A 96 5.85 -5.51 3.68
N LEU A 97 4.56 -5.42 3.77
CA LEU A 97 3.96 -5.02 5.07
C LEU A 97 4.49 -5.92 6.18
N SER A 98 4.61 -7.20 5.92
CA SER A 98 5.11 -8.13 6.97
C SER A 98 6.65 -8.19 6.98
N LEU A 99 7.26 -8.35 5.82
CA LEU A 99 8.76 -8.44 5.78
C LEU A 99 9.39 -7.05 5.98
N HIS A 100 8.93 -6.06 5.28
CA HIS A 100 9.53 -4.70 5.39
C HIS A 100 9.29 -4.14 6.80
N SER A 101 10.31 -3.62 7.43
CA SER A 101 10.15 -3.05 8.80
C SER A 101 9.68 -1.59 8.75
N LYS A 102 9.80 -0.96 7.62
CA LYS A 102 9.37 0.47 7.48
C LYS A 102 7.94 0.64 7.99
N PHE A 103 7.08 -0.31 7.72
CA PHE A 103 5.67 -0.18 8.16
C PHE A 103 5.48 -0.84 9.53
N ILE A 104 4.99 -0.11 10.51
CA ILE A 104 4.79 -0.72 11.86
C ILE A 104 3.35 -1.25 11.96
N LYS A 105 3.14 -2.29 12.71
CA LYS A 105 1.78 -2.88 12.82
C LYS A 105 0.94 -2.07 13.82
N VAL A 106 -0.28 -1.75 13.44
CA VAL A 106 -1.17 -0.97 14.34
C VAL A 106 -2.21 -1.90 14.95
N HIS A 107 -2.25 -2.00 16.25
CA HIS A 107 -3.24 -2.91 16.90
C HIS A 107 -4.63 -2.26 16.92
N ASN A 108 -5.42 -2.49 15.91
CA ASN A 108 -6.80 -1.91 15.88
C ASN A 108 -7.66 -2.58 16.94
N GLU A 109 -8.33 -1.82 17.74
CA GLU A 109 -9.22 -2.44 18.76
C GLU A 109 -10.41 -3.08 18.05
N ALA A 110 -10.95 -2.39 17.06
CA ALA A 110 -12.09 -2.94 16.30
C ALA A 110 -11.63 -4.10 15.43
N THR A 111 -11.29 -5.21 16.02
CA THR A 111 -10.82 -6.36 15.21
C THR A 111 -11.81 -6.58 14.04
N GLY A 112 -13.05 -6.21 14.22
CA GLY A 112 -14.03 -6.38 13.11
C GLY A 112 -13.40 -5.86 11.82
N LYS A 113 -12.72 -4.75 11.92
CA LYS A 113 -12.03 -4.18 10.74
C LYS A 113 -10.59 -4.71 10.72
N SER A 114 -9.90 -4.60 9.61
CA SER A 114 -8.49 -5.11 9.57
C SER A 114 -7.57 -4.14 10.33
N SER A 115 -6.41 -4.61 10.72
CA SER A 115 -5.46 -3.74 11.47
C SER A 115 -4.98 -2.59 10.59
N TRP A 116 -4.60 -1.48 11.19
CA TRP A 116 -4.11 -0.32 10.39
C TRP A 116 -2.60 -0.41 10.18
N TRP A 117 -2.06 0.44 9.33
CA TRP A 117 -0.60 0.43 9.08
C TRP A 117 -0.05 1.84 9.32
N MET A 118 1.17 1.96 9.75
CA MET A 118 1.74 3.32 10.02
C MET A 118 3.21 3.37 9.58
N LEU A 119 3.69 4.55 9.28
CA LEU A 119 5.12 4.67 8.86
C LEU A 119 6.02 4.61 10.10
N ASN A 120 7.25 4.21 9.91
CA ASN A 120 8.17 4.11 11.08
C ASN A 120 8.37 5.51 11.69
N PRO A 121 7.93 5.71 12.91
CA PRO A 121 8.10 7.03 13.59
C PRO A 121 9.56 7.46 13.64
N GLU A 122 10.34 6.84 14.47
CA GLU A 122 11.77 7.22 14.57
C GLU A 122 12.47 6.87 13.24
N GLY A 123 12.22 5.71 12.71
CA GLY A 123 12.85 5.33 11.42
C GLY A 123 12.41 6.32 10.34
N GLY A 124 11.23 6.86 10.47
CA GLY A 124 10.72 7.84 9.47
C GLY A 124 10.69 9.23 10.08
N SER A 35 22.67 3.84 -11.58
CA SER A 35 21.66 2.99 -12.26
C SER A 35 20.35 3.76 -12.38
N ARG A 36 19.72 3.71 -13.53
CA ARG A 36 18.44 4.46 -13.70
C ARG A 36 17.39 3.53 -14.30
N ARG A 37 16.14 3.85 -14.08
CA ARG A 37 15.04 2.99 -14.59
C ARG A 37 14.01 3.83 -15.35
N ASN A 38 13.12 3.20 -16.07
CA ASN A 38 12.10 3.96 -16.84
C ASN A 38 10.73 3.80 -16.16
N ALA A 39 9.89 2.95 -16.70
CA ALA A 39 8.53 2.73 -16.09
C ALA A 39 7.93 4.08 -15.62
N TRP A 40 6.93 4.01 -14.77
CA TRP A 40 6.30 5.28 -14.28
C TRP A 40 7.34 6.10 -13.52
N GLY A 41 8.49 5.52 -13.28
CA GLY A 41 9.55 6.26 -12.53
C GLY A 41 10.42 5.26 -11.78
N ASN A 42 11.63 5.64 -11.47
CA ASN A 42 12.54 4.74 -10.73
C ASN A 42 12.08 4.61 -9.28
N GLN A 43 10.86 5.02 -9.00
CA GLN A 43 10.32 4.95 -7.60
C GLN A 43 10.18 3.48 -7.16
N SER A 44 10.51 3.18 -5.93
CA SER A 44 10.40 1.77 -5.44
C SER A 44 9.01 1.54 -4.83
N TYR A 45 8.59 0.31 -4.74
CA TYR A 45 7.25 0.02 -4.16
C TYR A 45 7.21 0.50 -2.70
N ALA A 46 8.26 0.26 -1.96
CA ALA A 46 8.26 0.71 -0.53
C ALA A 46 7.92 2.19 -0.46
N GLU A 47 8.58 3.00 -1.24
CA GLU A 47 8.29 4.45 -1.21
C GLU A 47 6.87 4.71 -1.71
N LEU A 48 6.39 3.96 -2.66
CA LEU A 48 5.00 4.18 -3.15
C LEU A 48 4.01 3.82 -2.05
N ILE A 49 4.21 2.71 -1.36
CA ILE A 49 3.27 2.36 -0.26
C ILE A 49 3.28 3.51 0.74
N SER A 50 4.42 4.05 1.02
CA SER A 50 4.53 5.17 1.99
C SER A 50 3.61 6.31 1.56
N GLN A 51 3.59 6.63 0.30
CA GLN A 51 2.71 7.75 -0.15
C GLN A 51 1.25 7.43 0.20
N ALA A 52 0.86 6.20 0.07
CA ALA A 52 -0.55 5.84 0.40
C ALA A 52 -0.87 6.18 1.86
N ILE A 53 -0.13 5.64 2.79
CA ILE A 53 -0.43 5.96 4.23
C ILE A 53 -0.18 7.45 4.48
N GLU A 54 0.87 7.98 3.94
CA GLU A 54 1.18 9.42 4.15
C GLU A 54 0.05 10.31 3.61
N SER A 55 -0.62 9.89 2.56
CA SER A 55 -1.70 10.73 1.99
C SER A 55 -2.97 10.65 2.85
N ALA A 56 -3.12 9.61 3.60
CA ALA A 56 -4.33 9.45 4.46
C ALA A 56 -4.26 10.41 5.65
N PRO A 57 -5.40 10.76 6.19
CA PRO A 57 -5.48 11.67 7.38
C PRO A 57 -4.75 11.08 8.59
N GLU A 58 -3.98 11.87 9.29
CA GLU A 58 -3.26 11.37 10.49
C GLU A 58 -2.32 10.21 10.10
N LYS A 59 -2.12 9.97 8.84
CA LYS A 59 -1.19 8.86 8.43
C LYS A 59 -1.70 7.53 8.97
N ARG A 60 -2.78 7.02 8.45
CA ARG A 60 -3.32 5.71 8.96
C ARG A 60 -4.24 5.08 7.92
N LEU A 61 -3.98 3.85 7.54
CA LEU A 61 -4.86 3.18 6.53
C LEU A 61 -4.85 1.67 6.76
N THR A 62 -5.93 1.01 6.45
CA THR A 62 -5.98 -0.46 6.62
C THR A 62 -5.44 -1.13 5.36
N LEU A 63 -5.31 -2.43 5.36
CA LEU A 63 -4.78 -3.15 4.17
C LEU A 63 -5.66 -2.84 2.94
N ALA A 64 -6.95 -2.97 3.09
CA ALA A 64 -7.88 -2.71 1.95
C ALA A 64 -7.70 -1.29 1.41
N GLN A 65 -7.53 -0.33 2.30
CA GLN A 65 -7.38 1.07 1.85
C GLN A 65 -6.13 1.22 0.99
N ILE A 66 -5.11 0.44 1.24
CA ILE A 66 -3.88 0.55 0.40
C ILE A 66 -4.22 0.22 -1.04
N TYR A 67 -4.93 -0.86 -1.25
CA TYR A 67 -5.29 -1.24 -2.66
C TYR A 67 -6.11 -0.14 -3.34
N GLU A 68 -7.15 0.32 -2.71
CA GLU A 68 -8.00 1.38 -3.34
C GLU A 68 -7.20 2.64 -3.67
N TRP A 69 -6.29 3.02 -2.82
CA TRP A 69 -5.49 4.26 -3.08
C TRP A 69 -4.72 4.12 -4.39
N MET A 70 -3.94 3.09 -4.52
CA MET A 70 -3.16 2.91 -5.77
C MET A 70 -4.11 2.83 -6.97
N VAL A 71 -5.22 2.17 -6.80
CA VAL A 71 -6.19 2.03 -7.91
C VAL A 71 -6.76 3.41 -8.29
N ARG A 72 -7.28 4.13 -7.34
CA ARG A 72 -7.88 5.46 -7.66
C ARG A 72 -6.79 6.52 -7.91
N THR A 73 -5.64 6.41 -7.29
CA THR A 73 -4.58 7.44 -7.51
C THR A 73 -3.87 7.13 -8.83
N VAL A 74 -3.46 5.91 -9.01
CA VAL A 74 -2.73 5.53 -10.25
C VAL A 74 -3.68 4.85 -11.25
N PRO A 75 -3.68 5.26 -12.50
CA PRO A 75 -4.55 4.66 -13.55
C PRO A 75 -3.95 3.36 -14.10
N TYR A 76 -2.66 3.21 -13.99
CA TYR A 76 -1.99 1.98 -14.52
C TYR A 76 -2.59 0.72 -13.87
N PHE A 77 -2.98 0.77 -12.63
CA PHE A 77 -3.55 -0.44 -11.97
C PHE A 77 -5.06 -0.54 -12.19
N LYS A 78 -5.72 0.53 -12.54
CA LYS A 78 -7.19 0.44 -12.77
C LYS A 78 -7.48 -0.61 -13.84
N ASP A 79 -6.70 -0.60 -14.89
CA ASP A 79 -6.92 -1.59 -15.98
C ASP A 79 -6.61 -2.99 -15.45
N LYS A 80 -5.62 -3.10 -14.62
CA LYS A 80 -5.27 -4.43 -14.05
C LYS A 80 -6.46 -4.96 -13.24
N GLY A 81 -7.35 -4.08 -12.85
CA GLY A 81 -8.53 -4.52 -12.05
C GLY A 81 -9.47 -5.37 -12.92
N ASP A 82 -9.61 -5.05 -14.18
CA ASP A 82 -10.54 -5.83 -15.05
C ASP A 82 -9.85 -7.08 -15.61
N SER A 83 -8.82 -7.56 -14.97
CA SER A 83 -8.12 -8.79 -15.49
C SER A 83 -7.61 -9.60 -14.29
N ASN A 84 -7.29 -10.86 -14.50
CA ASN A 84 -6.77 -11.68 -13.37
C ASN A 84 -5.37 -11.19 -13.02
N SER A 85 -4.70 -10.57 -13.95
CA SER A 85 -3.33 -10.05 -13.68
C SER A 85 -3.32 -9.32 -12.33
N SER A 86 -4.43 -8.77 -11.95
CA SER A 86 -4.51 -8.02 -10.67
C SER A 86 -3.91 -8.87 -9.53
N ALA A 87 -4.06 -10.17 -9.58
CA ALA A 87 -3.49 -11.01 -8.49
C ALA A 87 -1.96 -10.86 -8.47
N GLY A 88 -1.37 -10.62 -9.61
CA GLY A 88 0.12 -10.47 -9.69
C GLY A 88 0.63 -9.42 -8.71
N TRP A 89 0.68 -8.18 -9.12
CA TRP A 89 1.20 -7.11 -8.21
C TRP A 89 0.52 -7.18 -6.84
N LYS A 90 -0.71 -7.62 -6.79
CA LYS A 90 -1.39 -7.70 -5.46
C LYS A 90 -0.53 -8.51 -4.49
N ASN A 91 -0.13 -9.68 -4.88
CA ASN A 91 0.71 -10.50 -3.98
C ASN A 91 2.01 -9.75 -3.67
N SER A 92 2.56 -9.10 -4.64
CA SER A 92 3.83 -8.35 -4.43
C SER A 92 3.69 -7.37 -3.26
N ILE A 93 2.65 -6.57 -3.26
CA ILE A 93 2.49 -5.59 -2.16
C ILE A 93 2.36 -6.30 -0.80
N ARG A 94 1.48 -7.27 -0.69
CA ARG A 94 1.33 -7.97 0.62
C ARG A 94 2.71 -8.37 1.12
N HIS A 95 3.57 -8.79 0.24
CA HIS A 95 4.93 -9.20 0.64
C HIS A 95 5.71 -7.99 1.20
N ASN A 96 5.53 -6.83 0.64
CA ASN A 96 6.27 -5.62 1.12
C ASN A 96 5.74 -5.16 2.49
N LEU A 97 4.45 -5.22 2.71
CA LEU A 97 3.90 -4.75 4.02
C LEU A 97 4.64 -5.42 5.18
N SER A 98 4.91 -6.69 5.09
CA SER A 98 5.61 -7.37 6.22
C SER A 98 7.09 -7.01 6.23
N LEU A 99 7.74 -7.07 5.11
CA LEU A 99 9.19 -6.72 5.08
C LEU A 99 9.33 -5.19 5.21
N HIS A 100 10.49 -4.71 5.53
CA HIS A 100 10.69 -3.23 5.70
C HIS A 100 10.06 -2.78 7.02
N SER A 101 10.80 -2.88 8.09
CA SER A 101 10.26 -2.47 9.43
C SER A 101 9.60 -1.09 9.32
N LYS A 102 9.83 -0.39 8.25
CA LYS A 102 9.22 0.96 8.10
C LYS A 102 7.71 0.88 8.40
N PHE A 103 7.08 -0.22 8.05
CA PHE A 103 5.62 -0.36 8.31
C PHE A 103 5.38 -1.13 9.61
N ILE A 104 4.64 -0.55 10.52
CA ILE A 104 4.35 -1.25 11.81
C ILE A 104 2.86 -1.63 11.83
N LYS A 105 2.52 -2.72 12.46
CA LYS A 105 1.09 -3.15 12.49
C LYS A 105 0.33 -2.35 13.56
N VAL A 106 -0.91 -2.02 13.31
CA VAL A 106 -1.71 -1.24 14.30
C VAL A 106 -2.81 -2.15 14.88
N HIS A 107 -2.84 -2.36 16.17
CA HIS A 107 -3.90 -3.23 16.74
C HIS A 107 -5.21 -2.44 16.89
N ASN A 108 -6.11 -2.60 15.96
CA ASN A 108 -7.41 -1.87 16.08
C ASN A 108 -8.23 -2.52 17.20
N GLU A 109 -8.55 -1.79 18.23
CA GLU A 109 -9.36 -2.38 19.34
C GLU A 109 -10.74 -2.74 18.81
N ALA A 110 -11.31 -1.91 17.98
CA ALA A 110 -12.64 -2.22 17.41
C ALA A 110 -12.51 -3.45 16.51
N THR A 111 -12.43 -4.60 17.12
CA THR A 111 -12.28 -5.86 16.32
C THR A 111 -13.18 -5.83 15.08
N GLY A 112 -14.20 -5.01 15.08
CA GLY A 112 -15.10 -4.96 13.89
C GLY A 112 -14.33 -4.44 12.67
N LYS A 113 -13.56 -3.41 12.85
CA LYS A 113 -12.78 -2.85 11.70
C LYS A 113 -11.42 -3.54 11.64
N SER A 114 -10.92 -3.80 10.46
CA SER A 114 -9.60 -4.49 10.34
C SER A 114 -8.49 -3.62 10.95
N SER A 115 -7.31 -4.18 11.10
CA SER A 115 -6.18 -3.41 11.69
C SER A 115 -5.75 -2.28 10.76
N TRP A 116 -5.12 -1.27 11.31
CA TRP A 116 -4.63 -0.13 10.49
C TRP A 116 -3.14 -0.31 10.20
N TRP A 117 -2.59 0.44 9.28
CA TRP A 117 -1.14 0.33 8.97
C TRP A 117 -0.47 1.69 9.22
N MET A 118 0.68 1.71 9.85
CA MET A 118 1.36 3.02 10.15
C MET A 118 2.87 2.91 9.88
N LEU A 119 3.48 4.03 9.59
CA LEU A 119 4.95 4.03 9.36
C LEU A 119 5.64 4.06 10.72
N ASN A 120 6.94 3.96 10.76
CA ASN A 120 7.64 3.94 12.07
C ASN A 120 7.16 5.10 12.96
N PRO A 121 7.15 4.89 14.26
CA PRO A 121 6.69 5.92 15.25
C PRO A 121 7.65 7.12 15.32
N GLU A 122 8.91 6.87 15.51
CA GLU A 122 9.89 7.99 15.58
C GLU A 122 10.74 8.00 14.31
N GLY A 123 11.14 9.15 13.86
CA GLY A 123 11.97 9.23 12.61
C GLY A 123 11.07 9.55 11.42
N GLY A 124 10.98 8.66 10.48
CA GLY A 124 10.11 8.92 9.29
C GLY A 124 9.86 7.61 8.54
#